data_8SXW
#
_entry.id   8SXW
#
_cell.length_a   64.327
_cell.length_b   85.340
_cell.length_c   86.535
_cell.angle_alpha   108.23
_cell.angle_beta   110.06
_cell.angle_gamma   97.10
#
_symmetry.space_group_name_H-M   'P 1'
#
loop_
_entity.id
_entity.type
_entity.pdbx_description
1 polymer 'UDP-2,3-diacetamido-2,3-dideoxy-glucuronic acid-2-epimerase'
2 non-polymer 'CHLORIDE ION'
3 non-polymer 'SODIUM ION'
4 water water
#
_entity_poly.entity_id   1
_entity_poly.type   'polypeptide(L)'
_entity_poly.pdbx_seq_one_letter_code
;GHMWVKILSVVGARPQFIKAAAVSRVLRASPGVREVLVHTGQHYDDNMSQVFFEELEIPDPDYHLGIGGGTHGQNTGRML
EAIEGVLLKEKPDWVLVYGNTDSTLAGALAAVKLHIPVAHVEAGLRSFNRRMPEEINRILTDHASDLLFAPTETAVQNLL
REGIPENRIHLVGDVMYDAALHYGAKAERKSRILERLGLQAKGYVLATIHRAENTDDQERLRVILEALAEVHQEVPVVFP
VHPRTRKRAEAFGLGSYLEKVVALEPVGYLDMVMLEKNARLIVTDSGGVQKEAYFYRVPCVTVREETEWVELLKAEWNYL
AAPQNAKDLALTILHRMRTKGVEIDLYGDGRASQKISDFLRKVGIRT
;
_entity_poly.pdbx_strand_id   A,B,C,D
#
# COMPACT_ATOMS: atom_id res chain seq x y z
N MET A 3 10.50 16.75 -32.30
CA MET A 3 9.96 17.85 -33.15
C MET A 3 9.20 18.87 -32.29
N TRP A 4 7.87 18.71 -32.16
CA TRP A 4 7.05 19.65 -31.43
C TRP A 4 5.85 18.94 -30.81
N VAL A 5 5.24 19.58 -29.81
CA VAL A 5 4.09 19.02 -29.13
C VAL A 5 2.92 19.99 -29.31
N LYS A 6 1.72 19.46 -29.58
CA LYS A 6 0.52 20.26 -29.54
C LYS A 6 -0.15 20.08 -28.19
N ILE A 7 -0.33 21.20 -27.49
CA ILE A 7 -0.86 21.23 -26.13
C ILE A 7 -2.14 22.02 -26.18
N LEU A 8 -3.25 21.32 -25.93
CA LEU A 8 -4.56 21.91 -25.99
C LEU A 8 -5.13 22.06 -24.58
N SER A 9 -5.56 23.27 -24.27
CA SER A 9 -6.05 23.63 -22.96
C SER A 9 -7.55 23.79 -23.04
N VAL A 10 -8.27 23.20 -22.06
CA VAL A 10 -9.70 23.39 -21.90
C VAL A 10 -9.94 24.31 -20.69
N VAL A 11 -10.71 25.39 -20.90
CA VAL A 11 -11.11 26.29 -19.83
C VAL A 11 -12.61 26.57 -19.89
N GLY A 12 -13.21 26.74 -18.70
CA GLY A 12 -14.66 26.91 -18.55
C GLY A 12 -15.10 27.96 -17.51
N ALA A 13 -14.19 28.69 -16.90
CA ALA A 13 -14.53 29.74 -15.93
C ALA A 13 -13.32 30.66 -15.84
N ARG A 14 -13.56 31.90 -15.42
CA ARG A 14 -12.54 32.95 -15.47
C ARG A 14 -11.26 32.52 -14.77
N PRO A 15 -11.28 31.90 -13.56
CA PRO A 15 -10.04 31.46 -12.91
C PRO A 15 -9.20 30.49 -13.75
N GLN A 16 -9.85 29.68 -14.56
CA GLN A 16 -9.16 28.77 -15.47
C GLN A 16 -8.45 29.54 -16.58
N PHE A 17 -9.11 30.56 -17.16
CA PHE A 17 -8.47 31.45 -18.13
C PHE A 17 -7.18 32.01 -17.56
N ILE A 18 -7.22 32.48 -16.31
CA ILE A 18 -6.04 33.05 -15.68
C ILE A 18 -4.92 32.02 -15.53
N LYS A 19 -5.24 30.81 -15.02
CA LYS A 19 -4.26 29.76 -14.91
C LYS A 19 -3.66 29.38 -16.26
N ALA A 20 -4.50 29.13 -17.27
CA ALA A 20 -4.03 28.77 -18.58
C ALA A 20 -3.15 29.87 -19.19
N ALA A 21 -3.50 31.16 -19.00
CA ALA A 21 -2.66 32.23 -19.55
C ALA A 21 -1.26 32.26 -18.91
N ALA A 22 -1.19 32.00 -17.61
CA ALA A 22 0.08 31.93 -16.91
C ALA A 22 0.92 30.80 -17.49
N VAL A 23 0.32 29.63 -17.70
CA VAL A 23 1.05 28.53 -18.27
C VAL A 23 1.50 28.91 -19.68
N SER A 24 0.63 29.61 -20.41
CA SER A 24 0.87 29.93 -21.80
C SER A 24 2.00 30.97 -21.96
N ARG A 25 2.12 31.90 -21.00
CA ARG A 25 3.20 32.87 -21.03
C ARG A 25 4.54 32.14 -21.01
N VAL A 26 4.59 30.94 -20.42
CA VAL A 26 5.81 30.15 -20.46
C VAL A 26 5.82 29.31 -21.73
N LEU A 27 4.72 28.61 -22.05
CA LEU A 27 4.73 27.71 -23.22
C LEU A 27 5.13 28.43 -24.51
N ARG A 28 4.73 29.70 -24.67
CA ARG A 28 4.87 30.39 -25.94
C ARG A 28 6.28 30.95 -26.12
N ALA A 29 7.05 30.99 -25.04
CA ALA A 29 8.45 31.40 -25.07
C ALA A 29 9.33 30.17 -25.30
N SER A 30 8.72 28.99 -25.24
CA SER A 30 9.46 27.74 -25.27
C SER A 30 9.39 27.13 -26.67
N PRO A 31 10.52 26.91 -27.37
CA PRO A 31 10.49 26.12 -28.60
C PRO A 31 9.80 24.76 -28.49
N GLY A 32 9.14 24.38 -29.59
CA GLY A 32 8.61 23.04 -29.78
C GLY A 32 7.18 22.89 -29.27
N VAL A 33 6.46 24.00 -29.10
CA VAL A 33 5.07 23.95 -28.64
C VAL A 33 4.16 24.72 -29.59
N ARG A 34 3.07 24.07 -30.02
CA ARG A 34 1.90 24.74 -30.55
C ARG A 34 0.79 24.62 -29.51
N GLU A 35 0.04 25.70 -29.33
CA GLU A 35 -1.03 25.75 -28.36
C GLU A 35 -2.37 25.93 -29.07
N VAL A 36 -3.41 25.33 -28.46
CA VAL A 36 -4.80 25.52 -28.81
C VAL A 36 -5.58 25.74 -27.51
N LEU A 37 -6.42 26.77 -27.50
CA LEU A 37 -7.22 27.02 -26.32
C LEU A 37 -8.70 26.85 -26.66
N VAL A 38 -9.37 26.01 -25.86
CA VAL A 38 -10.79 25.75 -26.04
C VAL A 38 -11.51 26.24 -24.79
N HIS A 39 -12.45 27.15 -24.99
CA HIS A 39 -13.36 27.64 -23.97
C HIS A 39 -14.71 26.99 -24.15
N THR A 40 -15.24 26.37 -23.08
CA THR A 40 -16.48 25.64 -23.20
C THR A 40 -17.68 26.58 -23.38
N GLY A 41 -17.53 27.84 -22.96
CA GLY A 41 -18.62 28.79 -22.87
C GLY A 41 -18.65 29.75 -24.06
N GLN A 42 -19.18 30.96 -23.87
CA GLN A 42 -19.39 31.89 -24.98
C GLN A 42 -18.36 33.00 -25.00
N HIS A 43 -18.18 33.61 -26.18
CA HIS A 43 -17.51 34.90 -26.33
C HIS A 43 -18.45 35.98 -25.78
N TYR A 44 -17.90 36.99 -25.12
CA TYR A 44 -18.68 38.12 -24.62
C TYR A 44 -18.18 39.45 -25.21
N ASP A 45 -19.06 40.47 -25.26
N ASP A 45 -19.10 40.44 -25.22
CA ASP A 45 -18.68 41.78 -25.79
CA ASP A 45 -18.90 41.74 -25.84
C ASP A 45 -19.17 42.90 -24.87
C ASP A 45 -19.05 42.88 -24.83
N ASP A 46 -19.62 42.59 -23.64
CA ASP A 46 -19.87 43.62 -22.64
C ASP A 46 -18.56 44.27 -22.23
N ASN A 47 -18.66 45.40 -21.53
CA ASN A 47 -17.50 46.23 -21.21
C ASN A 47 -16.57 45.50 -20.23
N MET A 48 -17.16 44.98 -19.14
CA MET A 48 -16.40 44.38 -18.05
C MET A 48 -15.69 43.11 -18.54
N SER A 49 -16.32 42.35 -19.46
CA SER A 49 -15.67 41.20 -20.04
C SER A 49 -14.45 41.61 -20.89
N GLN A 50 -14.59 42.61 -21.77
CA GLN A 50 -13.47 43.12 -22.54
C GLN A 50 -12.31 43.57 -21.62
N VAL A 51 -12.65 44.24 -20.53
CA VAL A 51 -11.64 44.69 -19.58
C VAL A 51 -10.94 43.46 -18.99
N PHE A 52 -11.68 42.40 -18.67
CA PHE A 52 -11.05 41.18 -18.19
C PHE A 52 -9.98 40.69 -19.15
N PHE A 53 -10.35 40.44 -20.41
CA PHE A 53 -9.43 39.89 -21.38
C PHE A 53 -8.24 40.82 -21.63
N GLU A 54 -8.48 42.14 -21.69
CA GLU A 54 -7.39 43.05 -22.01
C GLU A 54 -6.45 43.23 -20.82
N GLU A 55 -6.98 43.57 -19.65
CA GLU A 55 -6.12 43.88 -18.52
C GLU A 55 -5.35 42.64 -18.07
N LEU A 56 -6.01 41.48 -18.04
CA LEU A 56 -5.37 40.27 -17.53
C LEU A 56 -4.64 39.49 -18.62
N GLU A 57 -4.54 40.08 -19.81
CA GLU A 57 -3.76 39.54 -20.91
C GLU A 57 -4.22 38.12 -21.27
N ILE A 58 -5.54 37.96 -21.41
CA ILE A 58 -6.09 36.66 -21.75
C ILE A 58 -6.34 36.60 -23.26
N PRO A 59 -5.73 35.63 -23.97
CA PRO A 59 -5.97 35.43 -25.40
C PRO A 59 -7.40 35.00 -25.72
N ASP A 60 -7.94 35.43 -26.87
CA ASP A 60 -9.23 34.91 -27.29
C ASP A 60 -9.03 33.43 -27.61
N PRO A 61 -9.82 32.53 -26.98
CA PRO A 61 -9.81 31.12 -27.36
C PRO A 61 -9.93 30.88 -28.87
N ASP A 62 -9.30 29.77 -29.31
CA ASP A 62 -9.42 29.27 -30.66
C ASP A 62 -10.84 28.74 -30.89
N TYR A 63 -11.48 28.25 -29.82
CA TYR A 63 -12.85 27.77 -29.91
C TYR A 63 -13.61 28.24 -28.67
N HIS A 64 -14.85 28.65 -28.94
CA HIS A 64 -15.88 28.86 -27.94
C HIS A 64 -17.01 27.88 -28.20
N LEU A 65 -17.28 26.95 -27.27
CA LEU A 65 -18.26 25.91 -27.56
C LEU A 65 -19.68 26.43 -27.31
N GLY A 66 -19.84 27.53 -26.55
CA GLY A 66 -21.13 28.19 -26.36
C GLY A 66 -22.09 27.41 -25.45
N ILE A 67 -21.54 26.62 -24.52
CA ILE A 67 -22.35 25.79 -23.66
C ILE A 67 -22.38 26.40 -22.26
N GLY A 68 -23.54 26.35 -21.62
CA GLY A 68 -23.66 26.90 -20.29
C GLY A 68 -25.11 27.09 -19.89
N GLY A 69 -25.30 27.31 -18.59
CA GLY A 69 -26.58 27.77 -18.07
C GLY A 69 -27.56 26.65 -17.73
N GLY A 70 -27.21 25.40 -18.06
CA GLY A 70 -28.07 24.26 -17.80
C GLY A 70 -27.73 23.56 -16.48
N THR A 71 -28.24 22.34 -16.33
CA THR A 71 -27.96 21.53 -15.15
C THR A 71 -26.59 20.89 -15.32
N HIS A 72 -26.13 20.20 -14.29
CA HIS A 72 -24.83 19.51 -14.37
C HIS A 72 -24.81 18.54 -15.55
N GLY A 73 -25.87 17.72 -15.67
CA GLY A 73 -25.94 16.74 -16.74
C GLY A 73 -25.95 17.36 -18.15
N GLN A 74 -26.75 18.41 -18.33
CA GLN A 74 -26.84 19.16 -19.58
C GLN A 74 -25.47 19.76 -19.93
N ASN A 75 -24.94 20.58 -19.03
CA ASN A 75 -23.70 21.25 -19.34
C ASN A 75 -22.60 20.21 -19.58
N THR A 76 -22.42 19.27 -18.64
CA THR A 76 -21.33 18.32 -18.73
C THR A 76 -21.47 17.45 -19.99
N GLY A 77 -22.67 16.98 -20.29
CA GLY A 77 -22.84 16.06 -21.38
C GLY A 77 -22.59 16.73 -22.74
N ARG A 78 -23.09 17.95 -22.86
CA ARG A 78 -22.87 18.72 -24.09
C ARG A 78 -21.40 19.05 -24.23
N MET A 79 -20.76 19.45 -23.11
CA MET A 79 -19.35 19.81 -23.19
C MET A 79 -18.52 18.59 -23.57
N LEU A 80 -18.86 17.40 -23.05
CA LEU A 80 -18.12 16.19 -23.34
C LEU A 80 -18.15 15.91 -24.86
N GLU A 81 -19.35 15.93 -25.45
CA GLU A 81 -19.45 15.68 -26.89
C GLU A 81 -18.72 16.78 -27.69
N ALA A 82 -18.88 18.05 -27.29
CA ALA A 82 -18.37 19.17 -28.09
C ALA A 82 -16.84 19.24 -28.00
N ILE A 83 -16.29 19.01 -26.81
CA ILE A 83 -14.84 18.99 -26.62
C ILE A 83 -14.23 17.84 -27.43
N GLU A 84 -14.86 16.66 -27.39
CA GLU A 84 -14.33 15.54 -28.14
C GLU A 84 -14.23 15.88 -29.63
N GLY A 85 -15.28 16.52 -30.18
CA GLY A 85 -15.27 16.95 -31.57
C GLY A 85 -14.01 17.74 -31.93
N VAL A 86 -13.65 18.71 -31.06
CA VAL A 86 -12.47 19.53 -31.25
C VAL A 86 -11.21 18.68 -31.13
N LEU A 87 -11.16 17.74 -30.17
CA LEU A 87 -9.97 16.90 -30.02
C LEU A 87 -9.76 16.02 -31.24
N LEU A 88 -10.84 15.53 -31.86
CA LEU A 88 -10.69 14.70 -33.05
C LEU A 88 -10.16 15.54 -34.22
N LYS A 89 -10.53 16.82 -34.29
CA LYS A 89 -10.04 17.70 -35.35
C LYS A 89 -8.59 18.08 -35.05
N GLU A 90 -8.30 18.50 -33.81
CA GLU A 90 -6.99 19.07 -33.50
C GLU A 90 -5.94 18.01 -33.21
N LYS A 91 -6.35 16.80 -32.77
CA LYS A 91 -5.38 15.74 -32.53
C LYS A 91 -4.22 16.22 -31.67
N PRO A 92 -4.46 16.77 -30.46
CA PRO A 92 -3.36 17.26 -29.64
C PRO A 92 -2.58 16.07 -29.06
N ASP A 93 -1.34 16.31 -28.62
CA ASP A 93 -0.52 15.33 -27.92
C ASP A 93 -0.82 15.35 -26.42
N TRP A 94 -1.21 16.54 -25.90
CA TRP A 94 -1.59 16.73 -24.51
C TRP A 94 -2.86 17.59 -24.44
N VAL A 95 -3.73 17.20 -23.50
CA VAL A 95 -4.81 18.06 -23.07
C VAL A 95 -4.56 18.48 -21.62
N LEU A 96 -4.63 19.81 -21.38
CA LEU A 96 -4.54 20.38 -20.04
C LEU A 96 -5.92 20.85 -19.61
N VAL A 97 -6.31 20.44 -18.42
CA VAL A 97 -7.54 20.92 -17.82
C VAL A 97 -7.20 21.54 -16.49
N TYR A 98 -8.03 22.50 -16.05
CA TYR A 98 -7.66 23.38 -14.95
C TYR A 98 -8.80 23.46 -13.95
N GLY A 99 -8.43 23.58 -12.67
CA GLY A 99 -9.39 23.73 -11.61
C GLY A 99 -10.22 22.45 -11.52
N ASN A 100 -11.49 22.62 -11.13
CA ASN A 100 -12.31 21.48 -10.75
C ASN A 100 -13.78 21.79 -11.03
N THR A 101 -14.08 22.26 -12.24
CA THR A 101 -15.46 22.52 -12.61
C THR A 101 -15.95 21.44 -13.57
N ASP A 102 -17.22 21.50 -13.94
CA ASP A 102 -17.77 20.56 -14.90
C ASP A 102 -16.99 20.59 -16.23
N SER A 103 -16.48 21.78 -16.61
CA SER A 103 -15.64 21.89 -17.80
C SER A 103 -14.39 21.03 -17.67
N THR A 104 -13.76 21.11 -16.48
CA THR A 104 -12.54 20.36 -16.24
C THR A 104 -12.75 18.87 -16.49
N LEU A 105 -13.81 18.34 -15.89
CA LEU A 105 -14.14 16.93 -15.94
C LEU A 105 -14.50 16.54 -17.38
N ALA A 106 -15.32 17.38 -18.04
CA ALA A 106 -15.68 17.12 -19.43
C ALA A 106 -14.46 17.05 -20.32
N GLY A 107 -13.48 17.94 -20.11
CA GLY A 107 -12.25 17.91 -20.88
C GLY A 107 -11.45 16.64 -20.65
N ALA A 108 -11.32 16.26 -19.37
CA ALA A 108 -10.55 15.08 -19.03
C ALA A 108 -11.21 13.83 -19.61
N LEU A 109 -12.54 13.75 -19.52
CA LEU A 109 -13.20 12.53 -19.94
C LEU A 109 -13.23 12.44 -21.47
N ALA A 110 -13.34 13.58 -22.16
CA ALA A 110 -13.30 13.60 -23.62
C ALA A 110 -11.95 13.06 -24.11
N ALA A 111 -10.89 13.56 -23.48
CA ALA A 111 -9.54 13.21 -23.88
C ALA A 111 -9.19 11.76 -23.53
N VAL A 112 -9.52 11.32 -22.31
CA VAL A 112 -8.97 10.05 -21.83
C VAL A 112 -9.53 8.90 -22.67
N LYS A 113 -10.76 9.01 -23.15
CA LYS A 113 -11.31 7.91 -23.94
C LYS A 113 -10.77 7.91 -25.37
N LEU A 114 -10.17 9.03 -25.83
CA LEU A 114 -9.43 9.05 -27.09
C LEU A 114 -7.99 8.60 -26.88
N HIS A 115 -7.59 8.29 -25.65
CA HIS A 115 -6.22 7.94 -25.33
C HIS A 115 -5.28 9.13 -25.55
N ILE A 116 -5.77 10.34 -25.31
CA ILE A 116 -4.95 11.55 -25.34
C ILE A 116 -4.49 11.84 -23.93
N PRO A 117 -3.17 11.91 -23.65
CA PRO A 117 -2.70 12.24 -22.31
C PRO A 117 -3.34 13.51 -21.76
N VAL A 118 -3.73 13.44 -20.49
CA VAL A 118 -4.35 14.55 -19.78
C VAL A 118 -3.49 14.95 -18.61
N ALA A 119 -3.25 16.26 -18.47
CA ALA A 119 -2.60 16.79 -17.30
C ALA A 119 -3.60 17.69 -16.58
N HIS A 120 -3.74 17.49 -15.27
CA HIS A 120 -4.65 18.29 -14.47
C HIS A 120 -3.86 19.35 -13.72
N VAL A 121 -4.06 20.62 -14.09
CA VAL A 121 -3.51 21.71 -13.30
C VAL A 121 -4.46 22.02 -12.14
N GLU A 122 -3.90 21.91 -10.93
CA GLU A 122 -4.56 22.07 -9.65
C GLU A 122 -5.21 20.73 -9.24
N ALA A 123 -4.35 19.72 -9.03
CA ALA A 123 -4.76 18.35 -8.73
C ALA A 123 -4.61 18.05 -7.25
N GLY A 124 -5.54 17.24 -6.72
CA GLY A 124 -5.37 16.67 -5.40
C GLY A 124 -6.01 17.47 -4.28
N LEU A 125 -6.75 18.55 -4.60
CA LEU A 125 -7.48 19.27 -3.55
C LEU A 125 -8.62 18.40 -3.02
N ARG A 126 -8.78 18.35 -1.69
CA ARG A 126 -9.89 17.61 -1.09
C ARG A 126 -10.46 18.39 0.10
N SER A 127 -11.78 18.59 0.09
CA SER A 127 -12.48 19.02 1.30
C SER A 127 -12.88 17.80 2.14
N PHE A 128 -12.87 16.61 1.51
CA PHE A 128 -13.31 15.36 2.11
C PHE A 128 -14.80 15.36 2.44
N ASN A 129 -15.55 16.17 1.68
CA ASN A 129 -16.98 16.18 1.75
C ASN A 129 -17.48 16.02 0.32
N ARG A 130 -17.92 14.81 -0.04
CA ARG A 130 -18.35 14.49 -1.40
C ARG A 130 -19.64 15.20 -1.82
N ARG A 131 -20.19 16.05 -0.94
CA ARG A 131 -21.34 16.89 -1.29
C ARG A 131 -20.98 18.38 -1.35
N MET A 132 -19.72 18.77 -1.08
CA MET A 132 -19.23 20.12 -1.43
C MET A 132 -19.20 20.24 -2.95
N PRO A 133 -19.48 21.45 -3.53
CA PRO A 133 -19.68 21.64 -4.97
C PRO A 133 -18.72 20.92 -5.92
N GLU A 134 -17.42 21.14 -5.76
CA GLU A 134 -16.49 20.66 -6.76
C GLU A 134 -15.83 19.35 -6.33
N GLU A 135 -16.28 18.71 -5.23
CA GLU A 135 -15.51 17.58 -4.71
C GLU A 135 -15.54 16.40 -5.69
N ILE A 136 -16.71 16.05 -6.24
CA ILE A 136 -16.74 14.95 -7.19
C ILE A 136 -15.89 15.28 -8.41
N ASN A 137 -15.96 16.53 -8.87
CA ASN A 137 -15.13 16.96 -9.99
C ASN A 137 -13.64 16.76 -9.69
N ARG A 138 -13.19 17.18 -8.50
CA ARG A 138 -11.79 17.04 -8.12
C ARG A 138 -11.38 15.57 -8.21
N ILE A 139 -12.18 14.70 -7.61
CA ILE A 139 -11.85 13.28 -7.51
C ILE A 139 -11.77 12.65 -8.88
N LEU A 140 -12.81 12.88 -9.71
CA LEU A 140 -12.91 12.14 -10.97
C LEU A 140 -11.88 12.68 -11.95
N THR A 141 -11.70 14.02 -11.97
CA THR A 141 -10.66 14.58 -12.84
C THR A 141 -9.30 13.97 -12.48
N ASP A 142 -8.99 13.93 -11.19
CA ASP A 142 -7.72 13.38 -10.69
C ASP A 142 -7.52 11.94 -11.14
N HIS A 143 -8.56 11.09 -11.01
CA HIS A 143 -8.44 9.69 -11.40
C HIS A 143 -8.53 9.49 -12.91
N ALA A 144 -9.02 10.49 -13.66
CA ALA A 144 -8.99 10.42 -15.11
C ALA A 144 -7.64 10.87 -15.69
N SER A 145 -6.81 11.62 -14.93
CA SER A 145 -5.65 12.29 -15.50
C SER A 145 -4.41 11.38 -15.54
N ASP A 146 -3.52 11.71 -16.48
CA ASP A 146 -2.23 11.05 -16.61
C ASP A 146 -1.15 11.75 -15.79
N LEU A 147 -1.20 13.09 -15.73
CA LEU A 147 -0.27 13.86 -14.90
C LEU A 147 -1.07 14.78 -13.96
N LEU A 148 -0.61 14.85 -12.70
CA LEU A 148 -1.29 15.60 -11.65
C LEU A 148 -0.35 16.67 -11.10
N PHE A 149 -0.68 17.93 -11.43
CA PHE A 149 0.11 19.07 -10.98
C PHE A 149 -0.52 19.63 -9.70
N ALA A 150 0.09 19.27 -8.57
CA ALA A 150 -0.44 19.53 -7.23
C ALA A 150 0.07 20.87 -6.74
N PRO A 151 -0.78 21.68 -6.05
CA PRO A 151 -0.38 22.99 -5.53
C PRO A 151 0.31 22.96 -4.17
N THR A 152 0.02 21.92 -3.37
CA THR A 152 0.48 21.75 -2.00
C THR A 152 0.95 20.32 -1.75
N GLU A 153 1.77 20.15 -0.69
CA GLU A 153 2.18 18.85 -0.21
CA GLU A 153 2.18 18.84 -0.25
C GLU A 153 0.96 18.06 0.25
N THR A 154 -0.01 18.77 0.86
CA THR A 154 -1.28 18.18 1.28
C THR A 154 -1.98 17.52 0.07
N ALA A 155 -2.01 18.22 -1.06
CA ALA A 155 -2.62 17.71 -2.26
C ALA A 155 -1.87 16.48 -2.78
N VAL A 156 -0.54 16.53 -2.71
CA VAL A 156 0.27 15.36 -3.05
C VAL A 156 -0.14 14.17 -2.18
N GLN A 157 -0.27 14.37 -0.86
CA GLN A 157 -0.62 13.24 0.02
C GLN A 157 -2.03 12.72 -0.32
N ASN A 158 -2.95 13.64 -0.60
CA ASN A 158 -4.31 13.24 -0.93
C ASN A 158 -4.31 12.28 -2.11
N LEU A 159 -3.55 12.62 -3.15
CA LEU A 159 -3.45 11.80 -4.37
C LEU A 159 -2.82 10.44 -4.04
N LEU A 160 -1.76 10.42 -3.22
CA LEU A 160 -1.08 9.16 -2.91
C LEU A 160 -2.03 8.26 -2.12
N ARG A 161 -2.86 8.88 -1.28
CA ARG A 161 -3.75 8.15 -0.43
C ARG A 161 -4.91 7.55 -1.23
N GLU A 162 -5.13 8.02 -2.48
CA GLU A 162 -6.13 7.40 -3.35
C GLU A 162 -5.47 6.54 -4.40
N GLY A 163 -4.21 6.13 -4.18
CA GLY A 163 -3.60 5.09 -4.99
C GLY A 163 -2.94 5.59 -6.27
N ILE A 164 -2.88 6.91 -6.45
CA ILE A 164 -2.20 7.42 -7.61
C ILE A 164 -0.71 7.35 -7.34
N PRO A 165 0.08 6.73 -8.23
CA PRO A 165 1.51 6.53 -7.99
C PRO A 165 2.32 7.82 -8.08
N GLU A 166 3.41 7.88 -7.32
CA GLU A 166 4.19 9.09 -7.17
C GLU A 166 4.69 9.60 -8.52
N ASN A 167 4.88 8.71 -9.50
CA ASN A 167 5.49 9.10 -10.76
C ASN A 167 4.52 9.88 -11.66
N ARG A 168 3.24 9.95 -11.31
CA ARG A 168 2.31 10.79 -12.08
C ARG A 168 1.94 12.08 -11.33
N ILE A 169 2.56 12.34 -10.16
CA ILE A 169 2.22 13.45 -9.30
C ILE A 169 3.43 14.37 -9.26
N HIS A 170 3.24 15.65 -9.59
CA HIS A 170 4.30 16.64 -9.54
C HIS A 170 3.85 17.83 -8.69
N LEU A 171 4.58 18.09 -7.61
CA LEU A 171 4.31 19.25 -6.79
C LEU A 171 4.90 20.48 -7.50
N VAL A 172 4.05 21.37 -7.98
CA VAL A 172 4.52 22.52 -8.74
C VAL A 172 4.12 23.84 -8.08
N GLY A 173 3.13 23.79 -7.17
CA GLY A 173 2.53 25.00 -6.65
C GLY A 173 1.30 25.44 -7.45
N ASP A 174 0.80 26.62 -7.04
CA ASP A 174 -0.43 27.18 -7.58
C ASP A 174 -0.08 28.27 -8.59
N VAL A 175 -0.50 28.09 -9.84
CA VAL A 175 -0.20 29.06 -10.88
C VAL A 175 -0.93 30.39 -10.61
N MET A 176 -1.96 30.38 -9.75
CA MET A 176 -2.62 31.62 -9.34
C MET A 176 -1.64 32.54 -8.64
N TYR A 177 -0.64 31.96 -7.94
CA TYR A 177 0.39 32.78 -7.36
C TYR A 177 1.24 33.45 -8.45
N ASP A 178 1.73 32.68 -9.43
CA ASP A 178 2.40 33.24 -10.59
C ASP A 178 1.61 34.43 -11.16
N ALA A 179 0.29 34.23 -11.32
CA ALA A 179 -0.55 35.25 -11.93
C ALA A 179 -0.61 36.49 -11.06
N ALA A 180 -0.74 36.30 -9.74
CA ALA A 180 -0.88 37.43 -8.87
C ALA A 180 0.39 38.31 -8.93
N LEU A 181 1.57 37.68 -9.05
CA LEU A 181 2.83 38.40 -9.16
C LEU A 181 2.88 39.16 -10.48
N HIS A 182 2.43 38.50 -11.56
CA HIS A 182 2.37 39.10 -12.89
C HIS A 182 1.48 40.34 -12.86
N TYR A 183 0.26 40.20 -12.35
CA TYR A 183 -0.70 41.29 -12.33
C TYR A 183 -0.32 42.37 -11.29
N GLY A 184 0.32 41.95 -10.19
CA GLY A 184 0.83 42.88 -9.20
C GLY A 184 1.87 43.84 -9.80
N ALA A 185 2.82 43.29 -10.56
CA ALA A 185 3.85 44.09 -11.17
C ALA A 185 3.19 45.06 -12.14
N LYS A 186 2.21 44.59 -12.90
CA LYS A 186 1.53 45.38 -13.89
C LYS A 186 0.71 46.48 -13.22
N ALA A 187 0.10 46.16 -12.07
CA ALA A 187 -0.72 47.13 -11.36
C ALA A 187 0.17 48.28 -10.87
N GLU A 188 1.36 47.97 -10.35
CA GLU A 188 2.29 48.97 -9.83
C GLU A 188 2.78 49.88 -10.96
N ARG A 189 2.96 49.33 -12.18
CA ARG A 189 3.32 50.13 -13.34
C ARG A 189 2.16 50.99 -13.79
N LYS A 190 0.93 50.47 -13.78
CA LYS A 190 -0.11 51.14 -14.53
C LYS A 190 -1.24 51.73 -13.69
N SER A 191 -1.53 51.19 -12.50
CA SER A 191 -2.74 51.60 -11.80
C SER A 191 -2.53 52.93 -11.10
N ARG A 192 -3.48 53.85 -11.27
CA ARG A 192 -3.40 55.16 -10.67
C ARG A 192 -4.47 55.29 -9.58
N ILE A 193 -5.04 54.18 -9.13
CA ILE A 193 -6.21 54.25 -8.26
C ILE A 193 -5.88 54.89 -6.91
N LEU A 194 -4.66 54.72 -6.38
CA LEU A 194 -4.35 55.30 -5.08
C LEU A 194 -4.25 56.83 -5.21
N GLU A 195 -3.56 57.31 -6.25
CA GLU A 195 -3.48 58.73 -6.55
C GLU A 195 -4.89 59.31 -6.66
N ARG A 196 -5.73 58.65 -7.44
CA ARG A 196 -7.10 59.07 -7.71
C ARG A 196 -7.90 59.22 -6.40
N LEU A 197 -7.61 58.39 -5.40
CA LEU A 197 -8.39 58.41 -4.18
C LEU A 197 -7.66 59.19 -3.07
N GLY A 198 -6.44 59.69 -3.34
CA GLY A 198 -5.63 60.36 -2.33
C GLY A 198 -5.26 59.42 -1.18
N LEU A 199 -5.00 58.15 -1.54
CA LEU A 199 -4.60 57.15 -0.57
C LEU A 199 -3.11 56.90 -0.69
N GLN A 200 -2.53 56.49 0.44
CA GLN A 200 -1.15 56.11 0.61
C GLN A 200 -1.12 54.60 0.75
N ALA A 201 -0.14 53.93 0.12
CA ALA A 201 0.12 52.53 0.37
C ALA A 201 0.18 52.26 1.88
N LYS A 202 -0.50 51.18 2.34
CA LYS A 202 -0.59 50.78 3.74
C LYS A 202 -1.27 51.86 4.59
N GLY A 203 -2.06 52.71 3.96
CA GLY A 203 -2.79 53.74 4.66
C GLY A 203 -4.29 53.53 4.57
N TYR A 204 -4.73 52.28 4.34
CA TYR A 204 -6.15 52.01 4.22
C TYR A 204 -6.44 50.51 4.37
N VAL A 205 -7.71 50.21 4.60
CA VAL A 205 -8.26 48.86 4.65
C VAL A 205 -9.15 48.69 3.41
N LEU A 206 -9.03 47.52 2.75
CA LEU A 206 -9.90 47.16 1.64
C LEU A 206 -10.94 46.12 2.06
N ALA A 207 -12.22 46.40 1.79
CA ALA A 207 -13.29 45.45 2.03
C ALA A 207 -13.93 45.05 0.69
N THR A 208 -14.20 43.73 0.52
CA THR A 208 -15.00 43.19 -0.58
C THR A 208 -15.91 42.11 -0.02
N ILE A 209 -17.21 42.26 -0.27
CA ILE A 209 -18.22 41.36 0.28
C ILE A 209 -19.05 40.91 -0.92
N HIS A 210 -18.94 39.60 -1.25
CA HIS A 210 -19.45 39.01 -2.49
CA HIS A 210 -19.56 39.13 -2.49
C HIS A 210 -20.60 38.05 -2.19
N ARG A 211 -20.58 37.41 -1.01
CA ARG A 211 -21.39 36.20 -0.83
C ARG A 211 -22.78 36.48 -0.28
N ALA A 212 -23.74 35.64 -0.70
CA ALA A 212 -25.15 35.72 -0.35
C ALA A 212 -25.37 35.56 1.14
N GLU A 213 -24.62 34.64 1.76
CA GLU A 213 -24.77 34.40 3.19
C GLU A 213 -24.64 35.72 3.96
N ASN A 214 -23.97 36.72 3.35
CA ASN A 214 -23.73 38.01 3.98
C ASN A 214 -24.60 39.12 3.40
N THR A 215 -24.54 39.29 2.07
CA THR A 215 -25.23 40.38 1.38
C THR A 215 -26.75 40.29 1.56
N ASP A 216 -27.31 39.09 1.81
CA ASP A 216 -28.76 38.89 1.75
C ASP A 216 -29.39 38.76 3.13
N ASP A 217 -28.56 38.70 4.19
CA ASP A 217 -29.05 38.58 5.55
C ASP A 217 -28.83 39.93 6.24
N GLN A 218 -29.89 40.56 6.76
CA GLN A 218 -29.76 41.96 7.13
C GLN A 218 -28.94 42.12 8.42
N GLU A 219 -28.95 41.09 9.28
CA GLU A 219 -28.22 41.09 10.54
C GLU A 219 -26.72 41.06 10.22
N ARG A 220 -26.31 40.11 9.37
CA ARG A 220 -24.91 39.93 9.03
C ARG A 220 -24.39 41.12 8.23
N LEU A 221 -25.20 41.63 7.30
CA LEU A 221 -24.74 42.76 6.50
C LEU A 221 -24.60 43.99 7.39
N ARG A 222 -25.53 44.19 8.32
CA ARG A 222 -25.39 45.32 9.21
C ARG A 222 -24.10 45.23 10.01
N VAL A 223 -23.80 44.04 10.55
CA VAL A 223 -22.61 43.86 11.37
C VAL A 223 -21.39 44.30 10.55
N ILE A 224 -21.32 43.85 9.29
CA ILE A 224 -20.17 44.16 8.46
C ILE A 224 -20.05 45.65 8.26
N LEU A 225 -21.13 46.30 7.78
CA LEU A 225 -21.05 47.70 7.41
C LEU A 225 -20.90 48.59 8.65
N GLU A 226 -21.57 48.23 9.74
CA GLU A 226 -21.39 48.94 11.01
C GLU A 226 -19.94 48.84 11.47
N ALA A 227 -19.34 47.64 11.36
CA ALA A 227 -17.95 47.46 11.77
C ALA A 227 -17.00 48.32 10.93
N LEU A 228 -17.25 48.35 9.62
CA LEU A 228 -16.37 49.04 8.67
C LEU A 228 -16.44 50.53 8.94
N ALA A 229 -17.64 51.04 9.18
CA ALA A 229 -17.83 52.45 9.47
C ALA A 229 -17.09 52.85 10.74
N GLU A 230 -17.03 51.94 11.73
CA GLU A 230 -16.26 52.11 12.96
C GLU A 230 -14.76 52.12 12.65
N VAL A 231 -14.28 51.15 11.86
CA VAL A 231 -12.87 51.10 11.48
C VAL A 231 -12.51 52.42 10.80
N HIS A 232 -13.41 52.91 9.95
CA HIS A 232 -13.17 54.10 9.13
C HIS A 232 -12.80 55.32 9.97
N GLN A 233 -13.24 55.39 11.22
CA GLN A 233 -12.87 56.50 12.09
C GLN A 233 -11.38 56.49 12.45
N GLU A 234 -10.67 55.34 12.37
CA GLU A 234 -9.24 55.28 12.63
C GLU A 234 -8.42 55.22 11.34
N VAL A 235 -8.96 54.55 10.31
CA VAL A 235 -8.19 54.22 9.12
C VAL A 235 -9.16 54.08 7.96
N PRO A 236 -8.91 54.77 6.82
CA PRO A 236 -9.88 54.78 5.73
C PRO A 236 -10.18 53.35 5.26
N VAL A 237 -11.47 53.09 5.08
CA VAL A 237 -11.98 51.84 4.54
C VAL A 237 -12.45 52.12 3.13
N VAL A 238 -11.81 51.41 2.18
CA VAL A 238 -12.16 51.44 0.78
C VAL A 238 -13.02 50.21 0.49
N PHE A 239 -14.22 50.46 -0.02
CA PHE A 239 -15.19 49.41 -0.20
C PHE A 239 -15.80 49.53 -1.60
N PRO A 240 -15.20 48.88 -2.62
CA PRO A 240 -15.86 48.67 -3.90
C PRO A 240 -17.04 47.72 -3.74
N VAL A 241 -18.26 48.24 -3.94
CA VAL A 241 -19.51 47.56 -3.69
C VAL A 241 -20.25 47.44 -5.02
N HIS A 242 -20.66 46.21 -5.35
CA HIS A 242 -21.56 45.94 -6.45
C HIS A 242 -22.85 46.76 -6.27
N PRO A 243 -23.39 47.44 -7.32
CA PRO A 243 -24.70 48.11 -7.24
C PRO A 243 -25.88 47.28 -6.75
N ARG A 244 -25.86 45.96 -6.99
CA ARG A 244 -26.74 45.02 -6.29
C ARG A 244 -26.63 45.24 -4.78
N THR A 245 -25.43 44.95 -4.25
CA THR A 245 -25.18 44.83 -2.82
C THR A 245 -25.43 46.19 -2.16
N ARG A 246 -25.20 47.26 -2.93
CA ARG A 246 -25.46 48.62 -2.50
C ARG A 246 -26.96 48.81 -2.26
N LYS A 247 -27.79 48.32 -3.19
CA LYS A 247 -29.24 48.49 -3.06
C LYS A 247 -29.77 47.55 -1.97
N ARG A 248 -29.20 46.35 -1.86
CA ARG A 248 -29.56 45.44 -0.80
C ARG A 248 -29.32 46.12 0.56
N ALA A 249 -28.26 46.92 0.66
CA ALA A 249 -27.91 47.62 1.87
C ALA A 249 -28.82 48.82 2.10
N GLU A 250 -29.17 49.53 1.01
CA GLU A 250 -30.06 50.68 1.08
C GLU A 250 -31.43 50.20 1.56
N ALA A 251 -31.84 49.02 1.06
CA ALA A 251 -33.11 48.40 1.35
C ALA A 251 -33.22 48.00 2.82
N PHE A 252 -32.16 47.38 3.36
CA PHE A 252 -32.15 46.97 4.75
C PHE A 252 -32.00 48.19 5.66
N GLY A 253 -31.70 49.37 5.10
CA GLY A 253 -31.70 50.60 5.87
C GLY A 253 -30.29 51.03 6.28
N LEU A 254 -29.27 50.49 5.62
CA LEU A 254 -27.89 50.58 6.06
C LEU A 254 -27.08 51.58 5.24
N GLY A 255 -27.74 52.42 4.42
CA GLY A 255 -27.08 53.26 3.43
C GLY A 255 -26.22 54.35 4.05
N SER A 256 -26.59 54.79 5.25
CA SER A 256 -25.76 55.75 5.96
C SER A 256 -24.38 55.18 6.23
N TYR A 257 -24.26 53.85 6.40
CA TYR A 257 -22.97 53.22 6.67
C TYR A 257 -22.06 53.29 5.44
N LEU A 258 -22.65 53.17 4.24
CA LEU A 258 -21.86 53.21 3.01
C LEU A 258 -21.39 54.63 2.73
N GLU A 259 -22.13 55.61 3.26
CA GLU A 259 -21.76 57.01 3.23
C GLU A 259 -20.48 57.23 4.01
N LYS A 260 -20.35 56.57 5.17
CA LYS A 260 -19.26 56.82 6.09
C LYS A 260 -17.92 56.40 5.48
N VAL A 261 -17.90 55.22 4.85
CA VAL A 261 -16.67 54.66 4.30
C VAL A 261 -16.42 55.23 2.90
N VAL A 262 -15.32 54.83 2.24
CA VAL A 262 -15.08 55.21 0.85
C VAL A 262 -15.68 54.13 -0.04
N ALA A 263 -17.00 54.23 -0.26
CA ALA A 263 -17.69 53.22 -1.02
C ALA A 263 -17.57 53.57 -2.51
N LEU A 264 -17.19 52.59 -3.34
CA LEU A 264 -16.94 52.86 -4.75
C LEU A 264 -17.84 51.94 -5.55
N GLU A 265 -18.09 52.34 -6.81
CA GLU A 265 -18.60 51.39 -7.78
C GLU A 265 -17.49 50.39 -8.04
N PRO A 266 -17.79 49.18 -8.57
CA PRO A 266 -16.73 48.25 -8.99
C PRO A 266 -15.60 48.90 -9.76
N VAL A 267 -14.36 48.46 -9.50
CA VAL A 267 -13.20 48.97 -10.23
C VAL A 267 -12.72 47.86 -11.17
N GLY A 268 -11.76 48.21 -12.02
CA GLY A 268 -11.20 47.22 -12.94
C GLY A 268 -10.32 46.22 -12.18
N TYR A 269 -9.88 45.20 -12.91
CA TYR A 269 -9.13 44.11 -12.31
C TYR A 269 -7.78 44.58 -11.79
N LEU A 270 -7.05 45.41 -12.54
CA LEU A 270 -5.72 45.82 -12.09
C LEU A 270 -5.83 46.86 -10.98
N ASP A 271 -6.88 47.67 -11.03
CA ASP A 271 -7.14 48.62 -9.94
C ASP A 271 -7.44 47.85 -8.65
N MET A 272 -8.18 46.73 -8.73
CA MET A 272 -8.46 45.91 -7.56
C MET A 272 -7.16 45.29 -7.04
N VAL A 273 -6.33 44.79 -7.96
CA VAL A 273 -5.06 44.21 -7.59
C VAL A 273 -4.25 45.29 -6.88
N MET A 274 -4.24 46.51 -7.43
CA MET A 274 -3.46 47.58 -6.84
C MET A 274 -3.92 47.86 -5.40
N LEU A 275 -5.24 47.96 -5.21
CA LEU A 275 -5.81 48.19 -3.88
C LEU A 275 -5.49 47.03 -2.93
N GLU A 276 -5.63 45.80 -3.39
CA GLU A 276 -5.36 44.63 -2.55
C GLU A 276 -3.92 44.68 -2.03
N LYS A 277 -2.96 44.73 -2.96
CA LYS A 277 -1.55 44.61 -2.60
C LYS A 277 -1.04 45.76 -1.74
N ASN A 278 -1.66 46.94 -1.84
CA ASN A 278 -1.19 48.10 -1.09
C ASN A 278 -2.01 48.36 0.18
N ALA A 279 -3.01 47.53 0.45
CA ALA A 279 -3.86 47.69 1.63
C ALA A 279 -3.08 47.34 2.90
N ARG A 280 -3.51 47.93 4.03
CA ARG A 280 -2.96 47.56 5.34
C ARG A 280 -3.58 46.23 5.76
N LEU A 281 -4.83 46.02 5.38
CA LEU A 281 -5.56 44.80 5.68
C LEU A 281 -6.69 44.65 4.68
N ILE A 282 -7.03 43.40 4.37
CA ILE A 282 -8.17 43.08 3.53
C ILE A 282 -9.22 42.36 4.35
N VAL A 283 -10.48 42.84 4.27
CA VAL A 283 -11.65 42.17 4.83
C VAL A 283 -12.46 41.65 3.66
N THR A 284 -12.79 40.36 3.65
CA THR A 284 -13.47 39.77 2.49
C THR A 284 -14.24 38.53 2.90
N ASP A 285 -15.18 38.09 2.05
CA ASP A 285 -15.75 36.75 2.15
C ASP A 285 -15.44 35.91 0.90
N SER A 286 -14.52 36.35 0.06
CA SER A 286 -14.17 35.63 -1.16
C SER A 286 -12.93 34.75 -0.95
N GLY A 287 -13.03 33.47 -1.34
CA GLY A 287 -11.92 32.54 -1.27
C GLY A 287 -10.73 33.00 -2.11
N GLY A 288 -11.02 33.53 -3.29
CA GLY A 288 -9.97 34.02 -4.17
C GLY A 288 -9.21 35.21 -3.59
N VAL A 289 -9.93 36.13 -2.95
CA VAL A 289 -9.32 37.33 -2.39
C VAL A 289 -8.45 36.91 -1.19
N GLN A 290 -8.91 35.93 -0.43
CA GLN A 290 -8.15 35.45 0.71
C GLN A 290 -6.77 34.98 0.26
N LYS A 291 -6.73 34.26 -0.89
CA LYS A 291 -5.47 33.82 -1.47
C LYS A 291 -4.62 35.01 -1.95
N GLU A 292 -5.24 35.99 -2.61
CA GLU A 292 -4.50 37.15 -3.10
C GLU A 292 -3.89 37.91 -1.93
N ALA A 293 -4.64 38.06 -0.82
CA ALA A 293 -4.11 38.72 0.37
C ALA A 293 -2.81 38.04 0.79
N TYR A 294 -2.86 36.72 0.84
CA TYR A 294 -1.69 35.94 1.24
C TYR A 294 -0.55 36.14 0.23
N PHE A 295 -0.85 36.05 -1.05
CA PHE A 295 0.18 36.24 -2.06
C PHE A 295 0.86 37.60 -1.90
N TYR A 296 0.12 38.65 -1.52
CA TYR A 296 0.68 39.99 -1.42
C TYR A 296 1.18 40.30 -0.01
N ARG A 297 1.10 39.32 0.90
CA ARG A 297 1.54 39.46 2.30
C ARG A 297 0.81 40.62 3.00
N VAL A 298 -0.50 40.69 2.77
CA VAL A 298 -1.42 41.58 3.45
C VAL A 298 -2.31 40.76 4.38
N PRO A 299 -2.34 41.08 5.69
CA PRO A 299 -3.24 40.38 6.60
C PRO A 299 -4.66 40.44 6.06
N CYS A 300 -5.38 39.36 6.33
CA CYS A 300 -6.73 39.16 5.84
C CYS A 300 -7.64 38.81 7.01
N VAL A 301 -8.85 39.40 6.99
CA VAL A 301 -9.91 38.98 7.90
C VAL A 301 -11.08 38.52 7.03
N THR A 302 -11.53 37.29 7.25
CA THR A 302 -12.57 36.64 6.47
C THR A 302 -13.88 36.62 7.28
N VAL A 303 -14.92 37.27 6.71
CA VAL A 303 -16.20 37.41 7.40
C VAL A 303 -17.13 36.29 6.95
N ARG A 304 -16.86 35.12 7.52
CA ARG A 304 -17.59 33.88 7.30
C ARG A 304 -17.31 32.96 8.49
N GLU A 305 -18.07 31.88 8.61
CA GLU A 305 -17.83 30.89 9.66
C GLU A 305 -16.82 29.84 9.18
N GLU A 306 -16.45 29.88 7.91
CA GLU A 306 -15.50 28.93 7.37
C GLU A 306 -14.86 29.48 6.11
N THR A 307 -13.70 28.92 5.79
CA THR A 307 -12.97 29.13 4.55
C THR A 307 -12.58 27.71 4.13
N GLU A 308 -12.37 27.42 2.85
CA GLU A 308 -11.74 26.14 2.57
C GLU A 308 -10.24 26.18 2.88
N TRP A 309 -9.62 27.38 2.77
CA TRP A 309 -8.16 27.51 2.77
C TRP A 309 -7.64 27.59 4.20
N VAL A 310 -7.75 26.47 4.92
CA VAL A 310 -7.44 26.36 6.34
CA VAL A 310 -7.45 26.42 6.34
C VAL A 310 -5.95 26.65 6.56
N GLU A 311 -5.11 26.33 5.57
CA GLU A 311 -3.69 26.57 5.70
C GLU A 311 -3.39 28.06 5.94
N LEU A 312 -4.24 28.97 5.43
CA LEU A 312 -4.04 30.39 5.64
C LEU A 312 -4.32 30.78 7.09
N LEU A 313 -5.32 30.14 7.70
CA LEU A 313 -5.64 30.27 9.11
C LEU A 313 -4.44 29.80 9.94
N LYS A 314 -3.93 28.62 9.64
CA LYS A 314 -2.87 28.00 10.43
C LYS A 314 -1.54 28.73 10.29
N ALA A 315 -1.32 29.45 9.17
CA ALA A 315 -0.11 30.28 9.02
C ALA A 315 -0.34 31.71 9.47
N GLU A 316 -1.58 32.00 9.91
CA GLU A 316 -1.94 33.23 10.61
C GLU A 316 -1.92 34.43 9.66
N TRP A 317 -2.07 34.17 8.35
CA TRP A 317 -2.19 35.22 7.35
C TRP A 317 -3.65 35.65 7.23
N ASN A 318 -4.56 34.77 7.63
CA ASN A 318 -6.00 34.97 7.57
C ASN A 318 -6.56 34.61 8.94
N TYR A 319 -7.77 35.11 9.17
CA TYR A 319 -8.44 35.02 10.46
C TYR A 319 -9.94 35.07 10.21
N LEU A 320 -10.66 34.05 10.70
CA LEU A 320 -12.11 34.00 10.64
C LEU A 320 -12.73 34.91 11.69
N ALA A 321 -13.61 35.79 11.23
CA ALA A 321 -14.43 36.64 12.08
C ALA A 321 -15.85 36.63 11.53
N ALA A 322 -16.64 35.63 11.91
CA ALA A 322 -17.98 35.54 11.33
C ALA A 322 -18.75 36.76 11.79
N PRO A 323 -19.58 37.40 10.93
CA PRO A 323 -20.16 38.69 11.28
C PRO A 323 -21.37 38.60 12.22
N GLN A 324 -21.12 38.40 13.52
CA GLN A 324 -22.15 38.32 14.54
C GLN A 324 -22.11 39.52 15.48
N ASN A 325 -21.04 40.34 15.45
CA ASN A 325 -20.84 41.34 16.49
C ASN A 325 -20.00 42.47 15.92
N ALA A 326 -20.62 43.63 15.73
CA ALA A 326 -19.97 44.72 15.01
C ALA A 326 -18.80 45.27 15.82
N LYS A 327 -18.97 45.42 17.14
CA LYS A 327 -17.92 45.93 17.99
C LYS A 327 -16.69 45.02 17.84
N ASP A 328 -16.89 43.73 18.03
CA ASP A 328 -15.79 42.78 17.98
C ASP A 328 -15.21 42.68 16.56
N LEU A 329 -16.03 42.74 15.50
CA LEU A 329 -15.47 42.70 14.15
C LEU A 329 -14.58 43.93 13.93
N ALA A 330 -15.02 45.12 14.36
CA ALA A 330 -14.23 46.33 14.16
C ALA A 330 -12.90 46.20 14.89
N LEU A 331 -12.93 45.66 16.12
CA LEU A 331 -11.70 45.50 16.90
C LEU A 331 -10.72 44.50 16.25
N THR A 332 -11.25 43.38 15.79
CA THR A 332 -10.47 42.37 15.11
C THR A 332 -9.74 42.95 13.91
N ILE A 333 -10.43 43.74 13.10
CA ILE A 333 -9.81 44.40 11.96
C ILE A 333 -8.69 45.32 12.45
N LEU A 334 -8.97 46.15 13.48
CA LEU A 334 -8.02 47.16 13.90
C LEU A 334 -6.78 46.47 14.47
N HIS A 335 -6.99 45.35 15.15
CA HIS A 335 -5.91 44.63 15.79
C HIS A 335 -5.11 43.89 14.72
N ARG A 336 -5.79 43.10 13.87
CA ARG A 336 -5.11 42.29 12.86
C ARG A 336 -4.37 43.15 11.83
N MET A 337 -4.74 44.42 11.63
CA MET A 337 -4.07 45.18 10.59
C MET A 337 -2.61 45.47 10.96
N ARG A 338 -2.24 45.22 12.22
CA ARG A 338 -0.86 45.33 12.66
C ARG A 338 -0.28 43.93 12.93
N THR A 339 -0.84 42.88 12.31
CA THR A 339 -0.25 41.55 12.43
C THR A 339 0.33 41.12 11.09
N LYS A 340 1.11 40.03 11.17
CA LYS A 340 1.64 39.32 10.01
C LYS A 340 1.52 37.83 10.30
N GLY A 341 1.52 37.05 9.22
CA GLY A 341 1.51 35.62 9.35
C GLY A 341 2.92 35.06 9.40
N VAL A 342 2.99 33.73 9.37
CA VAL A 342 4.25 33.02 9.38
C VAL A 342 4.86 33.18 8.00
N GLU A 343 6.17 33.44 7.96
CA GLU A 343 6.86 33.64 6.70
C GLU A 343 7.16 32.27 6.10
N ILE A 344 6.24 31.82 5.24
CA ILE A 344 6.32 30.49 4.67
C ILE A 344 5.63 30.55 3.30
N ASP A 345 6.13 29.78 2.33
CA ASP A 345 5.46 29.65 1.04
C ASP A 345 4.52 28.47 1.06
N LEU A 346 3.20 28.71 0.92
CA LEU A 346 2.20 27.64 0.99
C LEU A 346 1.90 27.03 -0.38
N TYR A 347 2.06 27.83 -1.44
CA TYR A 347 1.51 27.51 -2.73
C TYR A 347 2.59 27.63 -3.81
N GLY A 348 3.84 27.30 -3.45
CA GLY A 348 4.94 27.36 -4.40
C GLY A 348 5.64 28.70 -4.43
N ASP A 349 6.48 28.91 -5.45
CA ASP A 349 7.45 29.99 -5.45
C ASP A 349 7.04 31.06 -6.47
N GLY A 350 5.88 30.90 -7.12
CA GLY A 350 5.47 31.85 -8.14
C GLY A 350 5.95 31.49 -9.54
N ARG A 351 6.54 30.30 -9.68
CA ARG A 351 7.02 29.78 -10.96
C ARG A 351 6.47 28.37 -11.18
N ALA A 352 5.26 28.11 -10.67
CA ALA A 352 4.55 26.88 -10.98
C ALA A 352 4.43 26.67 -12.50
N SER A 353 4.20 27.74 -13.26
CA SER A 353 4.01 27.63 -14.71
C SER A 353 5.26 27.06 -15.40
N GLN A 354 6.44 27.53 -15.00
CA GLN A 354 7.69 27.03 -15.53
C GLN A 354 7.84 25.55 -15.23
N LYS A 355 7.47 25.13 -14.01
CA LYS A 355 7.62 23.73 -13.63
C LYS A 355 6.66 22.84 -14.42
N ILE A 356 5.43 23.29 -14.64
CA ILE A 356 4.50 22.54 -15.48
C ILE A 356 5.06 22.41 -16.90
N SER A 357 5.49 23.53 -17.47
CA SER A 357 5.98 23.59 -18.83
C SER A 357 7.19 22.65 -18.97
N ASP A 358 8.13 22.74 -18.04
CA ASP A 358 9.29 21.86 -18.07
C ASP A 358 8.86 20.40 -18.06
N PHE A 359 7.88 19.99 -17.23
CA PHE A 359 7.50 18.58 -17.16
C PHE A 359 6.84 18.15 -18.47
N LEU A 360 5.98 19.00 -19.05
CA LEU A 360 5.26 18.66 -20.27
C LEU A 360 6.20 18.55 -21.46
N ARG A 361 7.18 19.46 -21.56
CA ARG A 361 8.08 19.51 -22.70
C ARG A 361 9.06 18.32 -22.63
N LYS A 362 9.47 17.96 -21.41
CA LYS A 362 10.27 16.76 -21.20
C LYS A 362 9.59 15.54 -21.80
N VAL A 363 8.46 15.12 -21.21
CA VAL A 363 7.72 13.95 -21.67
C VAL A 363 6.96 14.31 -22.95
N TRP B 4 -41.99 2.95 0.21
CA TRP B 4 -40.90 3.26 1.16
C TRP B 4 -39.57 3.52 0.42
N VAL B 5 -39.31 2.91 -0.75
CA VAL B 5 -38.08 3.22 -1.48
C VAL B 5 -38.23 3.01 -2.98
N LYS B 6 -37.67 3.95 -3.75
CA LYS B 6 -37.74 3.91 -5.19
C LYS B 6 -36.34 3.67 -5.75
N ILE B 7 -36.18 2.57 -6.51
CA ILE B 7 -34.86 2.11 -6.93
C ILE B 7 -34.80 2.04 -8.45
N LEU B 8 -33.93 2.90 -9.02
CA LEU B 8 -33.87 3.07 -10.47
C LEU B 8 -32.57 2.43 -10.98
N SER B 9 -32.72 1.53 -11.92
CA SER B 9 -31.62 0.82 -12.54
C SER B 9 -31.36 1.40 -13.93
N VAL B 10 -30.08 1.67 -14.24
CA VAL B 10 -29.58 2.06 -15.55
C VAL B 10 -28.83 0.88 -16.18
N VAL B 11 -29.27 0.48 -17.37
CA VAL B 11 -28.63 -0.60 -18.11
C VAL B 11 -28.43 -0.18 -19.56
N GLY B 12 -27.32 -0.61 -20.11
CA GLY B 12 -26.98 -0.43 -21.51
C GLY B 12 -27.03 -1.79 -22.19
N ALA B 13 -25.97 -2.56 -22.06
CA ALA B 13 -25.80 -3.79 -22.81
C ALA B 13 -26.51 -4.97 -22.14
N ARG B 14 -26.63 -6.09 -22.89
CA ARG B 14 -27.41 -7.24 -22.44
C ARG B 14 -26.88 -7.77 -21.12
N PRO B 15 -25.56 -7.90 -20.88
CA PRO B 15 -25.09 -8.42 -19.61
C PRO B 15 -25.68 -7.63 -18.44
N GLN B 16 -25.91 -6.33 -18.67
CA GLN B 16 -26.42 -5.45 -17.63
C GLN B 16 -27.90 -5.71 -17.36
N PHE B 17 -28.67 -5.97 -18.40
CA PHE B 17 -30.05 -6.39 -18.21
C PHE B 17 -30.14 -7.66 -17.36
N ILE B 18 -29.23 -8.60 -17.59
CA ILE B 18 -29.22 -9.86 -16.86
C ILE B 18 -28.90 -9.62 -15.38
N LYS B 19 -27.87 -8.81 -15.10
CA LYS B 19 -27.60 -8.45 -13.72
C LYS B 19 -28.79 -7.72 -13.10
N ALA B 20 -29.36 -6.73 -13.79
CA ALA B 20 -30.48 -5.99 -13.21
C ALA B 20 -31.66 -6.93 -12.96
N ALA B 21 -31.90 -7.91 -13.85
CA ALA B 21 -33.03 -8.82 -13.68
C ALA B 21 -32.86 -9.67 -12.42
N ALA B 22 -31.64 -10.10 -12.14
CA ALA B 22 -31.35 -10.89 -10.95
C ALA B 22 -31.64 -10.08 -9.69
N VAL B 23 -31.18 -8.83 -9.66
CA VAL B 23 -31.43 -7.98 -8.49
C VAL B 23 -32.93 -7.77 -8.35
N SER B 24 -33.59 -7.55 -9.47
CA SER B 24 -35.03 -7.27 -9.50
CA SER B 24 -35.02 -7.24 -9.42
C SER B 24 -35.85 -8.43 -8.96
N ARG B 25 -35.40 -9.67 -9.21
CA ARG B 25 -36.08 -10.86 -8.76
C ARG B 25 -36.18 -10.83 -7.24
N VAL B 26 -35.18 -10.27 -6.56
CA VAL B 26 -35.25 -10.04 -5.13
C VAL B 26 -36.06 -8.77 -4.80
N LEU B 27 -35.77 -7.63 -5.43
CA LEU B 27 -36.48 -6.39 -5.16
C LEU B 27 -37.99 -6.48 -5.38
N ARG B 28 -38.48 -7.22 -6.39
CA ARG B 28 -39.92 -7.22 -6.64
C ARG B 28 -40.65 -8.05 -5.58
N ALA B 29 -39.93 -8.92 -4.87
CA ALA B 29 -40.51 -9.67 -3.77
C ALA B 29 -40.57 -8.82 -2.50
N SER B 30 -39.86 -7.69 -2.49
CA SER B 30 -39.80 -6.76 -1.37
C SER B 30 -40.99 -5.80 -1.42
N PRO B 31 -41.96 -5.88 -0.49
CA PRO B 31 -43.06 -4.93 -0.50
C PRO B 31 -42.43 -3.61 -0.06
N GLY B 32 -42.85 -2.52 -0.68
CA GLY B 32 -42.33 -1.20 -0.33
C GLY B 32 -41.18 -0.76 -1.23
N VAL B 33 -40.78 -1.58 -2.21
CA VAL B 33 -39.85 -1.16 -3.24
C VAL B 33 -40.58 -0.82 -4.53
N ARG B 34 -40.37 0.39 -5.07
CA ARG B 34 -40.80 0.70 -6.42
C ARG B 34 -39.57 0.68 -7.34
N GLU B 35 -39.66 0.03 -8.51
CA GLU B 35 -38.52 -0.10 -9.41
C GLU B 35 -38.77 0.67 -10.71
N VAL B 36 -37.70 1.29 -11.24
CA VAL B 36 -37.74 1.89 -12.56
C VAL B 36 -36.54 1.36 -13.33
N LEU B 37 -36.76 0.87 -14.55
CA LEU B 37 -35.69 0.35 -15.39
C LEU B 37 -35.47 1.29 -16.60
N VAL B 38 -34.26 1.86 -16.65
CA VAL B 38 -33.88 2.74 -17.74
C VAL B 38 -32.84 2.05 -18.60
N HIS B 39 -33.24 1.69 -19.81
CA HIS B 39 -32.35 1.27 -20.85
C HIS B 39 -31.86 2.48 -21.65
N THR B 40 -30.55 2.52 -21.90
CA THR B 40 -29.96 3.70 -22.54
C THR B 40 -30.07 3.60 -24.05
N GLY B 41 -30.23 2.38 -24.58
CA GLY B 41 -30.22 2.14 -26.02
C GLY B 41 -31.63 2.06 -26.58
N GLN B 42 -31.83 1.29 -27.66
CA GLN B 42 -33.12 1.24 -28.35
C GLN B 42 -33.88 -0.04 -28.00
N HIS B 43 -35.21 -0.03 -28.19
CA HIS B 43 -36.00 -1.25 -28.35
C HIS B 43 -35.60 -2.06 -29.60
N TYR B 44 -35.67 -3.40 -29.52
CA TYR B 44 -35.49 -4.27 -30.67
C TYR B 44 -36.73 -5.16 -30.90
N ASP B 45 -37.32 -5.05 -32.09
CA ASP B 45 -38.55 -5.77 -32.42
C ASP B 45 -38.22 -7.12 -33.07
N ASP B 46 -36.94 -7.38 -33.41
CA ASP B 46 -36.58 -8.63 -34.08
C ASP B 46 -36.95 -9.83 -33.19
N ASN B 47 -37.25 -10.95 -33.84
CA ASN B 47 -37.66 -12.17 -33.15
C ASN B 47 -36.59 -12.60 -32.15
N MET B 48 -35.33 -12.69 -32.61
CA MET B 48 -34.25 -13.19 -31.77
C MET B 48 -34.11 -12.33 -30.50
N SER B 49 -34.38 -11.02 -30.60
CA SER B 49 -34.29 -10.14 -29.45
C SER B 49 -35.46 -10.35 -28.49
N GLN B 50 -36.68 -10.45 -29.03
CA GLN B 50 -37.88 -10.64 -28.23
C GLN B 50 -37.78 -11.92 -27.40
N VAL B 51 -37.11 -12.93 -27.98
CA VAL B 51 -36.93 -14.22 -27.33
C VAL B 51 -35.98 -14.06 -26.16
N PHE B 52 -34.93 -13.26 -26.36
CA PHE B 52 -33.99 -12.94 -25.29
C PHE B 52 -34.73 -12.37 -24.09
N PHE B 53 -35.45 -11.26 -24.27
CA PHE B 53 -36.13 -10.63 -23.16
C PHE B 53 -37.13 -11.57 -22.50
N GLU B 54 -37.83 -12.39 -23.30
CA GLU B 54 -38.89 -13.23 -22.79
C GLU B 54 -38.31 -14.44 -22.06
N GLU B 55 -37.36 -15.16 -22.67
CA GLU B 55 -36.87 -16.41 -22.11
CA GLU B 55 -36.86 -16.41 -22.10
C GLU B 55 -35.93 -16.14 -20.93
N LEU B 56 -35.36 -14.93 -20.85
CA LEU B 56 -34.48 -14.65 -19.73
C LEU B 56 -35.21 -13.83 -18.67
N GLU B 57 -36.52 -13.60 -18.89
CA GLU B 57 -37.40 -13.03 -17.89
C GLU B 57 -36.90 -11.63 -17.54
N ILE B 58 -36.52 -10.87 -18.57
CA ILE B 58 -36.01 -9.53 -18.37
C ILE B 58 -37.21 -8.58 -18.23
N PRO B 59 -37.30 -7.73 -17.19
CA PRO B 59 -38.40 -6.77 -17.09
C PRO B 59 -38.46 -5.83 -18.29
N ASP B 60 -39.68 -5.44 -18.68
CA ASP B 60 -39.84 -4.43 -19.72
C ASP B 60 -39.28 -3.11 -19.22
N PRO B 61 -38.29 -2.51 -19.90
CA PRO B 61 -37.82 -1.20 -19.45
C PRO B 61 -38.94 -0.17 -19.36
N ASP B 62 -38.82 0.77 -18.43
CA ASP B 62 -39.72 1.92 -18.36
C ASP B 62 -39.31 2.98 -19.38
N TYR B 63 -38.00 3.05 -19.71
CA TYR B 63 -37.49 3.97 -20.71
C TYR B 63 -36.51 3.26 -21.62
N HIS B 64 -36.51 3.65 -22.91
CA HIS B 64 -35.41 3.36 -23.83
C HIS B 64 -34.93 4.71 -24.37
N LEU B 65 -33.74 5.15 -23.96
CA LEU B 65 -33.31 6.48 -24.33
C LEU B 65 -32.90 6.57 -25.80
N GLY B 66 -32.57 5.44 -26.45
CA GLY B 66 -32.37 5.38 -27.88
C GLY B 66 -30.94 5.73 -28.33
N ILE B 67 -30.07 5.98 -27.34
CA ILE B 67 -28.75 6.50 -27.58
C ILE B 67 -27.85 5.37 -28.02
N GLY B 68 -27.03 5.64 -29.04
CA GLY B 68 -25.91 4.74 -29.33
C GLY B 68 -25.40 4.94 -30.76
N GLY B 69 -24.36 4.20 -31.13
CA GLY B 69 -23.83 4.25 -32.49
C GLY B 69 -22.73 5.29 -32.67
N GLY B 70 -22.56 6.18 -31.68
CA GLY B 70 -21.58 7.25 -31.77
C GLY B 70 -20.25 6.92 -31.11
N THR B 71 -19.41 7.96 -30.99
CA THR B 71 -18.15 7.92 -30.25
C THR B 71 -18.44 7.80 -28.75
N HIS B 72 -17.40 7.54 -27.95
CA HIS B 72 -17.53 7.58 -26.48
C HIS B 72 -18.09 8.91 -26.01
N GLY B 73 -17.59 10.04 -26.58
CA GLY B 73 -18.02 11.34 -26.07
C GLY B 73 -19.47 11.66 -26.40
N GLN B 74 -19.93 11.32 -27.62
CA GLN B 74 -21.31 11.53 -28.01
C GLN B 74 -22.24 10.62 -27.20
N ASN B 75 -21.94 9.32 -27.16
CA ASN B 75 -22.78 8.38 -26.44
C ASN B 75 -22.80 8.76 -24.96
N THR B 76 -21.65 9.03 -24.35
CA THR B 76 -21.63 9.28 -22.91
C THR B 76 -22.30 10.60 -22.61
N GLY B 77 -21.96 11.63 -23.39
CA GLY B 77 -22.51 12.93 -23.09
C GLY B 77 -24.02 13.00 -23.27
N ARG B 78 -24.56 12.32 -24.29
CA ARG B 78 -25.99 12.35 -24.51
C ARG B 78 -26.71 11.52 -23.44
N MET B 79 -26.10 10.39 -23.05
CA MET B 79 -26.64 9.55 -21.99
C MET B 79 -26.69 10.31 -20.67
N LEU B 80 -25.62 11.08 -20.39
CA LEU B 80 -25.55 11.84 -19.16
C LEU B 80 -26.73 12.81 -19.09
N GLU B 81 -26.96 13.56 -20.16
CA GLU B 81 -28.04 14.53 -20.18
C GLU B 81 -29.39 13.81 -20.07
N ALA B 82 -29.58 12.75 -20.87
CA ALA B 82 -30.86 12.07 -20.97
C ALA B 82 -31.19 11.32 -19.66
N ILE B 83 -30.22 10.61 -19.09
CA ILE B 83 -30.43 9.95 -17.80
C ILE B 83 -30.79 10.98 -16.75
N GLU B 84 -30.05 12.10 -16.69
CA GLU B 84 -30.34 13.15 -15.73
C GLU B 84 -31.79 13.62 -15.87
N GLY B 85 -32.31 13.68 -17.10
CA GLY B 85 -33.68 14.12 -17.32
C GLY B 85 -34.67 13.18 -16.61
N VAL B 86 -34.43 11.89 -16.76
CA VAL B 86 -35.25 10.86 -16.13
C VAL B 86 -35.13 10.96 -14.62
N LEU B 87 -33.91 11.15 -14.10
CA LEU B 87 -33.73 11.22 -12.65
C LEU B 87 -34.48 12.40 -12.06
N LEU B 88 -34.53 13.55 -12.77
CA LEU B 88 -35.25 14.71 -12.24
C LEU B 88 -36.76 14.47 -12.20
N LYS B 89 -37.30 13.65 -13.10
CA LYS B 89 -38.72 13.31 -13.10
C LYS B 89 -39.02 12.21 -12.06
N GLU B 90 -38.18 11.16 -12.01
CA GLU B 90 -38.51 9.97 -11.23
C GLU B 90 -38.12 10.14 -9.77
N LYS B 91 -37.07 10.96 -9.51
CA LYS B 91 -36.58 11.27 -8.18
C LYS B 91 -36.41 10.00 -7.35
N PRO B 92 -35.59 9.03 -7.81
CA PRO B 92 -35.37 7.80 -7.06
C PRO B 92 -34.55 8.03 -5.80
N ASP B 93 -34.71 7.14 -4.83
CA ASP B 93 -33.88 7.11 -3.63
C ASP B 93 -32.52 6.51 -3.93
N TRP B 94 -32.46 5.55 -4.87
CA TRP B 94 -31.23 4.90 -5.28
C TRP B 94 -31.17 4.84 -6.81
N VAL B 95 -29.95 4.99 -7.33
CA VAL B 95 -29.65 4.61 -8.70
C VAL B 95 -28.67 3.44 -8.70
N LEU B 96 -29.00 2.36 -9.41
CA LEU B 96 -28.12 1.21 -9.57
C LEU B 96 -27.49 1.26 -10.94
N VAL B 97 -26.16 1.15 -11.00
CA VAL B 97 -25.47 1.01 -12.26
C VAL B 97 -24.68 -0.30 -12.25
N TYR B 98 -24.48 -0.87 -13.44
CA TYR B 98 -24.03 -2.24 -13.61
C TYR B 98 -22.87 -2.35 -14.58
N GLY B 99 -21.90 -3.20 -14.26
CA GLY B 99 -20.83 -3.43 -15.20
C GLY B 99 -20.00 -2.16 -15.33
N ASN B 100 -19.38 -1.97 -16.49
CA ASN B 100 -18.42 -0.87 -16.60
C ASN B 100 -18.40 -0.35 -18.04
N THR B 101 -19.58 -0.04 -18.62
CA THR B 101 -19.63 0.58 -19.93
C THR B 101 -19.86 2.09 -19.78
N ASP B 102 -19.97 2.79 -20.91
CA ASP B 102 -20.26 4.21 -20.89
C ASP B 102 -21.64 4.48 -20.30
N SER B 103 -22.61 3.56 -20.47
CA SER B 103 -23.90 3.70 -19.82
C SER B 103 -23.72 3.72 -18.30
N THR B 104 -22.85 2.84 -17.81
CA THR B 104 -22.65 2.74 -16.37
C THR B 104 -22.13 4.09 -15.83
N LEU B 105 -21.10 4.60 -16.49
CA LEU B 105 -20.49 5.84 -16.05
C LEU B 105 -21.46 7.02 -16.19
N ALA B 106 -22.22 7.07 -17.29
CA ALA B 106 -23.17 8.15 -17.47
C ALA B 106 -24.22 8.11 -16.39
N GLY B 107 -24.68 6.91 -16.00
CA GLY B 107 -25.69 6.82 -14.96
C GLY B 107 -25.17 7.35 -13.62
N ALA B 108 -23.95 6.94 -13.27
CA ALA B 108 -23.37 7.33 -12.00
C ALA B 108 -23.12 8.84 -11.97
N LEU B 109 -22.63 9.40 -13.06
CA LEU B 109 -22.29 10.81 -13.08
C LEU B 109 -23.55 11.67 -13.07
N ALA B 110 -24.61 11.19 -13.72
CA ALA B 110 -25.90 11.88 -13.69
C ALA B 110 -26.46 11.95 -12.26
N ALA B 111 -26.44 10.81 -11.56
CA ALA B 111 -27.02 10.71 -10.25
C ALA B 111 -26.22 11.51 -9.22
N VAL B 112 -24.90 11.37 -9.25
CA VAL B 112 -24.07 11.86 -8.15
C VAL B 112 -24.16 13.37 -8.07
N LYS B 113 -24.27 14.06 -9.21
CA LYS B 113 -24.33 15.52 -9.16
C LYS B 113 -25.71 16.02 -8.72
N LEU B 114 -26.75 15.15 -8.78
CA LEU B 114 -28.04 15.44 -8.17
C LEU B 114 -28.12 14.97 -6.69
N HIS B 115 -27.02 14.44 -6.16
CA HIS B 115 -26.95 13.93 -4.79
C HIS B 115 -27.91 12.76 -4.61
N ILE B 116 -28.14 11.99 -5.67
CA ILE B 116 -28.92 10.76 -5.57
C ILE B 116 -27.94 9.63 -5.29
N PRO B 117 -28.04 8.88 -4.17
CA PRO B 117 -27.10 7.80 -3.88
C PRO B 117 -26.99 6.82 -5.05
N VAL B 118 -25.74 6.44 -5.39
CA VAL B 118 -25.42 5.54 -6.48
C VAL B 118 -24.79 4.29 -5.92
N ALA B 119 -25.28 3.13 -6.36
CA ALA B 119 -24.65 1.86 -6.02
C ALA B 119 -24.14 1.22 -7.30
N HIS B 120 -22.87 0.82 -7.29
CA HIS B 120 -22.24 0.15 -8.39
C HIS B 120 -22.22 -1.37 -8.18
N VAL B 121 -23.04 -2.04 -8.98
CA VAL B 121 -23.00 -3.48 -9.07
C VAL B 121 -21.87 -3.92 -9.99
N GLU B 122 -20.92 -4.65 -9.39
CA GLU B 122 -19.69 -5.13 -10.02
C GLU B 122 -18.63 -4.04 -9.98
N ALA B 123 -18.13 -3.79 -8.76
CA ALA B 123 -17.20 -2.71 -8.45
C ALA B 123 -15.83 -3.27 -8.12
N GLY B 124 -14.80 -2.47 -8.42
CA GLY B 124 -13.45 -2.76 -7.97
C GLY B 124 -12.64 -3.67 -8.89
N LEU B 125 -13.15 -4.05 -10.07
CA LEU B 125 -12.38 -4.86 -11.01
C LEU B 125 -11.30 -3.98 -11.63
N ARG B 126 -10.06 -4.51 -11.70
CA ARG B 126 -8.95 -3.77 -12.30
C ARG B 126 -8.09 -4.72 -13.15
N SER B 127 -7.88 -4.34 -14.42
CA SER B 127 -6.82 -4.88 -15.27
C SER B 127 -5.47 -4.23 -14.94
N PHE B 128 -5.53 -2.99 -14.46
CA PHE B 128 -4.35 -2.19 -14.17
C PHE B 128 -3.71 -1.69 -15.45
N ASN B 129 -4.52 -1.66 -16.54
CA ASN B 129 -4.10 -1.13 -17.82
C ASN B 129 -5.05 0.01 -18.20
N ARG B 130 -4.67 1.26 -17.89
CA ARG B 130 -5.55 2.41 -18.07
C ARG B 130 -6.08 2.55 -19.50
N ARG B 131 -5.54 1.77 -20.44
CA ARG B 131 -5.98 1.83 -21.83
C ARG B 131 -6.86 0.63 -22.22
N MET B 132 -6.88 -0.44 -21.41
CA MET B 132 -7.84 -1.54 -21.58
C MET B 132 -9.24 -0.91 -21.73
N PRO B 133 -10.14 -1.41 -22.63
CA PRO B 133 -11.42 -0.74 -22.90
C PRO B 133 -12.13 -0.15 -21.67
N GLU B 134 -12.54 -1.01 -20.74
CA GLU B 134 -13.41 -0.56 -19.67
C GLU B 134 -12.65 -0.07 -18.44
N GLU B 135 -11.31 0.08 -18.47
CA GLU B 135 -10.59 0.35 -17.23
C GLU B 135 -10.96 1.72 -16.70
N ILE B 136 -11.08 2.74 -17.56
CA ILE B 136 -11.40 4.09 -17.11
C ILE B 136 -12.82 4.11 -16.56
N ASN B 137 -13.75 3.44 -17.25
CA ASN B 137 -15.12 3.35 -16.76
C ASN B 137 -15.13 2.67 -15.39
N ARG B 138 -14.34 1.62 -15.20
CA ARG B 138 -14.33 0.94 -13.90
C ARG B 138 -13.91 1.92 -12.79
N ILE B 139 -12.79 2.62 -13.02
CA ILE B 139 -12.21 3.50 -12.00
C ILE B 139 -13.18 4.64 -11.67
N LEU B 140 -13.68 5.36 -12.70
CA LEU B 140 -14.46 6.55 -12.45
C LEU B 140 -15.85 6.20 -11.93
N THR B 141 -16.48 5.11 -12.42
CA THR B 141 -17.74 4.70 -11.81
C THR B 141 -17.54 4.44 -10.29
N ASP B 142 -16.49 3.70 -9.92
CA ASP B 142 -16.25 3.36 -8.52
C ASP B 142 -16.03 4.62 -7.68
N HIS B 143 -15.27 5.60 -8.20
CA HIS B 143 -15.04 6.82 -7.43
C HIS B 143 -16.28 7.72 -7.42
N ALA B 144 -17.21 7.50 -8.34
CA ALA B 144 -18.44 8.29 -8.38
C ALA B 144 -19.54 7.73 -7.47
N SER B 145 -19.43 6.46 -7.07
CA SER B 145 -20.50 5.75 -6.38
C SER B 145 -20.44 5.89 -4.87
N ASP B 146 -21.60 5.71 -4.25
CA ASP B 146 -21.77 5.72 -2.81
C ASP B 146 -21.60 4.32 -2.21
N LEU B 147 -22.10 3.29 -2.91
CA LEU B 147 -21.94 1.89 -2.51
C LEU B 147 -21.25 1.14 -3.64
N LEU B 148 -20.24 0.37 -3.23
CA LEU B 148 -19.46 -0.45 -4.14
C LEU B 148 -19.73 -1.94 -3.81
N PHE B 149 -20.40 -2.66 -4.72
CA PHE B 149 -20.69 -4.09 -4.55
C PHE B 149 -19.65 -4.92 -5.31
N ALA B 150 -18.61 -5.34 -4.60
CA ALA B 150 -17.48 -6.05 -5.15
C ALA B 150 -17.80 -7.54 -5.29
N PRO B 151 -17.33 -8.16 -6.40
CA PRO B 151 -17.57 -9.59 -6.65
C PRO B 151 -16.54 -10.49 -5.97
N THR B 152 -15.37 -9.92 -5.64
CA THR B 152 -14.27 -10.69 -5.08
C THR B 152 -13.51 -9.90 -4.02
N GLU B 153 -12.72 -10.62 -3.19
CA GLU B 153 -11.87 -9.97 -2.20
C GLU B 153 -10.79 -9.14 -2.89
N THR B 154 -10.32 -9.58 -4.05
CA THR B 154 -9.33 -8.83 -4.81
C THR B 154 -9.88 -7.46 -5.20
N ALA B 155 -11.16 -7.45 -5.62
CA ALA B 155 -11.82 -6.20 -5.98
C ALA B 155 -11.96 -5.29 -4.75
N VAL B 156 -12.32 -5.87 -3.60
CA VAL B 156 -12.37 -5.10 -2.35
C VAL B 156 -11.03 -4.39 -2.14
N GLN B 157 -9.92 -5.13 -2.30
CA GLN B 157 -8.63 -4.60 -1.95
C GLN B 157 -8.26 -3.50 -2.94
N ASN B 158 -8.62 -3.70 -4.21
CA ASN B 158 -8.45 -2.73 -5.28
C ASN B 158 -9.07 -1.39 -4.90
N LEU B 159 -10.28 -1.44 -4.34
CA LEU B 159 -11.04 -0.27 -3.93
C LEU B 159 -10.35 0.40 -2.71
N LEU B 160 -9.94 -0.42 -1.72
CA LEU B 160 -9.26 0.11 -0.53
C LEU B 160 -7.97 0.85 -0.93
N ARG B 161 -7.26 0.30 -1.91
CA ARG B 161 -5.98 0.80 -2.38
CA ARG B 161 -5.98 0.81 -2.36
C ARG B 161 -6.15 2.19 -3.01
N GLU B 162 -7.35 2.50 -3.50
CA GLU B 162 -7.61 3.77 -4.17
C GLU B 162 -8.27 4.75 -3.20
N GLY B 163 -8.23 4.44 -1.88
CA GLY B 163 -8.70 5.34 -0.84
C GLY B 163 -10.21 5.33 -0.65
N ILE B 164 -10.91 4.35 -1.23
CA ILE B 164 -12.33 4.24 -0.98
C ILE B 164 -12.48 3.62 0.40
N PRO B 165 -13.30 4.20 1.30
CA PRO B 165 -13.41 3.70 2.68
C PRO B 165 -14.19 2.40 2.76
N GLU B 166 -13.77 1.56 3.72
CA GLU B 166 -14.28 0.22 3.94
C GLU B 166 -15.81 0.21 4.08
N ASN B 167 -16.38 1.26 4.69
CA ASN B 167 -17.81 1.26 4.95
C ASN B 167 -18.64 1.57 3.71
N ARG B 168 -18.03 1.97 2.58
CA ARG B 168 -18.78 2.03 1.33
C ARG B 168 -18.61 0.74 0.48
N ILE B 169 -17.72 -0.19 0.88
CA ILE B 169 -17.39 -1.39 0.13
C ILE B 169 -18.07 -2.62 0.74
N HIS B 170 -18.78 -3.40 -0.07
CA HIS B 170 -19.41 -4.63 0.40
C HIS B 170 -19.18 -5.76 -0.61
N LEU B 171 -18.53 -6.82 -0.10
CA LEU B 171 -18.26 -8.03 -0.84
C LEU B 171 -19.55 -8.85 -0.90
N VAL B 172 -20.14 -8.93 -2.10
CA VAL B 172 -21.44 -9.56 -2.28
C VAL B 172 -21.35 -10.72 -3.27
N GLY B 173 -20.26 -10.82 -4.03
CA GLY B 173 -20.11 -11.80 -5.10
C GLY B 173 -20.64 -11.29 -6.45
N ASP B 174 -20.77 -12.18 -7.43
CA ASP B 174 -21.12 -11.83 -8.80
C ASP B 174 -22.57 -12.21 -9.06
N VAL B 175 -23.42 -11.23 -9.40
CA VAL B 175 -24.83 -11.50 -9.68
C VAL B 175 -24.96 -12.41 -10.90
N MET B 176 -23.94 -12.47 -11.76
CA MET B 176 -23.97 -13.36 -12.90
C MET B 176 -23.97 -14.82 -12.45
N TYR B 177 -23.38 -15.12 -11.30
CA TYR B 177 -23.52 -16.46 -10.75
C TYR B 177 -24.97 -16.73 -10.39
N ASP B 178 -25.62 -15.79 -9.67
CA ASP B 178 -27.05 -15.91 -9.37
C ASP B 178 -27.80 -16.23 -10.66
N ALA B 179 -27.51 -15.46 -11.72
CA ALA B 179 -28.27 -15.56 -12.96
C ALA B 179 -28.03 -16.91 -13.61
N ALA B 180 -26.79 -17.41 -13.56
CA ALA B 180 -26.49 -18.72 -14.15
C ALA B 180 -27.24 -19.85 -13.45
N LEU B 181 -27.42 -19.77 -12.13
CA LEU B 181 -28.18 -20.78 -11.39
C LEU B 181 -29.65 -20.73 -11.80
N HIS B 182 -30.18 -19.52 -11.94
CA HIS B 182 -31.59 -19.33 -12.31
C HIS B 182 -31.87 -19.86 -13.72
N TYR B 183 -31.03 -19.48 -14.69
CA TYR B 183 -31.21 -19.92 -16.07
C TYR B 183 -30.88 -21.39 -16.23
N GLY B 184 -29.95 -21.91 -15.39
CA GLY B 184 -29.59 -23.31 -15.39
C GLY B 184 -30.81 -24.18 -15.08
N ALA B 185 -31.54 -23.80 -14.03
CA ALA B 185 -32.75 -24.53 -13.66
C ALA B 185 -33.76 -24.42 -14.79
N LYS B 186 -33.88 -23.25 -15.41
CA LYS B 186 -34.89 -23.04 -16.43
C LYS B 186 -34.53 -23.83 -17.69
N ALA B 187 -33.24 -23.86 -18.02
CA ALA B 187 -32.82 -24.62 -19.18
C ALA B 187 -33.18 -26.10 -18.99
N GLU B 188 -32.87 -26.65 -17.81
CA GLU B 188 -33.14 -28.06 -17.54
C GLU B 188 -34.62 -28.35 -17.77
N ARG B 189 -35.49 -27.40 -17.47
CA ARG B 189 -36.94 -27.56 -17.64
C ARG B 189 -37.37 -27.44 -19.09
N LYS B 190 -36.70 -26.60 -19.87
CA LYS B 190 -37.29 -26.12 -21.11
C LYS B 190 -36.48 -26.49 -22.37
N SER B 191 -35.16 -26.67 -22.26
CA SER B 191 -34.33 -26.77 -23.46
C SER B 191 -34.32 -28.17 -24.06
N ARG B 192 -34.53 -28.24 -25.37
CA ARG B 192 -34.51 -29.48 -26.12
C ARG B 192 -33.16 -29.73 -26.82
N ILE B 193 -32.13 -28.91 -26.55
CA ILE B 193 -30.91 -28.97 -27.37
C ILE B 193 -30.23 -30.35 -27.30
N LEU B 194 -30.17 -30.98 -26.12
CA LEU B 194 -29.56 -32.31 -25.99
C LEU B 194 -30.40 -33.39 -26.70
N GLU B 195 -31.74 -33.29 -26.64
CA GLU B 195 -32.64 -34.21 -27.33
C GLU B 195 -32.41 -34.14 -28.84
N ARG B 196 -32.37 -32.92 -29.38
CA ARG B 196 -32.13 -32.66 -30.80
C ARG B 196 -30.81 -33.31 -31.25
N LEU B 197 -29.71 -33.03 -30.56
CA LEU B 197 -28.40 -33.51 -30.99
C LEU B 197 -28.17 -34.97 -30.61
N GLY B 198 -29.07 -35.56 -29.83
CA GLY B 198 -28.94 -36.95 -29.42
C GLY B 198 -27.77 -37.14 -28.46
N LEU B 199 -27.56 -36.16 -27.58
CA LEU B 199 -26.46 -36.22 -26.64
C LEU B 199 -26.94 -36.42 -25.22
N GLN B 200 -26.07 -37.06 -24.42
CA GLN B 200 -26.25 -37.25 -23.00
C GLN B 200 -25.49 -36.18 -22.22
N ALA B 201 -26.03 -35.80 -21.07
CA ALA B 201 -25.29 -35.04 -20.08
C ALA B 201 -23.94 -35.70 -19.81
N LYS B 202 -22.91 -34.84 -19.79
CA LYS B 202 -21.53 -35.21 -19.55
C LYS B 202 -20.99 -36.14 -20.63
N GLY B 203 -21.64 -36.16 -21.81
CA GLY B 203 -21.24 -37.03 -22.91
C GLY B 203 -20.71 -36.26 -24.14
N TYR B 204 -20.28 -35.01 -23.95
CA TYR B 204 -19.78 -34.20 -25.04
C TYR B 204 -18.93 -33.05 -24.48
N VAL B 205 -18.19 -32.43 -25.40
CA VAL B 205 -17.35 -31.27 -25.16
C VAL B 205 -18.00 -30.14 -25.92
N LEU B 206 -18.05 -28.95 -25.31
CA LEU B 206 -18.59 -27.78 -25.96
C LEU B 206 -17.41 -26.89 -26.29
N ALA B 207 -17.41 -26.36 -27.51
CA ALA B 207 -16.39 -25.43 -27.99
C ALA B 207 -17.04 -24.14 -28.51
N THR B 208 -16.45 -22.99 -28.16
CA THR B 208 -16.73 -21.73 -28.85
C THR B 208 -15.39 -21.05 -29.09
N ILE B 209 -15.23 -20.41 -30.25
CA ILE B 209 -14.01 -19.76 -30.67
C ILE B 209 -14.45 -18.54 -31.47
N HIS B 210 -14.02 -17.34 -31.06
CA HIS B 210 -14.38 -16.16 -31.81
C HIS B 210 -13.37 -15.02 -31.70
N ARG B 211 -12.31 -15.16 -30.91
CA ARG B 211 -11.38 -14.05 -30.77
C ARG B 211 -10.52 -13.91 -32.03
N ALA B 212 -10.17 -12.65 -32.38
CA ALA B 212 -9.31 -12.35 -33.51
C ALA B 212 -7.98 -13.08 -33.45
N GLU B 213 -7.37 -13.16 -32.26
CA GLU B 213 -6.06 -13.78 -32.09
C GLU B 213 -6.10 -15.21 -32.65
N ASN B 214 -7.30 -15.84 -32.68
CA ASN B 214 -7.41 -17.19 -33.21
C ASN B 214 -7.99 -17.18 -34.62
N THR B 215 -9.01 -16.38 -34.90
CA THR B 215 -9.77 -16.54 -36.14
C THR B 215 -9.07 -15.89 -37.33
N ASP B 216 -8.18 -14.92 -37.05
CA ASP B 216 -7.52 -14.13 -38.07
C ASP B 216 -6.12 -14.69 -38.40
N ASP B 217 -5.75 -15.83 -37.81
CA ASP B 217 -4.45 -16.40 -38.05
C ASP B 217 -4.67 -17.82 -38.59
N GLN B 218 -4.38 -18.00 -39.89
CA GLN B 218 -4.65 -19.22 -40.66
C GLN B 218 -4.18 -20.46 -39.94
N GLU B 219 -3.03 -20.30 -39.31
CA GLU B 219 -2.31 -21.41 -38.69
C GLU B 219 -2.97 -21.75 -37.35
N ARG B 220 -3.22 -20.75 -36.49
CA ARG B 220 -3.85 -21.06 -35.21
C ARG B 220 -5.23 -21.67 -35.44
N LEU B 221 -5.99 -21.15 -36.41
CA LEU B 221 -7.33 -21.63 -36.64
C LEU B 221 -7.28 -23.08 -37.16
N ARG B 222 -6.32 -23.42 -38.03
CA ARG B 222 -6.13 -24.80 -38.46
C ARG B 222 -5.81 -25.70 -37.26
N VAL B 223 -4.89 -25.26 -36.40
CA VAL B 223 -4.55 -26.06 -35.24
C VAL B 223 -5.78 -26.34 -34.37
N ILE B 224 -6.59 -25.30 -34.14
CA ILE B 224 -7.78 -25.43 -33.31
C ILE B 224 -8.74 -26.44 -33.95
N LEU B 225 -9.09 -26.20 -35.21
CA LEU B 225 -10.10 -27.02 -35.86
C LEU B 225 -9.66 -28.47 -35.99
N GLU B 226 -8.36 -28.70 -36.25
CA GLU B 226 -7.81 -30.05 -36.30
C GLU B 226 -7.82 -30.69 -34.92
N ALA B 227 -7.42 -29.92 -33.90
CA ALA B 227 -7.47 -30.43 -32.53
C ALA B 227 -8.90 -30.83 -32.13
N LEU B 228 -9.88 -30.01 -32.51
CA LEU B 228 -11.26 -30.32 -32.15
C LEU B 228 -11.72 -31.56 -32.91
N ALA B 229 -11.30 -31.70 -34.18
CA ALA B 229 -11.71 -32.87 -34.97
C ALA B 229 -11.15 -34.14 -34.33
N GLU B 230 -9.94 -34.06 -33.76
CA GLU B 230 -9.34 -35.21 -33.09
C GLU B 230 -10.06 -35.50 -31.78
N VAL B 231 -10.45 -34.47 -31.02
CA VAL B 231 -11.18 -34.67 -29.78
C VAL B 231 -12.53 -35.36 -30.06
N HIS B 232 -13.18 -34.97 -31.16
CA HIS B 232 -14.50 -35.44 -31.54
C HIS B 232 -14.52 -36.97 -31.67
N GLN B 233 -13.42 -37.53 -32.16
CA GLN B 233 -13.32 -38.97 -32.36
C GLN B 233 -13.46 -39.69 -31.02
N GLU B 234 -12.96 -39.07 -29.95
CA GLU B 234 -13.02 -39.65 -28.62
C GLU B 234 -14.32 -39.30 -27.93
N VAL B 235 -14.70 -38.01 -27.95
CA VAL B 235 -15.90 -37.51 -27.31
C VAL B 235 -16.52 -36.48 -28.23
N PRO B 236 -17.83 -36.60 -28.58
CA PRO B 236 -18.43 -35.65 -29.50
C PRO B 236 -18.20 -34.20 -29.08
N VAL B 237 -17.95 -33.36 -30.09
CA VAL B 237 -17.64 -31.95 -29.89
C VAL B 237 -18.77 -31.15 -30.50
N VAL B 238 -19.48 -30.41 -29.65
CA VAL B 238 -20.50 -29.51 -30.10
C VAL B 238 -19.90 -28.12 -30.20
N PHE B 239 -20.00 -27.55 -31.40
CA PHE B 239 -19.32 -26.31 -31.73
C PHE B 239 -20.30 -25.37 -32.39
N PRO B 240 -21.01 -24.54 -31.59
CA PRO B 240 -21.80 -23.44 -32.14
C PRO B 240 -20.81 -22.39 -32.64
N VAL B 241 -20.68 -22.29 -33.97
CA VAL B 241 -19.64 -21.52 -34.59
C VAL B 241 -20.09 -20.08 -34.77
N HIS B 242 -19.33 -19.14 -34.21
CA HIS B 242 -19.61 -17.74 -34.41
C HIS B 242 -19.59 -17.52 -35.92
N PRO B 243 -20.52 -16.73 -36.49
CA PRO B 243 -20.54 -16.49 -37.94
C PRO B 243 -19.23 -15.95 -38.52
N ARG B 244 -18.53 -15.10 -37.76
CA ARG B 244 -17.25 -14.57 -38.17
C ARG B 244 -16.20 -15.68 -38.21
N THR B 245 -16.18 -16.52 -37.18
CA THR B 245 -15.30 -17.67 -37.16
C THR B 245 -15.53 -18.55 -38.40
N ARG B 246 -16.81 -18.79 -38.76
CA ARG B 246 -17.15 -19.61 -39.93
C ARG B 246 -16.59 -18.98 -41.21
N LYS B 247 -16.82 -17.67 -41.34
CA LYS B 247 -16.42 -16.88 -42.48
C LYS B 247 -14.90 -17.00 -42.68
N ARG B 248 -14.14 -16.78 -41.59
CA ARG B 248 -12.68 -16.89 -41.61
C ARG B 248 -12.27 -18.32 -41.97
N ALA B 249 -12.93 -19.33 -41.38
CA ALA B 249 -12.57 -20.70 -41.69
C ALA B 249 -12.71 -20.90 -43.19
N GLU B 250 -13.85 -20.52 -43.74
CA GLU B 250 -14.13 -20.69 -45.16
C GLU B 250 -13.08 -19.97 -46.02
N ALA B 251 -12.78 -18.70 -45.72
CA ALA B 251 -11.79 -17.96 -46.50
C ALA B 251 -10.43 -18.66 -46.47
N PHE B 252 -10.05 -19.27 -45.33
CA PHE B 252 -8.77 -19.95 -45.19
C PHE B 252 -8.76 -21.38 -45.74
N GLY B 253 -9.88 -21.82 -46.32
CA GLY B 253 -9.99 -23.15 -46.87
C GLY B 253 -10.08 -24.22 -45.80
N LEU B 254 -10.55 -23.83 -44.58
CA LEU B 254 -10.63 -24.73 -43.45
C LEU B 254 -12.06 -25.27 -43.21
N GLY B 255 -12.99 -24.94 -44.11
CA GLY B 255 -14.39 -25.31 -43.97
C GLY B 255 -14.64 -26.79 -43.65
N SER B 256 -13.93 -27.71 -44.31
CA SER B 256 -14.20 -29.14 -44.21
CA SER B 256 -14.28 -29.11 -44.19
C SER B 256 -13.98 -29.65 -42.79
N TYR B 257 -13.08 -29.01 -42.04
CA TYR B 257 -12.87 -29.47 -40.67
C TYR B 257 -14.14 -29.34 -39.82
N LEU B 258 -14.99 -28.35 -40.11
CA LEU B 258 -16.20 -28.14 -39.33
C LEU B 258 -17.14 -29.33 -39.54
N GLU B 259 -16.98 -30.01 -40.69
CA GLU B 259 -17.74 -31.22 -40.98
C GLU B 259 -17.27 -32.37 -40.11
N LYS B 260 -16.17 -32.20 -39.36
CA LYS B 260 -15.63 -33.29 -38.59
C LYS B 260 -16.06 -33.22 -37.12
N VAL B 261 -16.89 -32.23 -36.79
CA VAL B 261 -17.45 -32.15 -35.44
C VAL B 261 -18.93 -31.87 -35.58
N VAL B 262 -19.62 -31.72 -34.44
CA VAL B 262 -20.99 -31.26 -34.47
C VAL B 262 -21.00 -29.74 -34.54
N ALA B 263 -20.88 -29.20 -35.76
CA ALA B 263 -20.89 -27.76 -35.95
C ALA B 263 -22.32 -27.27 -36.19
N LEU B 264 -22.70 -26.22 -35.46
CA LEU B 264 -24.02 -25.64 -35.47
C LEU B 264 -23.89 -24.16 -35.75
N GLU B 265 -25.01 -23.56 -36.16
CA GLU B 265 -25.24 -22.15 -36.04
C GLU B 265 -25.33 -21.80 -34.55
N PRO B 266 -24.97 -20.57 -34.14
CA PRO B 266 -25.15 -20.14 -32.77
C PRO B 266 -26.55 -20.50 -32.28
N VAL B 267 -26.68 -20.73 -30.97
CA VAL B 267 -27.97 -21.10 -30.41
C VAL B 267 -28.41 -19.99 -29.46
N GLY B 268 -29.66 -20.02 -29.05
CA GLY B 268 -30.19 -19.00 -28.18
C GLY B 268 -29.60 -19.14 -26.80
N TYR B 269 -29.99 -18.25 -25.89
CA TYR B 269 -29.27 -18.16 -24.61
C TYR B 269 -29.52 -19.41 -23.77
N LEU B 270 -30.79 -19.83 -23.65
CA LEU B 270 -31.15 -20.95 -22.79
C LEU B 270 -30.59 -22.26 -23.34
N ASP B 271 -30.57 -22.39 -24.67
CA ASP B 271 -29.97 -23.57 -25.27
C ASP B 271 -28.48 -23.61 -24.98
N MET B 272 -27.82 -22.45 -24.99
CA MET B 272 -26.38 -22.39 -24.74
C MET B 272 -26.10 -22.71 -23.26
N VAL B 273 -26.96 -22.26 -22.35
CA VAL B 273 -26.85 -22.60 -20.93
C VAL B 273 -26.95 -24.11 -20.77
N MET B 274 -27.91 -24.71 -21.47
CA MET B 274 -28.14 -26.14 -21.38
C MET B 274 -26.88 -26.86 -21.87
N LEU B 275 -26.27 -26.42 -22.98
CA LEU B 275 -25.04 -27.07 -23.45
C LEU B 275 -23.88 -26.90 -22.48
N GLU B 276 -23.70 -25.69 -21.92
CA GLU B 276 -22.57 -25.43 -21.01
C GLU B 276 -22.67 -26.30 -19.75
N LYS B 277 -23.85 -26.32 -19.14
CA LYS B 277 -24.00 -26.95 -17.84
C LYS B 277 -23.93 -28.47 -17.97
N ASN B 278 -24.24 -29.00 -19.15
CA ASN B 278 -24.24 -30.43 -19.35
C ASN B 278 -23.00 -30.94 -20.08
N ALA B 279 -22.05 -30.03 -20.42
CA ALA B 279 -20.82 -30.44 -21.08
C ALA B 279 -19.92 -31.17 -20.11
N ARG B 280 -19.11 -32.12 -20.63
CA ARG B 280 -18.06 -32.74 -19.83
C ARG B 280 -16.88 -31.76 -19.68
N LEU B 281 -16.65 -30.95 -20.71
CA LEU B 281 -15.64 -29.92 -20.69
C LEU B 281 -16.00 -28.86 -21.72
N ILE B 282 -15.57 -27.64 -21.45
CA ILE B 282 -15.78 -26.51 -22.33
C ILE B 282 -14.41 -26.06 -22.84
N VAL B 283 -14.30 -25.92 -24.15
CA VAL B 283 -13.11 -25.32 -24.78
C VAL B 283 -13.53 -23.97 -25.33
N THR B 284 -12.79 -22.88 -24.99
CA THR B 284 -13.26 -21.57 -25.40
C THR B 284 -12.13 -20.56 -25.48
N ASP B 285 -12.37 -19.48 -26.22
CA ASP B 285 -11.54 -18.28 -26.07
C ASP B 285 -12.37 -17.09 -25.56
N SER B 286 -13.60 -17.35 -25.07
CA SER B 286 -14.46 -16.31 -24.56
C SER B 286 -14.28 -16.14 -23.07
N GLY B 287 -14.14 -14.87 -22.66
CA GLY B 287 -13.98 -14.60 -21.24
C GLY B 287 -15.23 -14.94 -20.46
N GLY B 288 -16.39 -14.57 -21.02
CA GLY B 288 -17.67 -14.86 -20.35
C GLY B 288 -17.91 -16.37 -20.20
N VAL B 289 -17.61 -17.13 -21.24
CA VAL B 289 -17.81 -18.59 -21.21
C VAL B 289 -16.92 -19.23 -20.13
N GLN B 290 -15.70 -18.72 -19.93
CA GLN B 290 -14.85 -19.25 -18.86
C GLN B 290 -15.54 -19.15 -17.51
N LYS B 291 -16.17 -18.01 -17.24
CA LYS B 291 -16.89 -17.87 -15.98
C LYS B 291 -18.04 -18.85 -15.89
N GLU B 292 -18.82 -18.97 -16.98
CA GLU B 292 -19.99 -19.86 -17.00
C GLU B 292 -19.56 -21.30 -16.73
N ALA B 293 -18.44 -21.74 -17.33
CA ALA B 293 -17.91 -23.07 -17.06
C ALA B 293 -17.72 -23.30 -15.56
N TYR B 294 -17.13 -22.32 -14.88
CA TYR B 294 -16.89 -22.40 -13.44
C TYR B 294 -18.21 -22.45 -12.66
N PHE B 295 -19.15 -21.59 -13.03
CA PHE B 295 -20.44 -21.52 -12.38
C PHE B 295 -21.12 -22.87 -12.40
N TYR B 296 -20.96 -23.63 -13.49
CA TYR B 296 -21.60 -24.93 -13.64
C TYR B 296 -20.65 -26.07 -13.29
N ARG B 297 -19.49 -25.76 -12.70
CA ARG B 297 -18.52 -26.76 -12.27
C ARG B 297 -18.17 -27.74 -13.41
N VAL B 298 -17.90 -27.16 -14.58
CA VAL B 298 -17.44 -27.88 -15.75
C VAL B 298 -16.01 -27.43 -16.05
N PRO B 299 -15.01 -28.33 -16.15
CA PRO B 299 -13.64 -27.93 -16.42
C PRO B 299 -13.58 -27.17 -17.75
N CYS B 300 -12.62 -26.26 -17.82
CA CYS B 300 -12.52 -25.34 -18.94
C CYS B 300 -11.09 -25.34 -19.47
N VAL B 301 -10.94 -25.29 -20.77
CA VAL B 301 -9.66 -25.07 -21.42
C VAL B 301 -9.83 -23.80 -22.23
N THR B 302 -8.96 -22.82 -22.01
CA THR B 302 -9.02 -21.51 -22.64
C THR B 302 -7.92 -21.47 -23.70
N VAL B 303 -8.32 -21.25 -24.96
CA VAL B 303 -7.39 -21.30 -26.06
C VAL B 303 -6.92 -19.87 -26.30
N ARG B 304 -6.12 -19.43 -25.32
CA ARG B 304 -5.41 -18.16 -25.34
C ARG B 304 -4.07 -18.34 -24.62
N GLU B 305 -3.22 -17.32 -24.70
CA GLU B 305 -1.99 -17.33 -23.92
C GLU B 305 -2.21 -16.58 -22.61
N GLU B 306 -3.37 -15.93 -22.46
CA GLU B 306 -3.75 -15.41 -21.15
C GLU B 306 -5.27 -15.29 -21.02
N THR B 307 -5.68 -14.97 -19.78
CA THR B 307 -7.07 -14.75 -19.43
C THR B 307 -7.13 -13.61 -18.40
N GLU B 308 -8.24 -12.87 -18.35
CA GLU B 308 -8.47 -11.92 -17.28
C GLU B 308 -8.75 -12.64 -15.95
N TRP B 309 -9.23 -13.90 -16.00
CA TRP B 309 -9.70 -14.56 -14.79
C TRP B 309 -8.65 -15.50 -14.21
N VAL B 310 -7.54 -14.96 -13.69
CA VAL B 310 -6.44 -15.76 -13.16
C VAL B 310 -6.92 -16.59 -11.96
N GLU B 311 -7.94 -16.12 -11.24
CA GLU B 311 -8.48 -16.81 -10.09
CA GLU B 311 -8.50 -16.80 -10.08
C GLU B 311 -8.99 -18.21 -10.48
N LEU B 312 -9.48 -18.37 -11.72
CA LEU B 312 -10.00 -19.64 -12.22
C LEU B 312 -8.87 -20.61 -12.53
N LEU B 313 -7.73 -20.09 -12.99
CA LEU B 313 -6.55 -20.92 -13.20
C LEU B 313 -6.03 -21.41 -11.85
N LYS B 314 -5.92 -20.50 -10.87
CA LYS B 314 -5.40 -20.84 -9.56
C LYS B 314 -6.27 -21.91 -8.90
N ALA B 315 -7.59 -21.81 -9.06
CA ALA B 315 -8.54 -22.76 -8.49
C ALA B 315 -8.68 -24.04 -9.31
N GLU B 316 -7.98 -24.13 -10.45
CA GLU B 316 -7.81 -25.34 -11.24
C GLU B 316 -9.07 -25.70 -12.01
N TRP B 317 -9.97 -24.72 -12.18
CA TRP B 317 -11.17 -24.87 -12.99
C TRP B 317 -10.89 -24.58 -14.46
N ASN B 318 -9.81 -23.84 -14.76
CA ASN B 318 -9.54 -23.35 -16.08
C ASN B 318 -8.06 -23.60 -16.36
N TYR B 319 -7.69 -23.66 -17.65
CA TYR B 319 -6.36 -24.11 -18.05
C TYR B 319 -6.03 -23.53 -19.43
N LEU B 320 -4.92 -22.78 -19.50
CA LEU B 320 -4.52 -22.13 -20.75
C LEU B 320 -3.93 -23.17 -21.69
N ALA B 321 -4.33 -23.11 -22.95
CA ALA B 321 -3.79 -24.00 -23.97
C ALA B 321 -3.64 -23.22 -25.27
N ALA B 322 -2.45 -22.66 -25.48
CA ALA B 322 -2.12 -21.93 -26.69
C ALA B 322 -2.15 -22.87 -27.90
N PRO B 323 -2.77 -22.46 -29.03
CA PRO B 323 -2.89 -23.35 -30.18
C PRO B 323 -1.69 -23.43 -31.12
N GLN B 324 -0.61 -24.09 -30.66
CA GLN B 324 0.64 -24.19 -31.40
C GLN B 324 0.70 -25.46 -32.24
N ASN B 325 0.11 -26.54 -31.71
CA ASN B 325 0.24 -27.87 -32.28
C ASN B 325 -1.07 -28.63 -32.05
N ALA B 326 -1.64 -29.23 -33.09
CA ALA B 326 -2.99 -29.80 -32.99
C ALA B 326 -2.99 -31.00 -32.04
N LYS B 327 -1.95 -31.83 -32.13
CA LYS B 327 -1.87 -33.02 -31.31
C LYS B 327 -1.84 -32.59 -29.86
N ASP B 328 -0.94 -31.67 -29.49
CA ASP B 328 -0.77 -31.25 -28.12
C ASP B 328 -2.06 -30.62 -27.58
N LEU B 329 -2.71 -29.77 -28.38
CA LEU B 329 -3.94 -29.15 -27.91
C LEU B 329 -5.00 -30.23 -27.68
N ALA B 330 -5.18 -31.14 -28.63
CA ALA B 330 -6.17 -32.20 -28.46
C ALA B 330 -5.91 -32.99 -27.19
N LEU B 331 -4.66 -33.39 -26.99
CA LEU B 331 -4.28 -34.14 -25.80
C LEU B 331 -4.49 -33.34 -24.52
N THR B 332 -4.20 -32.04 -24.57
CA THR B 332 -4.47 -31.18 -23.42
C THR B 332 -5.94 -31.21 -23.04
N ILE B 333 -6.82 -31.11 -24.04
CA ILE B 333 -8.26 -31.09 -23.84
C ILE B 333 -8.73 -32.44 -23.29
N LEU B 334 -8.34 -33.53 -23.96
CA LEU B 334 -8.65 -34.86 -23.49
C LEU B 334 -8.25 -35.07 -22.04
N HIS B 335 -7.10 -34.54 -21.63
CA HIS B 335 -6.62 -34.73 -20.27
CA HIS B 335 -6.58 -34.69 -20.28
C HIS B 335 -7.39 -33.86 -19.27
N ARG B 336 -7.71 -32.60 -19.64
CA ARG B 336 -8.42 -31.73 -18.72
C ARG B 336 -9.88 -32.20 -18.56
N MET B 337 -10.37 -32.99 -19.51
CA MET B 337 -11.71 -33.57 -19.46
C MET B 337 -12.00 -34.30 -18.16
N ARG B 338 -10.96 -34.88 -17.53
CA ARG B 338 -11.13 -35.72 -16.35
C ARG B 338 -10.62 -34.99 -15.11
N THR B 339 -10.45 -33.67 -15.17
CA THR B 339 -10.05 -32.87 -14.03
C THR B 339 -11.26 -32.09 -13.53
N LYS B 340 -11.17 -31.66 -12.27
CA LYS B 340 -12.07 -30.66 -11.74
C LYS B 340 -11.18 -29.75 -10.93
N GLY B 341 -11.72 -28.58 -10.57
CA GLY B 341 -11.03 -27.62 -9.74
C GLY B 341 -11.49 -27.70 -8.29
N VAL B 342 -11.08 -26.69 -7.51
CA VAL B 342 -11.31 -26.67 -6.08
C VAL B 342 -12.77 -26.33 -5.86
N GLU B 343 -13.44 -27.24 -5.14
CA GLU B 343 -14.83 -27.03 -4.81
C GLU B 343 -14.84 -26.03 -3.69
N ILE B 344 -14.83 -24.75 -4.08
CA ILE B 344 -14.99 -23.61 -3.20
C ILE B 344 -15.62 -22.48 -4.02
N ASP B 345 -16.14 -21.44 -3.34
CA ASP B 345 -16.82 -20.36 -4.08
C ASP B 345 -15.87 -19.19 -4.29
N LEU B 346 -15.75 -18.78 -5.54
CA LEU B 346 -14.91 -17.66 -5.91
C LEU B 346 -15.70 -16.35 -6.04
N TYR B 347 -16.98 -16.45 -6.40
CA TYR B 347 -17.79 -15.31 -6.79
C TYR B 347 -19.10 -15.25 -6.00
N GLY B 348 -19.04 -15.64 -4.74
CA GLY B 348 -20.22 -15.62 -3.90
C GLY B 348 -20.98 -16.94 -3.97
N ASP B 349 -22.11 -16.99 -3.28
CA ASP B 349 -22.84 -18.22 -3.07
C ASP B 349 -24.07 -18.30 -3.99
N GLY B 350 -24.18 -17.40 -4.98
CA GLY B 350 -25.34 -17.36 -5.86
C GLY B 350 -26.48 -16.54 -5.27
N ARG B 351 -26.19 -15.83 -4.17
CA ARG B 351 -27.17 -14.96 -3.52
C ARG B 351 -26.62 -13.55 -3.37
N ALA B 352 -25.87 -13.10 -4.37
CA ALA B 352 -25.32 -11.75 -4.33
C ALA B 352 -26.47 -10.73 -4.38
N SER B 353 -27.52 -11.08 -5.13
CA SER B 353 -28.68 -10.24 -5.31
C SER B 353 -29.37 -9.88 -3.98
N GLN B 354 -29.50 -10.85 -3.05
CA GLN B 354 -30.13 -10.54 -1.77
C GLN B 354 -29.22 -9.63 -0.95
N LYS B 355 -27.92 -9.85 -0.99
CA LYS B 355 -26.99 -9.02 -0.24
C LYS B 355 -27.03 -7.56 -0.70
N ILE B 356 -27.15 -7.36 -2.02
CA ILE B 356 -27.29 -6.02 -2.58
C ILE B 356 -28.58 -5.37 -2.09
N SER B 357 -29.69 -6.09 -2.23
CA SER B 357 -30.96 -5.57 -1.84
C SER B 357 -30.94 -5.13 -0.37
N ASP B 358 -30.26 -5.90 0.48
CA ASP B 358 -30.27 -5.67 1.92
C ASP B 358 -29.66 -4.30 2.24
N PHE B 359 -28.63 -3.90 1.49
CA PHE B 359 -27.96 -2.64 1.73
C PHE B 359 -28.79 -1.50 1.16
N LEU B 360 -29.73 -1.83 0.28
CA LEU B 360 -30.53 -0.83 -0.43
C LEU B 360 -31.81 -0.50 0.34
N ARG B 361 -32.44 -1.56 0.89
CA ARG B 361 -33.76 -1.50 1.52
C ARG B 361 -33.64 -0.98 2.95
N LYS B 362 -32.50 -0.35 3.28
CA LYS B 362 -32.16 0.01 4.65
C LYS B 362 -32.84 1.33 5.02
N HIS C 2 42.81 -11.40 -7.03
CA HIS C 2 44.26 -11.40 -6.67
C HIS C 2 44.48 -11.89 -5.25
N MET C 3 43.65 -11.50 -4.28
CA MET C 3 43.75 -12.01 -2.91
C MET C 3 42.68 -13.07 -2.71
N TRP C 4 42.79 -13.90 -1.66
CA TRP C 4 41.74 -14.85 -1.34
C TRP C 4 40.40 -14.13 -1.21
N VAL C 5 39.33 -14.79 -1.66
CA VAL C 5 38.02 -14.47 -1.14
C VAL C 5 37.62 -15.56 -0.15
N LYS C 6 37.38 -15.17 1.11
CA LYS C 6 37.05 -16.15 2.16
C LYS C 6 35.54 -16.21 2.37
N ILE C 7 35.00 -17.42 2.10
CA ILE C 7 33.57 -17.64 2.18
C ILE C 7 33.31 -18.60 3.32
N LEU C 8 32.64 -18.10 4.36
CA LEU C 8 32.41 -18.87 5.56
C LEU C 8 30.94 -19.30 5.61
N SER C 9 30.72 -20.62 5.77
CA SER C 9 29.40 -21.21 5.81
C SER C 9 29.05 -21.59 7.23
N VAL C 10 27.85 -21.19 7.68
CA VAL C 10 27.36 -21.53 9.01
C VAL C 10 26.26 -22.58 8.84
N VAL C 11 26.39 -23.72 9.54
CA VAL C 11 25.40 -24.78 9.46
C VAL C 11 25.13 -25.35 10.85
N GLY C 12 23.84 -25.66 11.08
CA GLY C 12 23.37 -26.28 12.30
C GLY C 12 22.99 -27.75 12.04
N ALA C 13 21.85 -27.95 11.38
CA ALA C 13 21.21 -29.24 11.24
C ALA C 13 21.67 -29.96 9.96
N ARG C 14 21.40 -31.27 9.91
CA ARG C 14 21.91 -32.13 8.85
C ARG C 14 21.46 -31.68 7.46
N PRO C 15 20.23 -31.22 7.25
CA PRO C 15 19.86 -30.71 5.93
C PRO C 15 20.79 -29.59 5.47
N GLN C 16 21.25 -28.77 6.42
CA GLN C 16 22.14 -27.65 6.09
C GLN C 16 23.54 -28.16 5.73
N PHE C 17 24.00 -29.25 6.35
CA PHE C 17 25.29 -29.81 5.95
C PHE C 17 25.24 -30.20 4.47
N ILE C 18 24.12 -30.77 4.07
CA ILE C 18 23.96 -31.24 2.71
C ILE C 18 23.96 -30.05 1.75
N LYS C 19 23.21 -28.99 2.12
CA LYS C 19 23.14 -27.79 1.30
C LYS C 19 24.53 -27.16 1.15
N ALA C 20 25.24 -27.02 2.28
CA ALA C 20 26.54 -26.38 2.27
C ALA C 20 27.55 -27.23 1.51
N ALA C 21 27.46 -28.57 1.63
CA ALA C 21 28.33 -29.48 0.92
C ALA C 21 28.18 -29.28 -0.58
N ALA C 22 26.95 -29.09 -1.05
CA ALA C 22 26.72 -28.91 -2.47
C ALA C 22 27.34 -27.58 -2.95
N VAL C 23 27.15 -26.51 -2.17
CA VAL C 23 27.76 -25.23 -2.49
C VAL C 23 29.29 -25.35 -2.43
N SER C 24 29.82 -26.10 -1.47
CA SER C 24 31.25 -26.31 -1.29
CA SER C 24 31.26 -26.26 -1.31
C SER C 24 31.89 -27.05 -2.47
N ARG C 25 31.14 -27.97 -3.10
CA ARG C 25 31.67 -28.71 -4.24
C ARG C 25 32.01 -27.73 -5.37
N VAL C 26 31.25 -26.64 -5.46
CA VAL C 26 31.59 -25.58 -6.39
C VAL C 26 32.70 -24.68 -5.82
N LEU C 27 32.58 -24.23 -4.57
CA LEU C 27 33.50 -23.23 -4.05
C LEU C 27 34.93 -23.76 -4.02
N ARG C 28 35.07 -25.05 -3.67
CA ARG C 28 36.40 -25.61 -3.50
C ARG C 28 37.10 -25.74 -4.85
N ALA C 29 36.35 -25.65 -5.96
CA ALA C 29 36.88 -25.74 -7.31
C ALA C 29 36.95 -24.36 -7.96
N SER C 30 36.55 -23.32 -7.23
CA SER C 30 36.50 -21.97 -7.73
C SER C 30 37.84 -21.27 -7.47
N PRO C 31 38.57 -20.79 -8.50
CA PRO C 31 39.85 -20.12 -8.28
C PRO C 31 39.76 -18.98 -7.26
N GLY C 32 40.72 -18.98 -6.33
CA GLY C 32 40.92 -17.87 -5.42
C GLY C 32 39.97 -17.90 -4.23
N VAL C 33 39.15 -18.94 -4.08
CA VAL C 33 38.25 -19.01 -2.94
C VAL C 33 38.88 -19.82 -1.81
N ARG C 34 38.74 -19.35 -0.56
CA ARG C 34 39.05 -20.21 0.57
C ARG C 34 37.79 -20.33 1.41
N GLU C 35 37.55 -21.52 1.95
CA GLU C 35 36.32 -21.78 2.67
C GLU C 35 36.57 -21.93 4.17
N VAL C 36 35.55 -21.59 4.96
CA VAL C 36 35.53 -21.92 6.38
C VAL C 36 34.14 -22.49 6.64
N LEU C 37 34.08 -23.61 7.36
CA LEU C 37 32.83 -24.27 7.69
C LEU C 37 32.65 -24.27 9.19
N VAL C 38 31.57 -23.60 9.64
CA VAL C 38 31.25 -23.52 11.04
C VAL C 38 29.97 -24.31 11.30
N HIS C 39 30.14 -25.40 12.08
CA HIS C 39 29.04 -26.12 12.65
C HIS C 39 28.71 -25.50 13.99
N THR C 40 27.44 -25.20 14.23
CA THR C 40 27.04 -24.55 15.47
C THR C 40 26.85 -25.57 16.59
N GLY C 41 26.66 -26.85 16.22
CA GLY C 41 26.28 -27.93 17.13
C GLY C 41 27.49 -28.73 17.65
N GLN C 42 27.22 -29.99 18.00
CA GLN C 42 28.19 -30.89 18.60
C GLN C 42 28.91 -31.72 17.54
N HIS C 43 30.14 -32.15 17.86
CA HIS C 43 30.75 -33.27 17.14
C HIS C 43 30.08 -34.57 17.58
N TYR C 44 29.87 -35.51 16.65
CA TYR C 44 29.30 -36.80 16.98
C TYR C 44 30.23 -37.90 16.49
N ASP C 45 30.18 -39.06 17.16
CA ASP C 45 31.01 -40.19 16.79
C ASP C 45 30.20 -41.48 16.77
N ASP C 46 28.87 -41.39 16.92
CA ASP C 46 28.02 -42.54 16.72
C ASP C 46 28.15 -43.01 15.27
N ASN C 47 27.76 -44.26 15.02
CA ASN C 47 28.10 -44.89 13.75
C ASN C 47 27.32 -44.23 12.62
N MET C 48 26.03 -43.95 12.84
CA MET C 48 25.18 -43.38 11.80
C MET C 48 25.65 -41.98 11.41
N SER C 49 26.11 -41.20 12.38
CA SER C 49 26.74 -39.92 12.12
C SER C 49 28.00 -40.07 11.25
N GLN C 50 28.94 -40.93 11.64
CA GLN C 50 30.16 -41.05 10.85
C GLN C 50 29.85 -41.48 9.41
N VAL C 51 28.86 -42.36 9.25
CA VAL C 51 28.47 -42.82 7.94
C VAL C 51 27.89 -41.66 7.14
N PHE C 52 27.09 -40.82 7.79
CA PHE C 52 26.50 -39.66 7.15
C PHE C 52 27.59 -38.79 6.52
N PHE C 53 28.59 -38.38 7.31
CA PHE C 53 29.61 -37.45 6.82
C PHE C 53 30.44 -38.10 5.70
N GLU C 54 30.69 -39.41 5.82
CA GLU C 54 31.54 -40.13 4.88
C GLU C 54 30.77 -40.34 3.58
N GLU C 55 29.61 -40.98 3.67
CA GLU C 55 28.84 -41.34 2.49
C GLU C 55 28.43 -40.08 1.73
N LEU C 56 28.06 -39.04 2.48
CA LEU C 56 27.51 -37.87 1.83
C LEU C 56 28.59 -36.82 1.58
N GLU C 57 29.85 -37.17 1.80
CA GLU C 57 30.98 -36.34 1.42
C GLU C 57 30.85 -34.95 2.04
N ILE C 58 30.50 -34.93 3.34
CA ILE C 58 30.35 -33.69 4.08
C ILE C 58 31.72 -33.24 4.54
N PRO C 59 32.24 -32.05 4.14
CA PRO C 59 33.52 -31.59 4.65
C PRO C 59 33.57 -31.54 6.18
N ASP C 60 34.76 -31.79 6.72
CA ASP C 60 35.01 -31.76 8.14
CA ASP C 60 35.01 -31.75 8.15
C ASP C 60 34.90 -30.30 8.60
N PRO C 61 33.99 -29.95 9.54
CA PRO C 61 33.89 -28.55 9.97
C PRO C 61 35.19 -28.03 10.56
N ASP C 62 35.54 -26.77 10.26
CA ASP C 62 36.67 -26.12 10.90
C ASP C 62 36.37 -25.75 12.36
N TYR C 63 35.08 -25.58 12.68
CA TYR C 63 34.64 -25.22 14.01
C TYR C 63 33.39 -26.01 14.37
N HIS C 64 33.34 -26.52 15.59
CA HIS C 64 32.12 -27.00 16.19
C HIS C 64 31.86 -26.16 17.43
N LEU C 65 30.78 -25.38 17.44
CA LEU C 65 30.58 -24.46 18.55
C LEU C 65 30.00 -25.16 19.76
N GLY C 66 29.37 -26.33 19.59
CA GLY C 66 28.95 -27.16 20.71
C GLY C 66 27.66 -26.70 21.39
N ILE C 67 26.80 -26.00 20.65
CA ILE C 67 25.55 -25.44 21.16
C ILE C 67 24.38 -26.28 20.70
N GLY C 68 23.46 -26.55 21.62
CA GLY C 68 22.26 -27.25 21.22
C GLY C 68 21.51 -27.80 22.41
N GLY C 69 20.27 -28.24 22.14
CA GLY C 69 19.44 -28.93 23.11
C GLY C 69 18.78 -27.99 24.12
N GLY C 70 18.83 -26.68 23.89
CA GLY C 70 18.21 -25.72 24.78
C GLY C 70 16.90 -25.18 24.23
N THR C 71 16.38 -24.11 24.85
CA THR C 71 15.25 -23.38 24.30
C THR C 71 15.74 -22.56 23.11
N HIS C 72 14.80 -21.96 22.38
CA HIS C 72 15.17 -21.05 21.30
C HIS C 72 16.08 -19.93 21.77
N GLY C 73 15.76 -19.35 22.95
CA GLY C 73 16.51 -18.22 23.46
C GLY C 73 17.94 -18.60 23.81
N GLN C 74 18.08 -19.79 24.42
CA GLN C 74 19.39 -20.28 24.84
C GLN C 74 20.22 -20.62 23.60
N ASN C 75 19.66 -21.45 22.73
CA ASN C 75 20.39 -21.89 21.57
C ASN C 75 20.79 -20.68 20.74
N THR C 76 19.82 -19.78 20.49
CA THR C 76 20.03 -18.66 19.58
C THR C 76 21.02 -17.66 20.20
N GLY C 77 20.87 -17.41 21.51
CA GLY C 77 21.67 -16.41 22.18
C GLY C 77 23.13 -16.84 22.23
N ARG C 78 23.35 -18.12 22.57
CA ARG C 78 24.70 -18.64 22.64
C ARG C 78 25.33 -18.68 21.25
N MET C 79 24.56 -19.16 20.26
CA MET C 79 25.10 -19.22 18.90
C MET C 79 25.47 -17.84 18.38
N LEU C 80 24.67 -16.83 18.70
CA LEU C 80 24.97 -15.48 18.25
C LEU C 80 26.36 -15.05 18.73
N GLU C 81 26.60 -15.27 20.03
CA GLU C 81 27.84 -14.85 20.63
C GLU C 81 28.98 -15.72 20.06
N ALA C 82 28.79 -17.05 20.02
CA ALA C 82 29.86 -17.93 19.57
C ALA C 82 30.20 -17.68 18.10
N ILE C 83 29.20 -17.54 17.23
CA ILE C 83 29.46 -17.31 15.81
C ILE C 83 30.22 -16.01 15.65
N GLU C 84 29.77 -14.95 16.34
CA GLU C 84 30.41 -13.65 16.18
C GLU C 84 31.89 -13.78 16.51
N GLY C 85 32.18 -14.52 17.57
CA GLY C 85 33.56 -14.80 17.97
C GLY C 85 34.40 -15.40 16.82
N VAL C 86 33.83 -16.38 16.13
CA VAL C 86 34.55 -16.96 14.99
C VAL C 86 34.72 -15.92 13.87
N LEU C 87 33.66 -15.14 13.61
CA LEU C 87 33.71 -14.16 12.54
C LEU C 87 34.82 -13.13 12.76
N LEU C 88 35.02 -12.73 14.03
CA LEU C 88 36.03 -11.75 14.36
C LEU C 88 37.42 -12.34 14.16
N LYS C 89 37.58 -13.65 14.29
CA LYS C 89 38.86 -14.31 14.08
C LYS C 89 39.12 -14.50 12.58
N GLU C 90 38.12 -15.00 11.82
CA GLU C 90 38.32 -15.46 10.46
C GLU C 90 38.22 -14.31 9.46
N LYS C 91 37.47 -13.25 9.78
CA LYS C 91 37.31 -12.08 8.95
C LYS C 91 36.99 -12.52 7.52
N PRO C 92 35.87 -13.25 7.34
CA PRO C 92 35.49 -13.69 6.00
C PRO C 92 34.95 -12.53 5.18
N ASP C 93 34.97 -12.68 3.86
CA ASP C 93 34.42 -11.69 2.93
C ASP C 93 32.91 -11.90 2.77
N TRP C 94 32.47 -13.14 2.94
CA TRP C 94 31.06 -13.51 2.83
C TRP C 94 30.76 -14.49 3.96
N VAL C 95 29.55 -14.38 4.49
CA VAL C 95 28.99 -15.43 5.32
C VAL C 95 27.77 -15.99 4.59
N LEU C 96 27.71 -17.33 4.46
CA LEU C 96 26.56 -18.02 3.91
C LEU C 96 25.80 -18.72 5.04
N VAL C 97 24.49 -18.53 5.07
CA VAL C 97 23.60 -19.23 5.96
C VAL C 97 22.58 -19.98 5.11
N TYR C 98 22.06 -21.06 5.66
CA TYR C 98 21.31 -22.02 4.87
C TYR C 98 20.03 -22.44 5.59
N GLY C 99 18.95 -22.62 4.82
CA GLY C 99 17.71 -23.12 5.39
C GLY C 99 17.15 -22.05 6.32
N ASN C 100 16.46 -22.46 7.38
CA ASN C 100 15.70 -21.49 8.17
C ASN C 100 15.57 -21.95 9.63
N THR C 101 16.70 -22.26 10.27
CA THR C 101 16.70 -22.68 11.67
C THR C 101 17.28 -21.55 12.52
N ASP C 102 17.30 -21.77 13.83
CA ASP C 102 17.92 -20.79 14.70
C ASP C 102 19.40 -20.58 14.35
N SER C 103 20.09 -21.62 13.85
CA SER C 103 21.46 -21.44 13.42
C SER C 103 21.56 -20.42 12.29
N THR C 104 20.63 -20.50 11.33
CA THR C 104 20.59 -19.61 10.19
C THR C 104 20.47 -18.17 10.65
N LEU C 105 19.50 -17.93 11.55
CA LEU C 105 19.24 -16.59 12.04
C LEU C 105 20.45 -16.08 12.84
N ALA C 106 20.95 -16.90 13.76
CA ALA C 106 22.12 -16.48 14.53
C ALA C 106 23.29 -16.10 13.63
N GLY C 107 23.55 -16.90 12.57
CA GLY C 107 24.65 -16.60 11.68
C GLY C 107 24.47 -15.26 10.97
N ALA C 108 23.24 -15.02 10.48
CA ALA C 108 22.90 -13.79 9.78
C ALA C 108 23.06 -12.59 10.70
N LEU C 109 22.53 -12.72 11.92
CA LEU C 109 22.53 -11.61 12.85
C LEU C 109 23.94 -11.35 13.35
N ALA C 110 24.74 -12.40 13.59
CA ALA C 110 26.11 -12.18 14.00
C ALA C 110 26.89 -11.41 12.95
N ALA C 111 26.73 -11.81 11.68
CA ALA C 111 27.53 -11.21 10.61
C ALA C 111 27.07 -9.80 10.24
N VAL C 112 25.76 -9.54 10.19
CA VAL C 112 25.33 -8.25 9.67
CA VAL C 112 25.27 -8.26 9.71
C VAL C 112 25.76 -7.13 10.61
N LYS C 113 25.84 -7.40 11.93
CA LYS C 113 26.22 -6.35 12.87
C LYS C 113 27.71 -6.03 12.77
N LEU C 114 28.52 -6.94 12.21
CA LEU C 114 29.94 -6.72 11.92
C LEU C 114 30.14 -6.16 10.50
N HIS C 115 29.06 -5.85 9.79
CA HIS C 115 29.09 -5.42 8.40
C HIS C 115 29.77 -6.43 7.49
N ILE C 116 29.64 -7.73 7.77
CA ILE C 116 30.09 -8.75 6.84
C ILE C 116 28.91 -9.11 5.94
N PRO C 117 29.07 -9.03 4.58
CA PRO C 117 28.03 -9.51 3.66
C PRO C 117 27.51 -10.90 4.02
N VAL C 118 26.19 -11.04 3.98
CA VAL C 118 25.50 -12.28 4.26
C VAL C 118 24.63 -12.65 3.08
N ALA C 119 24.72 -13.93 2.68
CA ALA C 119 23.89 -14.48 1.64
C ALA C 119 23.07 -15.59 2.26
N HIS C 120 21.77 -15.57 2.04
CA HIS C 120 20.92 -16.63 2.53
C HIS C 120 20.63 -17.64 1.42
N VAL C 121 21.11 -18.86 1.61
CA VAL C 121 20.80 -19.97 0.72
C VAL C 121 19.47 -20.58 1.16
N GLU C 122 18.46 -20.44 0.26
CA GLU C 122 17.08 -20.90 0.42
C GLU C 122 16.25 -19.81 1.08
N ALA C 123 16.09 -18.70 0.35
CA ALA C 123 15.43 -17.48 0.80
C ALA C 123 14.04 -17.35 0.19
N GLY C 124 13.14 -16.70 0.95
CA GLY C 124 11.83 -16.31 0.47
C GLY C 124 10.74 -17.37 0.64
N LEU C 125 11.00 -18.47 1.32
CA LEU C 125 9.92 -19.42 1.58
C LEU C 125 8.95 -18.79 2.58
N ARG C 126 7.64 -18.96 2.34
CA ARG C 126 6.61 -18.49 3.28
C ARG C 126 5.44 -19.47 3.30
N SER C 127 5.06 -19.89 4.51
CA SER C 127 3.79 -20.55 4.75
C SER C 127 2.70 -19.52 5.04
N PHE C 128 3.11 -18.27 5.34
CA PHE C 128 2.22 -17.17 5.72
C PHE C 128 1.50 -17.44 7.04
N ASN C 129 2.15 -18.22 7.91
CA ASN C 129 1.63 -18.51 9.24
C ASN C 129 2.78 -18.41 10.23
N ARG C 130 2.77 -17.35 11.04
CA ARG C 130 3.86 -17.02 11.94
C ARG C 130 4.01 -17.97 13.12
N ARG C 131 3.05 -18.90 13.29
CA ARG C 131 3.12 -19.89 14.35
C ARG C 131 3.74 -21.21 13.85
N MET C 132 3.85 -21.40 12.52
CA MET C 132 4.51 -22.55 11.91
C MET C 132 6.00 -22.53 12.27
N PRO C 133 6.66 -23.70 12.45
CA PRO C 133 7.99 -23.77 13.07
C PRO C 133 9.01 -22.72 12.64
N GLU C 134 9.21 -22.60 11.33
CA GLU C 134 10.38 -21.89 10.83
C GLU C 134 10.01 -20.52 10.25
N GLU C 135 8.77 -20.05 10.41
CA GLU C 135 8.34 -18.89 9.63
C GLU C 135 9.05 -17.61 10.07
N ILE C 136 9.16 -17.40 11.38
CA ILE C 136 9.88 -16.25 11.93
C ILE C 136 11.34 -16.27 11.47
N ASN C 137 11.97 -17.45 11.52
CA ASN C 137 13.36 -17.56 11.05
C ASN C 137 13.48 -17.19 9.56
N ARG C 138 12.57 -17.68 8.72
CA ARG C 138 12.55 -17.34 7.30
C ARG C 138 12.53 -15.83 7.09
N ILE C 139 11.54 -15.16 7.73
CA ILE C 139 11.33 -13.74 7.54
C ILE C 139 12.56 -12.97 8.02
N LEU C 140 12.99 -13.24 9.27
CA LEU C 140 14.02 -12.41 9.87
C LEU C 140 15.36 -12.64 9.15
N THR C 141 15.63 -13.88 8.77
CA THR C 141 16.89 -14.16 8.10
C THR C 141 16.93 -13.45 6.75
N ASP C 142 15.80 -13.45 6.03
CA ASP C 142 15.72 -12.78 4.73
C ASP C 142 15.92 -11.26 4.87
N HIS C 143 15.33 -10.67 5.91
CA HIS C 143 15.45 -9.24 6.08
C HIS C 143 16.82 -8.86 6.63
N ALA C 144 17.56 -9.80 7.25
CA ALA C 144 18.90 -9.49 7.72
C ALA C 144 19.93 -9.61 6.60
N SER C 145 19.64 -10.39 5.56
CA SER C 145 20.67 -10.79 4.60
C SER C 145 20.91 -9.71 3.54
N ASP C 146 22.11 -9.78 2.93
CA ASP C 146 22.47 -8.89 1.83
C ASP C 146 22.03 -9.48 0.51
N LEU C 147 22.11 -10.81 0.39
CA LEU C 147 21.76 -11.46 -0.87
C LEU C 147 20.82 -12.60 -0.58
N LEU C 148 19.82 -12.77 -1.45
CA LEU C 148 18.76 -13.72 -1.22
C LEU C 148 18.73 -14.73 -2.35
N PHE C 149 19.03 -16.01 -2.05
CA PHE C 149 19.08 -17.03 -3.09
C PHE C 149 17.82 -17.88 -3.04
N ALA C 150 16.84 -17.51 -3.89
CA ALA C 150 15.50 -18.06 -3.89
C ALA C 150 15.46 -19.38 -4.65
N PRO C 151 14.71 -20.40 -4.19
CA PRO C 151 14.59 -21.65 -4.93
C PRO C 151 13.50 -21.67 -6.00
N THR C 152 12.57 -20.71 -5.93
CA THR C 152 11.39 -20.66 -6.81
C THR C 152 11.04 -19.20 -7.14
N GLU C 153 10.26 -19.04 -8.21
CA GLU C 153 9.74 -17.73 -8.55
C GLU C 153 8.75 -17.28 -7.47
N THR C 154 7.99 -18.19 -6.89
CA THR C 154 7.09 -17.86 -5.79
C THR C 154 7.90 -17.17 -4.67
N ALA C 155 9.05 -17.78 -4.33
CA ALA C 155 9.85 -17.25 -3.23
C ALA C 155 10.38 -15.87 -3.62
N VAL C 156 10.76 -15.67 -4.88
CA VAL C 156 11.18 -14.36 -5.35
C VAL C 156 10.06 -13.32 -5.11
N GLN C 157 8.82 -13.68 -5.47
CA GLN C 157 7.68 -12.76 -5.33
C GLN C 157 7.42 -12.46 -3.86
N ASN C 158 7.48 -13.49 -3.00
CA ASN C 158 7.40 -13.30 -1.56
C ASN C 158 8.40 -12.24 -1.08
N LEU C 159 9.64 -12.31 -1.53
CA LEU C 159 10.66 -11.35 -1.11
C LEU C 159 10.36 -9.95 -1.64
N LEU C 160 9.89 -9.83 -2.87
CA LEU C 160 9.61 -8.51 -3.42
C LEU C 160 8.45 -7.86 -2.67
N ARG C 161 7.45 -8.68 -2.29
CA ARG C 161 6.24 -8.22 -1.61
C ARG C 161 6.60 -7.67 -0.23
N GLU C 162 7.79 -8.04 0.29
CA GLU C 162 8.25 -7.57 1.59
C GLU C 162 9.28 -6.45 1.41
N GLY C 163 9.30 -5.86 0.21
CA GLY C 163 10.06 -4.66 -0.03
C GLY C 163 11.55 -4.92 -0.28
N ILE C 164 11.96 -6.19 -0.36
CA ILE C 164 13.37 -6.46 -0.64
C ILE C 164 13.59 -6.19 -2.13
N PRO C 165 14.58 -5.36 -2.50
CA PRO C 165 14.80 -4.99 -3.89
C PRO C 165 15.31 -6.13 -4.77
N GLU C 166 14.86 -6.07 -6.02
CA GLU C 166 15.18 -7.04 -7.06
C GLU C 166 16.68 -7.28 -7.14
N ASN C 167 17.50 -6.24 -6.99
CA ASN C 167 18.92 -6.37 -7.25
C ASN C 167 19.60 -7.21 -6.15
N ARG C 168 18.87 -7.55 -5.07
CA ARG C 168 19.42 -8.35 -3.98
C ARG C 168 18.83 -9.77 -4.02
N ILE C 169 17.99 -10.07 -5.01
CA ILE C 169 17.34 -11.36 -5.07
C ILE C 169 17.83 -12.11 -6.32
N HIS C 170 18.12 -13.40 -6.14
CA HIS C 170 18.58 -14.20 -7.25
C HIS C 170 17.86 -15.55 -7.24
N LEU C 171 17.13 -15.82 -8.32
CA LEU C 171 16.50 -17.12 -8.48
C LEU C 171 17.52 -18.13 -8.98
N VAL C 172 17.89 -19.08 -8.13
CA VAL C 172 18.96 -20.01 -8.47
C VAL C 172 18.45 -21.44 -8.34
N GLY C 173 17.26 -21.63 -7.79
CA GLY C 173 16.76 -22.96 -7.49
C GLY C 173 17.27 -23.51 -6.15
N ASP C 174 17.01 -24.80 -5.93
CA ASP C 174 17.28 -25.47 -4.68
C ASP C 174 18.52 -26.39 -4.79
N VAL C 175 19.53 -26.12 -3.95
CA VAL C 175 20.77 -26.87 -4.00
C VAL C 175 20.52 -28.31 -3.56
N MET C 176 19.38 -28.59 -2.93
CA MET C 176 19.05 -29.96 -2.57
C MET C 176 18.86 -30.80 -3.83
N TYR C 177 18.52 -30.16 -4.96
CA TYR C 177 18.36 -30.89 -6.20
C TYR C 177 19.73 -31.28 -6.73
N ASP C 178 20.66 -30.33 -6.67
CA ASP C 178 22.06 -30.60 -7.02
C ASP C 178 22.53 -31.82 -6.22
N ALA C 179 22.22 -31.83 -4.92
CA ALA C 179 22.65 -32.89 -4.04
C ALA C 179 22.01 -34.22 -4.42
N ALA C 180 20.70 -34.22 -4.67
CA ALA C 180 20.01 -35.45 -5.01
C ALA C 180 20.66 -36.06 -6.26
N LEU C 181 21.09 -35.22 -7.22
CA LEU C 181 21.69 -35.72 -8.44
C LEU C 181 23.07 -36.30 -8.14
N HIS C 182 23.83 -35.61 -7.29
CA HIS C 182 25.18 -36.03 -6.94
C HIS C 182 25.10 -37.39 -6.24
N TYR C 183 24.25 -37.51 -5.23
CA TYR C 183 24.16 -38.75 -4.46
C TYR C 183 23.45 -39.86 -5.24
N GLY C 184 22.52 -39.47 -6.13
CA GLY C 184 21.92 -40.40 -7.07
C GLY C 184 22.97 -41.11 -7.91
N ALA C 185 23.88 -40.37 -8.53
CA ALA C 185 24.95 -40.99 -9.31
C ALA C 185 25.77 -41.94 -8.44
N LYS C 186 26.16 -41.47 -7.24
CA LYS C 186 26.97 -42.23 -6.32
C LYS C 186 26.25 -43.52 -5.91
N ALA C 187 24.96 -43.41 -5.58
CA ALA C 187 24.18 -44.57 -5.20
C ALA C 187 24.18 -45.64 -6.30
N GLU C 188 23.95 -45.23 -7.55
CA GLU C 188 23.99 -46.17 -8.67
C GLU C 188 25.35 -46.88 -8.74
N ARG C 189 26.44 -46.15 -8.47
CA ARG C 189 27.78 -46.74 -8.56
C ARG C 189 28.07 -47.70 -7.40
N LYS C 190 27.53 -47.46 -6.21
CA LYS C 190 28.04 -48.15 -5.01
C LYS C 190 26.98 -48.89 -4.19
N SER C 191 25.69 -48.54 -4.28
CA SER C 191 24.70 -49.17 -3.43
C SER C 191 24.28 -50.51 -4.02
N ARG C 192 24.30 -51.55 -3.19
CA ARG C 192 23.97 -52.90 -3.60
C ARG C 192 22.69 -53.36 -2.93
N ILE C 193 21.93 -52.42 -2.37
CA ILE C 193 20.79 -52.79 -1.54
C ILE C 193 19.75 -53.54 -2.38
N LEU C 194 19.51 -53.13 -3.63
CA LEU C 194 18.53 -53.83 -4.46
C LEU C 194 18.96 -55.30 -4.60
N GLU C 195 20.23 -55.54 -4.95
CA GLU C 195 20.78 -56.89 -5.06
C GLU C 195 20.59 -57.67 -3.76
N ARG C 196 20.85 -57.04 -2.61
CA ARG C 196 20.72 -57.72 -1.33
C ARG C 196 19.28 -58.15 -1.08
N LEU C 197 18.31 -57.30 -1.40
CA LEU C 197 16.91 -57.59 -1.09
C LEU C 197 16.24 -58.36 -2.23
N GLY C 198 16.95 -58.64 -3.32
CA GLY C 198 16.41 -59.38 -4.45
C GLY C 198 15.32 -58.59 -5.20
N LEU C 199 15.57 -57.29 -5.41
CA LEU C 199 14.60 -56.41 -6.03
C LEU C 199 15.16 -55.86 -7.32
N GLN C 200 14.27 -55.60 -8.28
CA GLN C 200 14.63 -54.98 -9.53
C GLN C 200 14.21 -53.50 -9.49
N ALA C 201 14.98 -52.66 -10.17
CA ALA C 201 14.63 -51.26 -10.35
C ALA C 201 13.21 -51.20 -10.90
N LYS C 202 12.39 -50.33 -10.30
CA LYS C 202 11.01 -50.10 -10.68
C LYS C 202 10.16 -51.35 -10.46
N GLY C 203 10.52 -52.20 -9.48
CA GLY C 203 9.75 -53.39 -9.17
C GLY C 203 9.33 -53.48 -7.71
N TYR C 204 9.12 -52.31 -7.07
CA TYR C 204 8.75 -52.22 -5.67
C TYR C 204 8.27 -50.79 -5.39
N VAL C 205 7.48 -50.66 -4.32
CA VAL C 205 7.06 -49.40 -3.73
C VAL C 205 7.85 -49.20 -2.45
N LEU C 206 8.29 -47.95 -2.18
CA LEU C 206 8.99 -47.61 -0.94
C LEU C 206 8.09 -46.80 -0.03
N ALA C 207 8.02 -47.20 1.24
CA ALA C 207 7.24 -46.51 2.26
C ALA C 207 8.15 -46.01 3.39
N THR C 208 7.94 -44.76 3.82
CA THR C 208 8.48 -44.23 5.07
C THR C 208 7.40 -43.41 5.79
N ILE C 209 7.12 -43.78 7.06
CA ILE C 209 6.25 -42.97 7.91
C ILE C 209 7.03 -42.57 9.17
N HIS C 210 7.06 -41.25 9.46
CA HIS C 210 7.90 -40.65 10.49
C HIS C 210 7.15 -39.69 11.39
N ARG C 211 5.89 -39.35 11.10
CA ARG C 211 5.22 -38.23 11.74
C ARG C 211 4.34 -38.68 12.92
N ALA C 212 4.06 -37.71 13.81
CA ALA C 212 3.21 -37.90 14.98
C ALA C 212 1.76 -38.12 14.57
N GLU C 213 1.26 -37.28 13.65
CA GLU C 213 -0.13 -37.37 13.24
C GLU C 213 -0.46 -38.77 12.69
N ASN C 214 0.55 -39.59 12.35
CA ASN C 214 0.33 -40.94 11.86
C ASN C 214 0.74 -42.01 12.88
N THR C 215 1.90 -41.85 13.53
CA THR C 215 2.47 -42.87 14.43
C THR C 215 1.78 -42.88 15.80
N ASP C 216 1.15 -41.76 16.15
CA ASP C 216 0.66 -41.46 17.49
C ASP C 216 -0.88 -41.48 17.48
N ASP C 217 -1.46 -42.39 16.69
CA ASP C 217 -2.90 -42.53 16.58
C ASP C 217 -3.21 -43.91 15.98
N GLN C 218 -3.84 -44.78 16.78
CA GLN C 218 -4.02 -46.18 16.42
C GLN C 218 -4.71 -46.33 15.07
N GLU C 219 -5.84 -45.63 14.85
CA GLU C 219 -6.63 -45.77 13.63
C GLU C 219 -5.79 -45.52 12.38
N ARG C 220 -5.07 -44.39 12.39
CA ARG C 220 -4.27 -43.96 11.25
C ARG C 220 -3.28 -45.05 10.85
N LEU C 221 -2.46 -45.49 11.82
CA LEU C 221 -1.37 -46.42 11.56
C LEU C 221 -1.93 -47.77 11.12
N ARG C 222 -3.09 -48.14 11.67
CA ARG C 222 -3.86 -49.28 11.21
C ARG C 222 -4.13 -49.14 9.71
N VAL C 223 -4.63 -47.96 9.32
CA VAL C 223 -5.01 -47.73 7.94
C VAL C 223 -3.77 -47.82 7.05
N ILE C 224 -2.65 -47.28 7.54
CA ILE C 224 -1.45 -47.23 6.72
C ILE C 224 -0.83 -48.61 6.58
N LEU C 225 -0.63 -49.32 7.71
CA LEU C 225 0.06 -50.60 7.63
C LEU C 225 -0.79 -51.60 6.84
N GLU C 226 -2.11 -51.49 6.94
CA GLU C 226 -2.99 -52.43 6.26
C GLU C 226 -3.05 -52.12 4.77
N ALA C 227 -3.14 -50.82 4.43
CA ALA C 227 -3.06 -50.38 3.05
C ALA C 227 -1.80 -50.96 2.40
N LEU C 228 -0.66 -50.83 3.08
CA LEU C 228 0.62 -51.24 2.52
C LEU C 228 0.66 -52.75 2.32
N ALA C 229 0.08 -53.50 3.28
CA ALA C 229 0.11 -54.95 3.22
C ALA C 229 -0.69 -55.46 2.02
N GLU C 230 -1.74 -54.73 1.63
CA GLU C 230 -2.52 -55.12 0.47
C GLU C 230 -1.78 -54.75 -0.82
N VAL C 231 -1.18 -53.56 -0.86
CA VAL C 231 -0.38 -53.15 -2.02
C VAL C 231 0.69 -54.22 -2.28
N HIS C 232 1.31 -54.70 -1.19
CA HIS C 232 2.42 -55.64 -1.26
C HIS C 232 2.09 -56.87 -2.12
N GLN C 233 0.84 -57.33 -2.11
CA GLN C 233 0.42 -58.51 -2.86
C GLN C 233 0.47 -58.28 -4.37
N GLU C 234 0.30 -57.03 -4.83
CA GLU C 234 0.43 -56.65 -6.22
C GLU C 234 1.87 -56.26 -6.58
N VAL C 235 2.51 -55.45 -5.72
CA VAL C 235 3.87 -54.97 -5.97
C VAL C 235 4.57 -54.90 -4.63
N PRO C 236 5.76 -55.52 -4.46
CA PRO C 236 6.44 -55.57 -3.16
C PRO C 236 6.70 -54.19 -2.53
N VAL C 237 6.45 -54.08 -1.23
CA VAL C 237 6.57 -52.84 -0.47
C VAL C 237 7.78 -52.93 0.44
N VAL C 238 8.75 -52.03 0.23
CA VAL C 238 9.94 -51.95 1.05
C VAL C 238 9.72 -50.82 2.04
N PHE C 239 9.77 -51.16 3.33
CA PHE C 239 9.42 -50.25 4.40
C PHE C 239 10.54 -50.24 5.44
N PRO C 240 11.56 -49.38 5.27
CA PRO C 240 12.48 -49.06 6.37
C PRO C 240 11.70 -48.33 7.45
N VAL C 241 11.58 -48.95 8.63
CA VAL C 241 10.69 -48.46 9.67
C VAL C 241 11.50 -47.67 10.69
N HIS C 242 10.99 -46.49 11.05
CA HIS C 242 11.60 -45.61 12.04
C HIS C 242 11.69 -46.36 13.38
N PRO C 243 12.70 -46.06 14.23
CA PRO C 243 12.73 -46.58 15.61
C PRO C 243 11.43 -46.36 16.40
N ARG C 244 10.95 -45.11 16.45
CA ARG C 244 9.73 -44.75 17.16
C ARG C 244 8.52 -45.48 16.57
N THR C 245 8.55 -45.69 15.24
CA THR C 245 7.41 -46.24 14.52
C THR C 245 7.32 -47.75 14.75
N ARG C 246 8.47 -48.42 14.93
CA ARG C 246 8.44 -49.86 15.19
C ARG C 246 7.97 -50.10 16.62
N LYS C 247 8.28 -49.16 17.52
CA LYS C 247 7.83 -49.19 18.90
C LYS C 247 6.33 -48.92 19.00
N ARG C 248 5.91 -47.71 18.58
CA ARG C 248 4.53 -47.28 18.72
C ARG C 248 3.56 -48.26 18.05
N ALA C 249 4.05 -49.13 17.14
CA ALA C 249 3.20 -49.93 16.27
C ALA C 249 3.05 -51.37 16.77
N GLU C 250 4.17 -51.98 17.19
CA GLU C 250 4.10 -53.31 17.80
C GLU C 250 3.35 -53.21 19.13
N ALA C 251 3.40 -52.04 19.75
CA ALA C 251 2.52 -51.69 20.87
C ALA C 251 1.06 -51.80 20.42
N PHE C 252 0.61 -50.94 19.50
CA PHE C 252 -0.77 -50.96 19.02
C PHE C 252 -1.13 -52.31 18.40
N GLY C 253 -0.18 -53.27 18.40
CA GLY C 253 -0.46 -54.66 18.13
C GLY C 253 -0.44 -55.00 16.65
N LEU C 254 0.08 -54.08 15.83
CA LEU C 254 0.04 -54.19 14.38
C LEU C 254 1.30 -54.88 13.87
N GLY C 255 2.10 -55.44 14.79
CA GLY C 255 3.37 -56.08 14.47
C GLY C 255 3.25 -57.19 13.43
N SER C 256 2.04 -57.76 13.30
CA SER C 256 1.75 -58.78 12.29
C SER C 256 1.90 -58.20 10.89
N TYR C 257 1.45 -56.95 10.71
CA TYR C 257 1.36 -56.32 9.40
C TYR C 257 2.75 -56.09 8.79
N LEU C 258 3.82 -56.13 9.58
CA LEU C 258 5.14 -55.82 9.08
C LEU C 258 5.79 -57.02 8.39
N GLU C 259 5.35 -58.25 8.69
CA GLU C 259 5.89 -59.43 8.02
C GLU C 259 5.36 -59.56 6.60
N LYS C 260 4.15 -59.05 6.37
CA LYS C 260 3.51 -59.16 5.06
C LYS C 260 4.21 -58.22 4.08
N VAL C 261 4.98 -57.27 4.62
CA VAL C 261 5.73 -56.26 3.86
C VAL C 261 7.22 -56.56 4.03
N VAL C 262 8.09 -56.05 3.15
CA VAL C 262 9.53 -56.21 3.33
C VAL C 262 10.03 -55.15 4.31
N ALA C 263 9.75 -55.36 5.61
CA ALA C 263 10.15 -54.42 6.65
C ALA C 263 11.66 -54.49 6.84
N LEU C 264 12.30 -53.34 7.00
CA LEU C 264 13.74 -53.28 7.19
C LEU C 264 14.05 -52.47 8.42
N GLU C 265 15.25 -52.71 8.97
CA GLU C 265 15.93 -51.77 9.84
C GLU C 265 16.32 -50.54 9.01
N PRO C 266 16.31 -49.32 9.58
CA PRO C 266 16.77 -48.14 8.85
C PRO C 266 18.10 -48.43 8.15
N VAL C 267 18.27 -47.81 6.97
CA VAL C 267 19.38 -48.12 6.09
C VAL C 267 20.26 -46.89 6.00
N GLY C 268 21.46 -47.10 5.44
CA GLY C 268 22.40 -46.00 5.24
C GLY C 268 21.82 -44.98 4.27
N TYR C 269 22.50 -43.84 4.12
CA TYR C 269 21.99 -42.72 3.37
C TYR C 269 22.00 -43.04 1.86
N LEU C 270 23.09 -43.64 1.37
CA LEU C 270 23.20 -43.93 -0.05
C LEU C 270 22.27 -45.08 -0.42
N ASP C 271 22.06 -46.02 0.52
CA ASP C 271 21.13 -47.11 0.30
C ASP C 271 19.69 -46.57 0.21
N MET C 272 19.38 -45.56 1.01
CA MET C 272 18.06 -44.93 0.98
C MET C 272 17.86 -44.18 -0.35
N VAL C 273 18.86 -43.45 -0.80
CA VAL C 273 18.81 -42.80 -2.10
C VAL C 273 18.54 -43.86 -3.18
N MET C 274 19.20 -45.02 -3.09
CA MET C 274 19.10 -46.05 -4.09
C MET C 274 17.68 -46.59 -4.15
N LEU C 275 17.09 -46.82 -2.97
CA LEU C 275 15.72 -47.28 -2.85
C LEU C 275 14.74 -46.25 -3.42
N GLU C 276 14.93 -44.98 -3.05
CA GLU C 276 14.07 -43.92 -3.53
C GLU C 276 14.12 -43.83 -5.05
N LYS C 277 15.32 -43.71 -5.66
CA LYS C 277 15.35 -43.34 -7.08
C LYS C 277 14.88 -44.51 -7.96
N ASN C 278 14.88 -45.72 -7.41
CA ASN C 278 14.56 -46.92 -8.19
C ASN C 278 13.16 -47.43 -7.85
N ALA C 279 12.39 -46.68 -7.05
CA ALA C 279 11.09 -47.15 -6.63
C ALA C 279 10.12 -46.89 -7.77
N ARG C 280 9.03 -47.67 -7.79
CA ARG C 280 7.96 -47.37 -8.74
C ARG C 280 7.12 -46.22 -8.22
N LEU C 281 7.05 -46.12 -6.89
CA LEU C 281 6.31 -45.07 -6.24
C LEU C 281 6.86 -44.97 -4.83
N ILE C 282 6.82 -43.76 -4.29
CA ILE C 282 7.15 -43.52 -2.88
C ILE C 282 5.89 -43.10 -2.15
N VAL C 283 5.64 -43.75 -1.00
CA VAL C 283 4.59 -43.37 -0.06
C VAL C 283 5.28 -42.81 1.18
N THR C 284 4.88 -41.63 1.66
CA THR C 284 5.59 -41.04 2.77
C THR C 284 4.78 -39.92 3.44
N ASP C 285 5.25 -39.50 4.63
CA ASP C 285 4.73 -38.32 5.32
C ASP C 285 5.84 -37.31 5.58
N SER C 286 7.02 -37.57 5.03
CA SER C 286 8.18 -36.72 5.21
C SER C 286 8.18 -35.65 4.13
N GLY C 287 8.27 -34.37 4.53
CA GLY C 287 8.44 -33.27 3.59
C GLY C 287 9.67 -33.42 2.67
N GLY C 288 10.81 -33.82 3.24
CA GLY C 288 12.03 -34.00 2.47
C GLY C 288 11.92 -35.11 1.42
N VAL C 289 11.25 -36.21 1.77
CA VAL C 289 11.15 -37.36 0.88
C VAL C 289 10.30 -36.96 -0.32
N GLN C 290 9.24 -36.20 -0.08
CA GLN C 290 8.40 -35.71 -1.16
C GLN C 290 9.27 -35.03 -2.20
N LYS C 291 10.21 -34.18 -1.75
CA LYS C 291 11.06 -33.49 -2.69
C LYS C 291 11.95 -34.49 -3.41
N GLU C 292 12.52 -35.45 -2.66
CA GLU C 292 13.43 -36.43 -3.24
CA GLU C 292 13.42 -36.44 -3.24
C GLU C 292 12.68 -37.24 -4.30
N ALA C 293 11.43 -37.61 -4.02
CA ALA C 293 10.66 -38.34 -5.03
C ALA C 293 10.61 -37.54 -6.33
N TYR C 294 10.35 -36.23 -6.21
CA TYR C 294 10.24 -35.38 -7.36
C TYR C 294 11.58 -35.29 -8.07
N PHE C 295 12.66 -35.09 -7.29
CA PHE C 295 13.96 -34.95 -7.90
C PHE C 295 14.28 -36.16 -8.78
N TYR C 296 13.86 -37.37 -8.35
CA TYR C 296 14.20 -38.59 -9.08
C TYR C 296 13.07 -38.99 -10.03
N ARG C 297 12.04 -38.15 -10.19
CA ARG C 297 10.91 -38.43 -11.07
C ARG C 297 10.22 -39.76 -10.72
N VAL C 298 9.97 -39.99 -9.42
CA VAL C 298 9.25 -41.12 -8.93
C VAL C 298 7.94 -40.56 -8.38
N PRO C 299 6.75 -41.06 -8.82
CA PRO C 299 5.48 -40.62 -8.25
C PRO C 299 5.43 -40.80 -6.73
N CYS C 300 4.74 -39.89 -6.06
CA CYS C 300 4.74 -39.84 -4.60
C CYS C 300 3.28 -39.84 -4.15
N VAL C 301 3.00 -40.62 -3.10
CA VAL C 301 1.77 -40.41 -2.35
C VAL C 301 2.14 -39.94 -0.94
N THR C 302 1.58 -38.79 -0.55
CA THR C 302 1.83 -38.22 0.76
C THR C 302 0.65 -38.49 1.69
N VAL C 303 0.91 -39.30 2.75
CA VAL C 303 -0.11 -39.77 3.68
C VAL C 303 -0.21 -38.73 4.80
N ARG C 304 -0.85 -37.60 4.49
CA ARG C 304 -0.96 -36.46 5.39
C ARG C 304 -2.15 -35.61 4.98
N GLU C 305 -2.57 -34.70 5.86
CA GLU C 305 -3.63 -33.76 5.54
C GLU C 305 -3.05 -32.56 4.79
N GLU C 306 -1.82 -32.16 5.17
CA GLU C 306 -1.18 -30.97 4.62
C GLU C 306 0.16 -31.33 4.01
N THR C 307 0.53 -30.55 2.99
CA THR C 307 1.90 -30.50 2.51
C THR C 307 2.16 -29.04 2.15
N GLU C 308 3.31 -28.51 2.56
CA GLU C 308 3.68 -27.16 2.20
C GLU C 308 4.00 -27.07 0.70
N TRP C 309 4.40 -28.21 0.09
CA TRP C 309 4.96 -28.19 -1.25
C TRP C 309 3.85 -28.36 -2.28
N VAL C 310 3.01 -27.34 -2.38
CA VAL C 310 1.81 -27.46 -3.20
C VAL C 310 2.19 -27.52 -4.68
N GLU C 311 3.37 -26.98 -5.01
CA GLU C 311 3.82 -27.00 -6.40
C GLU C 311 3.94 -28.44 -6.92
N LEU C 312 4.24 -29.41 -6.05
CA LEU C 312 4.37 -30.82 -6.44
C LEU C 312 3.00 -31.45 -6.70
N LEU C 313 2.00 -30.99 -5.93
CA LEU C 313 0.62 -31.35 -6.14
C LEU C 313 0.17 -30.87 -7.50
N LYS C 314 0.38 -29.58 -7.76
CA LYS C 314 -0.10 -28.94 -8.96
C LYS C 314 0.52 -29.58 -10.20
N ALA C 315 1.78 -30.05 -10.08
CA ALA C 315 2.51 -30.61 -11.20
C ALA C 315 2.31 -32.13 -11.30
N GLU C 316 1.48 -32.69 -10.41
CA GLU C 316 1.00 -34.07 -10.52
C GLU C 316 2.13 -35.07 -10.25
N TRP C 317 3.17 -34.69 -9.50
CA TRP C 317 4.24 -35.57 -9.04
C TRP C 317 3.92 -36.15 -7.67
N ASN C 318 3.09 -35.41 -6.95
CA ASN C 318 2.70 -35.76 -5.59
C ASN C 318 1.18 -35.75 -5.50
N TYR C 319 0.66 -36.49 -4.53
CA TYR C 319 -0.78 -36.62 -4.38
C TYR C 319 -1.07 -36.86 -2.90
N LEU C 320 -1.92 -35.99 -2.30
CA LEU C 320 -2.33 -36.11 -0.91
C LEU C 320 -3.35 -37.23 -0.76
N ALA C 321 -3.10 -38.16 0.18
CA ALA C 321 -4.02 -39.23 0.51
C ALA C 321 -4.15 -39.32 2.03
N ALA C 322 -5.23 -38.73 2.56
CA ALA C 322 -5.58 -38.85 3.98
C ALA C 322 -5.85 -40.32 4.31
N PRO C 323 -5.15 -40.89 5.33
CA PRO C 323 -5.31 -42.30 5.66
C PRO C 323 -6.57 -42.63 6.46
N GLN C 324 -7.72 -42.65 5.78
CA GLN C 324 -8.99 -42.88 6.44
C GLN C 324 -9.37 -44.36 6.34
N ASN C 325 -9.12 -44.99 5.17
CA ASN C 325 -9.66 -46.30 4.86
C ASN C 325 -8.60 -47.11 4.12
N ALA C 326 -8.38 -48.35 4.55
CA ALA C 326 -7.25 -49.14 4.09
C ALA C 326 -7.42 -49.57 2.62
N LYS C 327 -8.65 -49.91 2.23
CA LYS C 327 -8.95 -50.31 0.86
C LYS C 327 -8.67 -49.13 -0.07
N ASP C 328 -9.16 -47.95 0.31
CA ASP C 328 -9.09 -46.74 -0.51
C ASP C 328 -7.66 -46.24 -0.65
N LEU C 329 -6.86 -46.36 0.42
CA LEU C 329 -5.46 -45.94 0.40
C LEU C 329 -4.63 -46.92 -0.44
N ALA C 330 -4.88 -48.22 -0.27
CA ALA C 330 -4.25 -49.19 -1.16
C ALA C 330 -4.52 -48.82 -2.63
N LEU C 331 -5.78 -48.56 -2.98
CA LEU C 331 -6.15 -48.26 -4.36
C LEU C 331 -5.48 -46.99 -4.87
N THR C 332 -5.45 -45.99 -3.98
CA THR C 332 -4.81 -44.73 -4.30
C THR C 332 -3.36 -44.98 -4.69
N ILE C 333 -2.66 -45.79 -3.89
CA ILE C 333 -1.27 -46.10 -4.12
C ILE C 333 -1.11 -46.84 -5.46
N LEU C 334 -1.97 -47.85 -5.70
CA LEU C 334 -1.87 -48.60 -6.96
C LEU C 334 -2.11 -47.67 -8.14
N HIS C 335 -3.07 -46.74 -8.02
CA HIS C 335 -3.40 -45.82 -9.11
C HIS C 335 -2.26 -44.84 -9.39
N ARG C 336 -1.69 -44.21 -8.35
CA ARG C 336 -0.71 -43.15 -8.58
C ARG C 336 0.60 -43.74 -9.08
N MET C 337 0.83 -45.03 -8.75
CA MET C 337 1.99 -45.79 -9.17
C MET C 337 2.14 -45.82 -10.70
N ARG C 338 1.02 -45.66 -11.43
CA ARG C 338 1.09 -45.61 -12.88
C ARG C 338 0.74 -44.20 -13.37
N THR C 339 1.19 -43.18 -12.62
CA THR C 339 1.07 -41.80 -13.05
C THR C 339 2.46 -41.21 -13.11
N LYS C 340 2.57 -40.09 -13.79
CA LYS C 340 3.75 -39.26 -13.73
C LYS C 340 3.25 -37.84 -13.67
N GLY C 341 4.12 -36.93 -13.23
CA GLY C 341 3.81 -35.52 -13.25
C GLY C 341 4.34 -34.88 -14.52
N VAL C 342 4.17 -33.56 -14.58
CA VAL C 342 4.58 -32.76 -15.70
C VAL C 342 6.10 -32.70 -15.69
N GLU C 343 6.71 -32.82 -16.86
CA GLU C 343 8.16 -32.79 -16.94
C GLU C 343 8.55 -31.33 -17.00
N ILE C 344 8.85 -30.77 -15.82
CA ILE C 344 9.17 -29.37 -15.66
C ILE C 344 10.12 -29.30 -14.48
N ASP C 345 11.09 -28.38 -14.52
CA ASP C 345 11.94 -28.15 -13.35
C ASP C 345 11.30 -27.10 -12.44
N LEU C 346 10.97 -27.50 -11.22
CA LEU C 346 10.32 -26.64 -10.24
C LEU C 346 11.33 -25.93 -9.35
N TYR C 347 12.55 -26.47 -9.28
CA TYR C 347 13.54 -26.06 -8.29
C TYR C 347 14.94 -25.95 -8.90
N GLY C 348 15.01 -25.48 -10.14
CA GLY C 348 16.27 -25.33 -10.84
C GLY C 348 16.68 -26.56 -11.64
N ASP C 349 17.87 -26.44 -12.26
CA ASP C 349 18.36 -27.42 -13.22
C ASP C 349 19.40 -28.34 -12.56
N GLY C 350 19.64 -28.18 -11.26
CA GLY C 350 20.59 -29.02 -10.56
C GLY C 350 21.98 -28.41 -10.49
N ARG C 351 22.08 -27.14 -10.92
CA ARG C 351 23.30 -26.36 -10.85
C ARG C 351 23.03 -25.09 -10.04
N ALA C 352 22.16 -25.19 -9.03
CA ALA C 352 21.93 -24.05 -8.14
C ALA C 352 23.25 -23.59 -7.54
N SER C 353 24.04 -24.56 -7.08
CA SER C 353 25.29 -24.26 -6.41
C SER C 353 26.19 -23.39 -7.27
N GLN C 354 26.27 -23.75 -8.56
CA GLN C 354 27.07 -22.98 -9.50
C GLN C 354 26.58 -21.53 -9.60
N LYS C 355 25.27 -21.36 -9.73
CA LYS C 355 24.70 -20.02 -9.87
C LYS C 355 25.03 -19.17 -8.64
N ILE C 356 24.97 -19.80 -7.47
CA ILE C 356 25.21 -19.09 -6.22
C ILE C 356 26.65 -18.58 -6.22
N SER C 357 27.57 -19.49 -6.53
CA SER C 357 28.97 -19.19 -6.50
C SER C 357 29.27 -18.05 -7.48
N ASP C 358 28.68 -18.13 -8.67
CA ASP C 358 28.94 -17.15 -9.70
C ASP C 358 28.40 -15.79 -9.27
N PHE C 359 27.22 -15.74 -8.62
CA PHE C 359 26.66 -14.48 -8.12
C PHE C 359 27.55 -13.86 -7.06
N LEU C 360 28.16 -14.68 -6.19
CA LEU C 360 29.04 -14.15 -5.15
C LEU C 360 30.23 -13.43 -5.77
N ARG C 361 30.89 -14.05 -6.76
CA ARG C 361 32.01 -13.44 -7.47
C ARG C 361 31.60 -12.13 -8.16
N LYS C 362 30.44 -12.10 -8.84
CA LYS C 362 30.00 -10.92 -9.57
C LYS C 362 29.84 -9.71 -8.65
N VAL C 363 29.39 -9.95 -7.41
CA VAL C 363 29.13 -8.87 -6.48
C VAL C 363 30.45 -8.23 -6.05
N GLY C 364 31.38 -9.05 -5.54
CA GLY C 364 32.60 -8.57 -4.91
C GLY C 364 32.49 -8.58 -3.40
N GLY D 1 -4.87 -13.15 30.55
CA GLY D 1 -5.54 -14.39 31.03
C GLY D 1 -6.78 -14.10 31.87
N HIS D 2 -7.20 -15.11 32.64
CA HIS D 2 -8.46 -15.10 33.36
C HIS D 2 -8.40 -14.13 34.53
N MET D 3 -7.29 -14.16 35.28
CA MET D 3 -7.19 -13.49 36.55
C MET D 3 -6.55 -12.12 36.39
N TRP D 4 -5.73 -11.94 35.33
CA TRP D 4 -5.07 -10.67 35.08
C TRP D 4 -4.64 -10.62 33.61
N VAL D 5 -4.34 -9.41 33.08
CA VAL D 5 -3.58 -9.30 31.85
C VAL D 5 -2.22 -8.76 32.25
N LYS D 6 -1.13 -9.46 31.88
CA LYS D 6 0.18 -9.09 32.36
C LYS D 6 0.97 -8.55 31.17
N ILE D 7 1.45 -7.30 31.33
CA ILE D 7 2.12 -6.58 30.26
C ILE D 7 3.55 -6.28 30.73
N LEU D 8 4.50 -6.92 30.05
CA LEU D 8 5.89 -6.87 30.45
C LEU D 8 6.64 -6.00 29.46
N SER D 9 7.30 -4.97 29.97
CA SER D 9 8.09 -4.04 29.18
C SER D 9 9.58 -4.38 29.30
N VAL D 10 10.28 -4.43 28.17
CA VAL D 10 11.74 -4.57 28.17
C VAL D 10 12.33 -3.20 27.81
N VAL D 11 13.27 -2.72 28.62
CA VAL D 11 13.91 -1.45 28.36
C VAL D 11 15.41 -1.61 28.56
N GLY D 12 16.20 -0.88 27.75
CA GLY D 12 17.65 -0.94 27.91
C GLY D 12 18.39 0.37 27.60
N ALA D 13 17.69 1.50 27.65
CA ALA D 13 18.30 2.82 27.52
C ALA D 13 17.31 3.80 28.15
N ARG D 14 17.80 4.99 28.52
CA ARG D 14 17.01 6.03 29.18
C ARG D 14 15.73 6.35 28.41
N PRO D 15 15.76 6.59 27.09
CA PRO D 15 14.55 6.98 26.38
C PRO D 15 13.47 5.90 26.40
N GLN D 16 13.93 4.65 26.49
CA GLN D 16 13.04 3.51 26.59
C GLN D 16 12.35 3.50 27.95
N PHE D 17 13.10 3.74 29.03
CA PHE D 17 12.47 3.91 30.33
C PHE D 17 11.41 5.02 30.32
N ILE D 18 11.71 6.17 29.69
CA ILE D 18 10.77 7.28 29.68
C ILE D 18 9.49 6.88 28.95
N LYS D 19 9.62 6.21 27.81
CA LYS D 19 8.45 5.80 27.05
C LYS D 19 7.65 4.76 27.85
N ALA D 20 8.33 3.79 28.44
CA ALA D 20 7.62 2.73 29.14
C ALA D 20 6.91 3.31 30.37
N ALA D 21 7.49 4.34 30.99
CA ALA D 21 6.85 5.04 32.09
C ALA D 21 5.58 5.76 31.65
N ALA D 22 5.59 6.34 30.45
CA ALA D 22 4.40 6.97 29.89
C ALA D 22 3.30 5.95 29.61
N VAL D 23 3.65 4.79 29.09
CA VAL D 23 2.69 3.71 28.90
C VAL D 23 2.14 3.23 30.23
N SER D 24 3.01 3.07 31.24
CA SER D 24 2.59 2.57 32.53
CA SER D 24 2.56 2.55 32.51
C SER D 24 1.59 3.53 33.20
N ARG D 25 1.73 4.83 32.95
CA ARG D 25 0.83 5.81 33.54
C ARG D 25 -0.58 5.53 33.07
N VAL D 26 -0.73 5.02 31.84
CA VAL D 26 -2.04 4.69 31.33
C VAL D 26 -2.44 3.29 31.84
N LEU D 27 -1.50 2.34 31.83
CA LEU D 27 -1.85 0.97 32.17
C LEU D 27 -2.28 0.84 33.63
N ARG D 28 -1.66 1.58 34.54
CA ARG D 28 -2.03 1.54 35.94
C ARG D 28 -3.45 2.05 36.14
N ALA D 29 -4.03 2.74 35.14
CA ALA D 29 -5.41 3.19 35.22
C ALA D 29 -6.40 2.07 34.88
N SER D 30 -5.94 0.93 34.36
CA SER D 30 -6.83 -0.19 34.04
C SER D 30 -6.79 -1.22 35.16
N PRO D 31 -7.91 -1.48 35.84
CA PRO D 31 -7.95 -2.54 36.83
C PRO D 31 -7.66 -3.87 36.16
N GLY D 32 -6.93 -4.73 36.84
CA GLY D 32 -6.76 -6.09 36.32
C GLY D 32 -5.59 -6.21 35.34
N VAL D 33 -4.98 -5.08 34.96
CA VAL D 33 -3.75 -5.10 34.19
C VAL D 33 -2.60 -5.12 35.19
N ARG D 34 -1.67 -6.04 35.02
CA ARG D 34 -0.48 -6.00 35.85
C ARG D 34 0.71 -5.77 34.91
N GLU D 35 1.79 -5.24 35.43
CA GLU D 35 2.97 -4.95 34.64
C GLU D 35 4.22 -5.53 35.29
N VAL D 36 5.18 -5.86 34.42
CA VAL D 36 6.52 -6.22 34.85
C VAL D 36 7.50 -5.38 34.03
N LEU D 37 8.51 -4.82 34.70
CA LEU D 37 9.52 -4.02 34.04
C LEU D 37 10.87 -4.73 34.12
N VAL D 38 11.40 -5.07 32.93
CA VAL D 38 12.70 -5.74 32.78
C VAL D 38 13.71 -4.74 32.22
N HIS D 39 14.69 -4.37 33.04
CA HIS D 39 15.83 -3.61 32.59
C HIS D 39 16.95 -4.58 32.20
N THR D 40 17.45 -4.44 30.96
CA THR D 40 18.45 -5.35 30.47
C THR D 40 19.80 -5.06 31.11
N GLY D 41 19.99 -3.83 31.59
CA GLY D 41 21.27 -3.39 32.12
C GLY D 41 21.42 -3.54 33.63
N GLN D 42 22.32 -2.78 34.25
CA GLN D 42 22.63 -2.86 35.68
C GLN D 42 21.72 -1.98 36.53
N HIS D 43 21.54 -2.35 37.80
CA HIS D 43 21.06 -1.40 38.80
C HIS D 43 22.20 -0.44 39.15
N TYR D 44 21.87 0.85 39.31
CA TYR D 44 22.84 1.86 39.69
C TYR D 44 22.52 2.36 41.10
N ASP D 45 23.56 2.44 41.94
CA ASP D 45 23.44 2.92 43.32
C ASP D 45 23.78 4.41 43.42
N ASP D 46 24.45 4.98 42.41
CA ASP D 46 24.92 6.37 42.44
C ASP D 46 23.76 7.37 42.56
N ASN D 47 24.08 8.63 42.87
CA ASN D 47 23.10 9.64 43.22
C ASN D 47 22.33 10.10 41.99
N MET D 48 23.05 10.50 40.93
CA MET D 48 22.48 11.14 39.76
C MET D 48 21.45 10.24 39.05
N SER D 49 21.57 8.91 39.17
CA SER D 49 20.61 8.03 38.54
C SER D 49 19.45 7.73 39.48
N GLN D 50 19.66 7.73 40.81
CA GLN D 50 18.52 7.68 41.73
C GLN D 50 17.57 8.86 41.45
N VAL D 51 18.17 10.00 41.09
CA VAL D 51 17.44 11.22 40.77
C VAL D 51 16.61 10.99 39.50
N PHE D 52 17.25 10.51 38.41
CA PHE D 52 16.56 10.17 37.18
C PHE D 52 15.25 9.41 37.47
N PHE D 53 15.35 8.27 38.17
CA PHE D 53 14.19 7.44 38.46
C PHE D 53 13.15 8.21 39.26
N GLU D 54 13.58 8.94 40.29
CA GLU D 54 12.64 9.65 41.15
C GLU D 54 11.98 10.82 40.39
N GLU D 55 12.81 11.74 39.87
CA GLU D 55 12.31 12.95 39.22
C GLU D 55 11.40 12.62 38.05
N LEU D 56 11.77 11.60 37.23
CA LEU D 56 10.98 11.28 36.05
C LEU D 56 9.94 10.18 36.33
N GLU D 57 9.78 9.76 37.60
CA GLU D 57 8.69 8.88 37.99
C GLU D 57 8.78 7.62 37.15
N ILE D 58 9.97 7.05 37.05
CA ILE D 58 10.16 5.80 36.34
C ILE D 58 9.86 4.71 37.35
N PRO D 59 9.00 3.73 37.05
CA PRO D 59 8.83 2.58 37.93
C PRO D 59 10.15 1.87 38.25
N ASP D 60 10.19 1.32 39.46
CA ASP D 60 11.28 0.49 39.90
CA ASP D 60 11.27 0.47 39.92
C ASP D 60 11.30 -0.76 39.03
N PRO D 61 12.38 -1.04 38.29
CA PRO D 61 12.43 -2.29 37.53
C PRO D 61 12.24 -3.49 38.44
N ASP D 62 11.54 -4.50 37.96
CA ASP D 62 11.42 -5.80 38.62
C ASP D 62 12.66 -6.67 38.42
N TYR D 63 13.39 -6.45 37.31
CA TYR D 63 14.60 -7.17 36.99
C TYR D 63 15.61 -6.18 36.43
N HIS D 64 16.87 -6.37 36.85
CA HIS D 64 18.05 -5.84 36.19
C HIS D 64 18.92 -7.01 35.71
N LEU D 65 19.00 -7.22 34.38
CA LEU D 65 19.64 -8.44 33.90
C LEU D 65 21.16 -8.32 33.97
N GLY D 66 21.67 -7.09 34.06
CA GLY D 66 23.10 -6.85 34.29
C GLY D 66 23.98 -7.09 33.07
N ILE D 67 23.42 -6.99 31.85
CA ILE D 67 24.16 -7.26 30.64
C ILE D 67 24.52 -5.92 29.98
N GLY D 68 25.74 -5.84 29.46
CA GLY D 68 26.17 -4.71 28.67
C GLY D 68 27.69 -4.62 28.57
N GLY D 69 28.16 -3.69 27.76
CA GLY D 69 29.57 -3.36 27.65
C GLY D 69 30.31 -4.19 26.60
N GLY D 70 29.61 -5.14 25.98
CA GLY D 70 30.24 -6.07 25.06
C GLY D 70 29.99 -5.72 23.60
N THR D 71 30.29 -6.68 22.72
CA THR D 71 29.96 -6.58 21.31
C THR D 71 28.45 -6.72 21.09
N HIS D 72 28.03 -6.51 19.85
CA HIS D 72 26.63 -6.72 19.47
C HIS D 72 26.22 -8.15 19.82
N GLY D 73 27.08 -9.08 19.44
CA GLY D 73 26.75 -10.48 19.54
C GLY D 73 26.68 -10.94 20.99
N GLN D 74 27.60 -10.43 21.81
CA GLN D 74 27.58 -10.74 23.23
C GLN D 74 26.36 -10.14 23.93
N ASN D 75 26.19 -8.83 23.81
CA ASN D 75 25.09 -8.12 24.45
C ASN D 75 23.78 -8.77 24.00
N THR D 76 23.60 -8.88 22.69
CA THR D 76 22.30 -9.31 22.17
C THR D 76 22.05 -10.78 22.55
N GLY D 77 23.09 -11.61 22.42
CA GLY D 77 22.87 -13.03 22.65
C GLY D 77 22.59 -13.32 24.13
N ARG D 78 23.33 -12.63 24.99
CA ARG D 78 23.11 -12.83 26.41
C ARG D 78 21.76 -12.27 26.86
N MET D 79 21.34 -11.14 26.30
CA MET D 79 20.05 -10.52 26.61
C MET D 79 18.93 -11.41 26.11
N LEU D 80 19.14 -12.06 24.95
CA LEU D 80 18.10 -12.93 24.41
C LEU D 80 17.80 -14.07 25.38
N GLU D 81 18.86 -14.72 25.83
CA GLU D 81 18.76 -15.82 26.77
C GLU D 81 18.14 -15.32 28.08
N ALA D 82 18.64 -14.23 28.64
CA ALA D 82 18.23 -13.82 29.99
C ALA D 82 16.78 -13.33 29.97
N ILE D 83 16.45 -12.58 28.91
CA ILE D 83 15.07 -12.14 28.78
C ILE D 83 14.13 -13.34 28.68
N GLU D 84 14.44 -14.31 27.80
CA GLU D 84 13.59 -15.47 27.62
C GLU D 84 13.37 -16.21 28.95
N GLY D 85 14.42 -16.30 29.77
CA GLY D 85 14.35 -16.89 31.10
C GLY D 85 13.25 -16.23 31.95
N VAL D 86 13.20 -14.89 31.93
CA VAL D 86 12.18 -14.13 32.63
C VAL D 86 10.80 -14.39 32.03
N LEU D 87 10.71 -14.38 30.70
CA LEU D 87 9.41 -14.56 30.09
C LEU D 87 8.81 -15.92 30.49
N LEU D 88 9.64 -16.96 30.55
CA LEU D 88 9.20 -18.31 30.88
C LEU D 88 8.63 -18.39 32.31
N LYS D 89 9.20 -17.61 33.23
CA LYS D 89 8.71 -17.59 34.61
C LYS D 89 7.50 -16.65 34.76
N GLU D 90 7.50 -15.49 34.10
CA GLU D 90 6.48 -14.45 34.31
C GLU D 90 5.23 -14.75 33.50
N LYS D 91 5.40 -15.38 32.34
CA LYS D 91 4.29 -15.75 31.47
C LYS D 91 3.37 -14.56 31.18
N PRO D 92 3.90 -13.46 30.59
CA PRO D 92 3.07 -12.30 30.26
C PRO D 92 2.17 -12.54 29.06
N ASP D 93 1.10 -11.75 28.95
CA ASP D 93 0.18 -11.77 27.85
C ASP D 93 0.73 -10.97 26.68
N TRP D 94 1.50 -9.91 27.01
CA TRP D 94 2.15 -9.03 26.03
C TRP D 94 3.58 -8.74 26.46
N VAL D 95 4.47 -8.64 25.47
CA VAL D 95 5.76 -8.00 25.69
C VAL D 95 5.84 -6.71 24.88
N LEU D 96 6.19 -5.61 25.54
CA LEU D 96 6.45 -4.33 24.88
C LEU D 96 7.94 -4.10 24.81
N VAL D 97 8.37 -3.75 23.62
CA VAL D 97 9.74 -3.35 23.38
C VAL D 97 9.71 -1.95 22.77
N TYR D 98 10.78 -1.19 23.00
CA TYR D 98 10.78 0.25 22.78
C TYR D 98 12.07 0.66 22.07
N GLY D 99 11.94 1.60 21.13
CA GLY D 99 13.09 2.10 20.39
C GLY D 99 13.66 1.04 19.47
N ASN D 100 14.98 1.09 19.26
CA ASN D 100 15.59 0.22 18.27
C ASN D 100 17.05 -0.13 18.64
N THR D 101 17.27 -0.49 19.92
CA THR D 101 18.56 -0.94 20.37
C THR D 101 18.66 -2.46 20.38
N ASP D 102 19.85 -2.98 20.73
CA ASP D 102 20.02 -4.42 20.86
C ASP D 102 19.07 -4.99 21.92
N SER D 103 18.77 -4.22 22.99
CA SER D 103 17.77 -4.62 23.98
C SER D 103 16.41 -4.88 23.33
N THR D 104 16.01 -3.97 22.45
CA THR D 104 14.71 -4.02 21.78
C THR D 104 14.56 -5.30 20.98
N LEU D 105 15.60 -5.55 20.15
CA LEU D 105 15.61 -6.73 19.29
C LEU D 105 15.63 -7.97 20.17
N ALA D 106 16.48 -8.00 21.21
CA ALA D 106 16.56 -9.20 22.05
C ALA D 106 15.22 -9.54 22.69
N GLY D 107 14.52 -8.50 23.14
CA GLY D 107 13.21 -8.63 23.73
C GLY D 107 12.20 -9.21 22.76
N ALA D 108 12.19 -8.68 21.54
CA ALA D 108 11.28 -9.20 20.51
C ALA D 108 11.59 -10.65 20.15
N LEU D 109 12.84 -11.00 19.86
CA LEU D 109 13.18 -12.36 19.49
C LEU D 109 12.83 -13.34 20.61
N ALA D 110 13.11 -12.94 21.85
CA ALA D 110 12.81 -13.80 22.99
C ALA D 110 11.33 -14.14 23.05
N ALA D 111 10.48 -13.11 22.92
CA ALA D 111 9.04 -13.30 23.04
C ALA D 111 8.45 -14.08 21.86
N VAL D 112 8.86 -13.72 20.64
CA VAL D 112 8.20 -14.20 19.45
C VAL D 112 8.37 -15.71 19.37
N LYS D 113 9.51 -16.27 19.79
CA LYS D 113 9.65 -17.70 19.68
C LYS D 113 8.93 -18.44 20.81
N LEU D 114 8.48 -17.75 21.87
CA LEU D 114 7.59 -18.37 22.84
C LEU D 114 6.12 -18.12 22.46
N HIS D 115 5.84 -17.53 21.31
CA HIS D 115 4.49 -17.19 20.87
C HIS D 115 3.80 -16.26 21.87
N ILE D 116 4.58 -15.36 22.48
CA ILE D 116 4.05 -14.29 23.31
C ILE D 116 3.91 -13.07 22.41
N PRO D 117 2.71 -12.49 22.31
CA PRO D 117 2.52 -11.32 21.44
C PRO D 117 3.52 -10.22 21.81
N VAL D 118 4.04 -9.54 20.80
CA VAL D 118 5.02 -8.48 20.97
C VAL D 118 4.49 -7.23 20.31
N ALA D 119 4.61 -6.09 21.01
CA ALA D 119 4.31 -4.83 20.40
C ALA D 119 5.55 -3.94 20.46
N HIS D 120 5.80 -3.29 19.34
CA HIS D 120 6.93 -2.42 19.21
C HIS D 120 6.46 -0.98 19.33
N VAL D 121 6.93 -0.32 20.39
CA VAL D 121 6.72 1.11 20.53
C VAL D 121 7.85 1.82 19.81
N GLU D 122 7.48 2.64 18.82
CA GLU D 122 8.40 3.42 17.98
C GLU D 122 8.86 2.52 16.84
N ALA D 123 7.90 2.18 16.00
CA ALA D 123 8.06 1.20 14.95
C ALA D 123 8.10 1.90 13.59
N GLY D 124 8.85 1.36 12.63
CA GLY D 124 8.73 1.79 11.25
C GLY D 124 9.75 2.88 10.85
N LEU D 125 10.67 3.22 11.75
CA LEU D 125 11.69 4.22 11.43
C LEU D 125 12.69 3.59 10.48
N ARG D 126 13.15 4.35 9.47
CA ARG D 126 14.09 3.84 8.49
C ARG D 126 14.93 5.01 7.99
N SER D 127 16.25 4.82 8.07
CA SER D 127 17.24 5.66 7.39
C SER D 127 17.50 5.17 5.97
N PHE D 128 17.16 3.89 5.70
CA PHE D 128 17.36 3.21 4.43
C PHE D 128 18.83 2.98 4.15
N ASN D 129 19.65 3.08 5.21
CA ASN D 129 21.04 2.70 5.14
C ASN D 129 21.30 1.56 6.13
N ARG D 130 21.41 0.33 5.64
CA ARG D 130 21.49 -0.83 6.51
C ARG D 130 22.80 -0.88 7.31
N ARG D 131 23.77 -0.03 6.99
CA ARG D 131 24.98 0.08 7.80
C ARG D 131 24.84 1.12 8.90
N MET D 132 23.77 1.93 8.87
CA MET D 132 23.59 2.98 9.86
C MET D 132 23.34 2.28 11.19
N PRO D 133 23.73 2.89 12.33
CA PRO D 133 23.45 2.29 13.64
C PRO D 133 21.94 2.16 13.79
N GLU D 134 21.53 0.95 14.17
CA GLU D 134 20.17 0.70 14.61
C GLU D 134 19.27 0.39 13.42
N GLU D 135 19.74 0.49 12.18
CA GLU D 135 18.82 0.21 11.08
C GLU D 135 18.44 -1.28 11.08
N ILE D 136 19.40 -2.19 11.30
CA ILE D 136 19.06 -3.60 11.36
C ILE D 136 18.11 -3.92 12.50
N ASN D 137 18.31 -3.29 13.67
CA ASN D 137 17.41 -3.47 14.78
C ASN D 137 16.01 -3.00 14.41
N ARG D 138 15.90 -1.82 13.80
CA ARG D 138 14.59 -1.31 13.42
C ARG D 138 13.84 -2.30 12.52
N ILE D 139 14.53 -2.79 11.48
CA ILE D 139 13.96 -3.73 10.53
C ILE D 139 13.56 -5.02 11.24
N LEU D 140 14.48 -5.66 11.95
CA LEU D 140 14.16 -7.00 12.45
C LEU D 140 13.15 -6.93 13.59
N THR D 141 13.25 -5.91 14.46
CA THR D 141 12.23 -5.75 15.50
C THR D 141 10.84 -5.66 14.87
N ASP D 142 10.73 -4.81 13.85
CA ASP D 142 9.44 -4.59 13.20
C ASP D 142 8.90 -5.90 12.62
N HIS D 143 9.75 -6.71 11.95
CA HIS D 143 9.28 -7.94 11.32
C HIS D 143 9.02 -9.03 12.36
N ALA D 144 9.54 -8.87 13.59
CA ALA D 144 9.30 -9.82 14.67
C ALA D 144 8.03 -9.55 15.48
N SER D 145 7.46 -8.34 15.37
CA SER D 145 6.45 -7.86 16.27
C SER D 145 5.06 -8.19 15.72
N ASP D 146 4.07 -8.28 16.62
CA ASP D 146 2.68 -8.49 16.23
C ASP D 146 1.95 -7.16 16.07
N LEU D 147 2.35 -6.15 16.82
CA LEU D 147 1.76 -4.82 16.74
C LEU D 147 2.87 -3.79 16.54
N LEU D 148 2.63 -2.87 15.62
CA LEU D 148 3.62 -1.87 15.26
C LEU D 148 3.04 -0.51 15.61
N PHE D 149 3.63 0.17 16.61
CA PHE D 149 3.13 1.48 17.00
C PHE D 149 4.02 2.58 16.41
N ALA D 150 3.56 3.15 15.29
CA ALA D 150 4.32 4.08 14.49
C ALA D 150 4.20 5.53 14.98
N PRO D 151 5.29 6.31 14.99
CA PRO D 151 5.23 7.68 15.49
C PRO D 151 4.79 8.67 14.41
N THR D 152 4.95 8.28 13.13
CA THR D 152 4.66 9.15 12.00
C THR D 152 4.04 8.38 10.82
N GLU D 153 3.42 9.13 9.91
CA GLU D 153 2.85 8.52 8.70
C GLU D 153 3.95 7.91 7.83
N THR D 154 5.11 8.55 7.80
CA THR D 154 6.27 8.04 7.09
C THR D 154 6.60 6.64 7.61
N ALA D 155 6.55 6.44 8.93
CA ALA D 155 6.86 5.13 9.50
C ALA D 155 5.82 4.12 9.05
N VAL D 156 4.54 4.54 9.10
CA VAL D 156 3.47 3.69 8.63
C VAL D 156 3.75 3.24 7.20
N GLN D 157 4.09 4.20 6.32
CA GLN D 157 4.35 3.88 4.92
C GLN D 157 5.58 2.97 4.83
N ASN D 158 6.61 3.22 5.66
CA ASN D 158 7.78 2.34 5.67
C ASN D 158 7.38 0.90 5.98
N LEU D 159 6.48 0.70 6.94
CA LEU D 159 6.06 -0.63 7.33
C LEU D 159 5.24 -1.30 6.21
N LEU D 160 4.33 -0.54 5.60
CA LEU D 160 3.48 -1.11 4.58
C LEU D 160 4.33 -1.56 3.38
N ARG D 161 5.39 -0.81 3.08
CA ARG D 161 6.29 -1.08 1.97
C ARG D 161 7.07 -2.39 2.15
N GLU D 162 7.25 -2.83 3.42
CA GLU D 162 7.93 -4.09 3.71
C GLU D 162 6.94 -5.23 3.92
N GLY D 163 5.70 -5.05 3.45
CA GLY D 163 4.71 -6.13 3.41
C GLY D 163 4.02 -6.37 4.75
N ILE D 164 4.25 -5.52 5.75
CA ILE D 164 3.56 -5.67 7.01
C ILE D 164 2.12 -5.20 6.82
N PRO D 165 1.11 -6.00 7.19
CA PRO D 165 -0.28 -5.65 6.91
C PRO D 165 -0.84 -4.53 7.79
N GLU D 166 -1.75 -3.74 7.18
CA GLU D 166 -2.22 -2.51 7.77
C GLU D 166 -2.88 -2.80 9.12
N ASN D 167 -3.46 -3.99 9.27
CA ASN D 167 -4.25 -4.29 10.45
CA ASN D 167 -4.25 -4.28 10.45
C ASN D 167 -3.35 -4.47 11.67
N ARG D 168 -2.02 -4.51 11.48
CA ARG D 168 -1.08 -4.62 12.61
C ARG D 168 -0.30 -3.31 12.83
N ILE D 169 -0.55 -2.33 11.97
CA ILE D 169 0.11 -1.05 12.05
C ILE D 169 -0.82 0.01 12.61
N HIS D 170 -0.33 0.74 13.61
CA HIS D 170 -1.14 1.78 14.23
C HIS D 170 -0.31 3.03 14.43
N LEU D 171 -0.79 4.10 13.81
CA LEU D 171 -0.15 5.40 13.98
C LEU D 171 -0.58 5.94 15.34
N VAL D 172 0.37 6.11 16.27
CA VAL D 172 0.00 6.61 17.59
C VAL D 172 0.73 7.90 17.97
N GLY D 173 1.78 8.27 17.23
CA GLY D 173 2.58 9.45 17.56
C GLY D 173 3.79 9.08 18.42
N ASP D 174 4.53 10.11 18.88
CA ASP D 174 5.74 9.99 19.66
C ASP D 174 5.37 10.03 21.15
N VAL D 175 5.60 8.88 21.81
CA VAL D 175 5.35 8.78 23.24
C VAL D 175 6.18 9.83 24.00
N MET D 176 7.34 10.23 23.46
CA MET D 176 8.14 11.30 24.06
C MET D 176 7.35 12.62 24.15
N TYR D 177 6.34 12.80 23.31
CA TYR D 177 5.52 13.99 23.39
C TYR D 177 4.61 13.90 24.59
N ASP D 178 4.02 12.72 24.83
CA ASP D 178 3.24 12.48 26.05
C ASP D 178 4.09 12.84 27.26
N ALA D 179 5.33 12.36 27.25
CA ALA D 179 6.25 12.53 28.39
C ALA D 179 6.61 14.01 28.57
N ALA D 180 6.87 14.73 27.48
CA ALA D 180 7.17 16.16 27.56
C ALA D 180 6.02 16.94 28.21
N LEU D 181 4.78 16.59 27.91
CA LEU D 181 3.65 17.28 28.52
C LEU D 181 3.55 16.94 30.01
N HIS D 182 3.75 15.66 30.37
CA HIS D 182 3.73 15.25 31.76
C HIS D 182 4.80 15.96 32.61
N TYR D 183 6.04 15.92 32.14
CA TYR D 183 7.15 16.56 32.83
C TYR D 183 7.03 18.09 32.78
N GLY D 184 6.40 18.62 31.74
CA GLY D 184 6.14 20.04 31.61
C GLY D 184 5.21 20.51 32.72
N ALA D 185 4.17 19.71 32.98
CA ALA D 185 3.24 20.02 34.05
C ALA D 185 3.94 19.93 35.39
N LYS D 186 4.73 18.88 35.58
CA LYS D 186 5.47 18.71 36.82
C LYS D 186 6.45 19.87 37.05
N ALA D 187 7.14 20.30 35.97
CA ALA D 187 8.05 21.42 36.10
C ALA D 187 7.30 22.67 36.57
N GLU D 188 6.19 23.02 35.93
CA GLU D 188 5.44 24.19 36.36
C GLU D 188 5.10 24.09 37.86
N ARG D 189 4.76 22.88 38.33
CA ARG D 189 4.41 22.69 39.73
C ARG D 189 5.59 22.88 40.66
N LYS D 190 6.79 22.42 40.29
CA LYS D 190 7.86 22.22 41.27
C LYS D 190 9.18 22.93 40.94
N SER D 191 9.49 23.18 39.66
CA SER D 191 10.79 23.78 39.35
C SER D 191 10.81 25.23 39.81
N ARG D 192 11.87 25.61 40.53
CA ARG D 192 12.04 27.00 40.93
C ARG D 192 13.22 27.65 40.19
N ILE D 193 13.71 27.05 39.10
CA ILE D 193 14.90 27.56 38.43
C ILE D 193 14.69 29.00 37.92
N LEU D 194 13.53 29.35 37.35
CA LEU D 194 13.35 30.73 36.91
C LEU D 194 13.48 31.69 38.10
N GLU D 195 12.94 31.31 39.27
CA GLU D 195 12.94 32.21 40.41
C GLU D 195 14.38 32.37 40.89
N ARG D 196 15.16 31.29 40.92
CA ARG D 196 16.57 31.38 41.28
C ARG D 196 17.38 32.26 40.33
N LEU D 197 17.07 32.21 39.03
CA LEU D 197 17.89 32.92 38.05
C LEU D 197 17.36 34.35 37.88
N GLY D 198 16.18 34.63 38.44
CA GLY D 198 15.64 35.98 38.40
C GLY D 198 15.06 36.30 37.03
N LEU D 199 14.52 35.26 36.39
CA LEU D 199 14.02 35.39 35.04
C LEU D 199 12.52 35.23 35.02
N GLN D 200 11.91 35.79 33.98
CA GLN D 200 10.48 35.74 33.72
C GLN D 200 10.24 34.66 32.67
N ALA D 201 9.08 33.97 32.74
CA ALA D 201 8.60 33.16 31.63
C ALA D 201 8.59 33.98 30.36
N LYS D 202 9.08 33.39 29.28
CA LYS D 202 9.15 34.03 27.98
C LYS D 202 9.97 35.31 28.02
N GLY D 203 10.95 35.36 28.92
CA GLY D 203 11.78 36.53 29.11
C GLY D 203 13.26 36.26 28.88
N TYR D 204 13.59 35.17 28.17
CA TYR D 204 14.98 34.79 27.97
C TYR D 204 15.09 33.84 26.78
N VAL D 205 16.34 33.65 26.35
CA VAL D 205 16.71 32.71 25.30
C VAL D 205 17.49 31.59 25.97
N LEU D 206 17.20 30.34 25.58
CA LEU D 206 17.92 29.19 26.09
C LEU D 206 18.85 28.67 25.00
N ALA D 207 20.11 28.42 25.35
CA ALA D 207 21.11 27.84 24.44
C ALA D 207 21.68 26.54 24.99
N THR D 208 21.90 25.57 24.10
CA THR D 208 22.72 24.40 24.39
C THR D 208 23.58 24.12 23.18
N ILE D 209 24.87 23.83 23.40
CA ILE D 209 25.79 23.54 22.31
C ILE D 209 26.73 22.42 22.77
N HIS D 210 26.81 21.32 22.01
CA HIS D 210 27.70 20.23 22.39
C HIS D 210 28.27 19.43 21.21
N ARG D 211 27.82 19.68 19.99
CA ARG D 211 28.29 18.90 18.87
C ARG D 211 29.73 19.29 18.53
N ALA D 212 30.52 18.25 18.18
CA ALA D 212 31.91 18.36 17.78
C ALA D 212 32.10 19.38 16.66
N GLU D 213 31.20 19.36 15.69
CA GLU D 213 31.27 20.26 14.55
C GLU D 213 31.34 21.71 15.04
N ASN D 214 30.77 22.03 16.22
CA ASN D 214 30.83 23.38 16.74
C ASN D 214 31.90 23.54 17.81
N THR D 215 32.12 22.54 18.66
CA THR D 215 32.93 22.77 19.84
C THR D 215 34.41 22.57 19.52
N ASP D 216 34.72 21.88 18.42
CA ASP D 216 36.09 21.52 18.11
C ASP D 216 36.69 22.52 17.13
N ASP D 217 35.87 23.46 16.65
CA ASP D 217 36.33 24.46 15.70
C ASP D 217 36.40 25.79 16.45
N GLN D 218 37.61 26.27 16.65
CA GLN D 218 37.81 27.55 17.37
C GLN D 218 37.00 28.66 16.72
N GLU D 219 36.83 28.63 15.40
CA GLU D 219 36.17 29.73 14.74
C GLU D 219 34.66 29.64 14.92
N ARG D 220 34.11 28.42 14.77
CA ARG D 220 32.66 28.24 14.87
C ARG D 220 32.24 28.51 16.30
N LEU D 221 33.03 28.02 17.28
CA LEU D 221 32.65 28.23 18.65
C LEU D 221 32.70 29.71 19.02
N ARG D 222 33.72 30.44 18.50
CA ARG D 222 33.82 31.88 18.77
C ARG D 222 32.60 32.61 18.23
N VAL D 223 32.18 32.27 17.01
CA VAL D 223 31.03 32.92 16.41
C VAL D 223 29.82 32.73 17.32
N ILE D 224 29.62 31.49 17.76
CA ILE D 224 28.46 31.17 18.59
C ILE D 224 28.47 31.98 19.88
N LEU D 225 29.57 31.92 20.62
CA LEU D 225 29.63 32.55 21.93
C LEU D 225 29.57 34.08 21.82
N GLU D 226 30.20 34.63 20.78
CA GLU D 226 30.11 36.04 20.51
C GLU D 226 28.66 36.43 20.21
N ALA D 227 27.97 35.62 19.43
CA ALA D 227 26.59 35.91 19.07
C ALA D 227 25.67 35.86 20.30
N LEU D 228 25.87 34.88 21.18
CA LEU D 228 25.06 34.80 22.39
C LEU D 228 25.33 35.98 23.29
N ALA D 229 26.60 36.38 23.44
CA ALA D 229 26.91 37.55 24.24
C ALA D 229 26.20 38.80 23.73
N GLU D 230 26.15 38.96 22.40
CA GLU D 230 25.47 40.08 21.78
C GLU D 230 23.96 40.01 22.06
N VAL D 231 23.34 38.84 21.83
CA VAL D 231 21.92 38.69 22.07
C VAL D 231 21.58 39.05 23.52
N HIS D 232 22.45 38.60 24.44
CA HIS D 232 22.23 38.73 25.86
C HIS D 232 22.01 40.21 26.28
N GLN D 233 22.64 41.14 25.54
CA GLN D 233 22.54 42.56 25.86
C GLN D 233 21.09 43.03 25.78
N GLU D 234 20.33 42.40 24.86
CA GLU D 234 18.95 42.74 24.62
C GLU D 234 17.98 41.80 25.35
N VAL D 235 18.26 40.50 25.31
CA VAL D 235 17.40 39.52 25.95
C VAL D 235 18.28 38.51 26.63
N PRO D 236 18.07 38.24 27.93
CA PRO D 236 18.97 37.35 28.64
C PRO D 236 19.09 35.98 27.98
N VAL D 237 20.33 35.49 27.90
CA VAL D 237 20.66 34.18 27.39
C VAL D 237 21.07 33.26 28.56
N VAL D 238 20.33 32.16 28.72
CA VAL D 238 20.62 31.12 29.69
C VAL D 238 21.29 29.96 28.94
N PHE D 239 22.49 29.58 29.39
CA PHE D 239 23.33 28.65 28.67
C PHE D 239 23.88 27.61 29.65
N PRO D 240 23.11 26.52 29.88
CA PRO D 240 23.65 25.36 30.59
C PRO D 240 24.69 24.71 29.67
N VAL D 241 25.97 24.90 30.02
CA VAL D 241 27.07 24.54 29.13
C VAL D 241 27.53 23.12 29.41
N HIS D 242 27.50 22.28 28.38
CA HIS D 242 28.03 20.94 28.49
C HIS D 242 29.49 21.03 28.98
N PRO D 243 29.94 20.17 29.92
CA PRO D 243 31.31 20.26 30.45
C PRO D 243 32.41 20.23 29.39
N ARG D 244 32.18 19.45 28.33
CA ARG D 244 33.11 19.32 27.23
C ARG D 244 33.14 20.60 26.41
N THR D 245 31.97 21.22 26.24
CA THR D 245 31.92 22.52 25.56
C THR D 245 32.69 23.56 26.36
N ARG D 246 32.56 23.56 27.68
CA ARG D 246 33.23 24.54 28.52
C ARG D 246 34.74 24.33 28.46
N LYS D 247 35.20 23.07 28.53
CA LYS D 247 36.65 22.80 28.47
C LYS D 247 37.19 23.37 27.17
N ARG D 248 36.51 23.11 26.06
CA ARG D 248 36.94 23.57 24.75
C ARG D 248 36.97 25.10 24.68
N ALA D 249 35.96 25.76 25.26
CA ALA D 249 35.88 27.21 25.26
C ALA D 249 37.09 27.80 25.98
N GLU D 250 37.46 27.22 27.12
CA GLU D 250 38.54 27.76 27.94
C GLU D 250 39.87 27.54 27.23
N ALA D 251 40.09 26.30 26.77
CA ALA D 251 41.28 25.94 26.02
C ALA D 251 41.49 26.86 24.81
N PHE D 252 40.39 27.37 24.24
CA PHE D 252 40.43 28.19 23.04
C PHE D 252 40.51 29.68 23.39
N GLY D 253 40.59 30.05 24.67
CA GLY D 253 40.68 31.45 25.06
C GLY D 253 39.37 32.21 24.93
N LEU D 254 38.23 31.49 25.04
CA LEU D 254 36.90 32.06 24.81
C LEU D 254 36.10 32.09 26.10
N GLY D 255 36.69 31.61 27.20
CA GLY D 255 36.01 31.51 28.50
C GLY D 255 35.37 32.83 28.89
N SER D 256 35.94 33.91 28.39
CA SER D 256 35.44 35.26 28.58
C SER D 256 33.96 35.43 28.21
N TYR D 257 33.53 34.78 27.13
CA TYR D 257 32.18 34.98 26.60
C TYR D 257 31.14 34.32 27.51
N LEU D 258 31.56 33.32 28.28
CA LEU D 258 30.66 32.65 29.20
C LEU D 258 30.28 33.56 30.36
N GLU D 259 31.13 34.55 30.68
CA GLU D 259 30.81 35.51 31.74
C GLU D 259 29.79 36.52 31.26
N LYS D 260 29.60 36.63 29.95
CA LYS D 260 28.73 37.64 29.37
C LYS D 260 27.35 37.07 29.02
N VAL D 261 27.04 35.86 29.50
CA VAL D 261 25.67 35.32 29.45
C VAL D 261 25.41 34.67 30.79
N VAL D 262 24.20 34.15 30.98
CA VAL D 262 23.93 33.37 32.18
C VAL D 262 24.39 31.95 31.89
N ALA D 263 25.69 31.70 32.06
CA ALA D 263 26.24 30.36 31.91
C ALA D 263 26.01 29.59 33.21
N LEU D 264 25.58 28.33 33.04
CA LEU D 264 25.32 27.43 34.15
C LEU D 264 26.02 26.12 33.85
N GLU D 265 26.17 25.27 34.87
CA GLU D 265 26.44 23.88 34.65
C GLU D 265 25.14 23.20 34.24
N PRO D 266 25.19 22.00 33.60
CA PRO D 266 23.98 21.26 33.27
C PRO D 266 23.04 21.18 34.47
N VAL D 267 21.74 21.38 34.25
CA VAL D 267 20.79 21.39 35.34
C VAL D 267 20.08 20.03 35.36
N GLY D 268 19.26 19.79 36.38
CA GLY D 268 18.47 18.57 36.47
C GLY D 268 17.37 18.52 35.41
N TYR D 269 16.79 17.33 35.22
CA TYR D 269 15.84 17.05 34.17
CA TYR D 269 15.90 17.11 34.09
C TYR D 269 14.71 18.07 34.17
N LEU D 270 14.06 18.20 35.34
CA LEU D 270 12.84 19.00 35.41
C LEU D 270 13.14 20.49 35.30
N ASP D 271 14.28 20.92 35.84
CA ASP D 271 14.74 22.30 35.66
C ASP D 271 15.03 22.60 34.20
N MET D 272 15.55 21.61 33.42
CA MET D 272 15.82 21.83 32.00
C MET D 272 14.51 21.94 31.24
N VAL D 273 13.52 21.13 31.64
CA VAL D 273 12.19 21.19 31.05
C VAL D 273 11.61 22.58 31.29
N MET D 274 11.79 23.09 32.50
CA MET D 274 11.24 24.37 32.91
C MET D 274 11.92 25.48 32.07
N LEU D 275 13.23 25.42 31.89
CA LEU D 275 13.94 26.37 31.01
C LEU D 275 13.45 26.29 29.57
N GLU D 276 13.29 25.08 29.03
CA GLU D 276 12.94 24.87 27.63
C GLU D 276 11.56 25.45 27.34
N LYS D 277 10.57 25.07 28.16
CA LYS D 277 9.19 25.38 27.88
C LYS D 277 8.90 26.88 28.10
N ASN D 278 9.66 27.52 28.99
CA ASN D 278 9.45 28.91 29.30
C ASN D 278 10.35 29.86 28.48
N ALA D 279 11.20 29.32 27.58
CA ALA D 279 12.08 30.17 26.79
C ALA D 279 11.27 30.87 25.70
N ARG D 280 11.78 32.04 25.29
CA ARG D 280 11.24 32.71 24.13
C ARG D 280 11.69 32.01 22.85
N LEU D 281 12.89 31.45 22.92
CA LEU D 281 13.52 30.78 21.80
C LEU D 281 14.62 29.86 22.34
N ILE D 282 14.84 28.75 21.64
CA ILE D 282 15.89 27.82 21.95
C ILE D 282 16.89 27.79 20.80
N VAL D 283 18.18 27.98 21.16
CA VAL D 283 19.29 27.92 20.23
C VAL D 283 20.07 26.66 20.58
N THR D 284 20.21 25.72 19.64
CA THR D 284 20.78 24.42 19.96
C THR D 284 21.48 23.81 18.75
N ASP D 285 22.37 22.86 19.02
CA ASP D 285 22.83 21.91 18.01
C ASP D 285 22.41 20.48 18.37
N SER D 286 21.51 20.33 19.35
CA SER D 286 21.12 18.99 19.79
C SER D 286 19.83 18.59 19.07
N GLY D 287 19.83 17.36 18.49
CA GLY D 287 18.66 16.79 17.84
C GLY D 287 17.46 16.69 18.78
N GLY D 288 17.69 16.17 19.98
CA GLY D 288 16.64 16.02 20.97
C GLY D 288 16.03 17.36 21.40
N VAL D 289 16.88 18.39 21.60
CA VAL D 289 16.37 19.65 22.12
C VAL D 289 15.49 20.30 21.05
N GLN D 290 15.84 20.09 19.77
CA GLN D 290 15.06 20.64 18.67
C GLN D 290 13.62 20.11 18.74
N LYS D 291 13.50 18.83 19.04
CA LYS D 291 12.18 18.23 19.15
C LYS D 291 11.45 18.78 20.38
N GLU D 292 12.15 18.90 21.52
CA GLU D 292 11.53 19.43 22.73
C GLU D 292 11.01 20.85 22.49
N ALA D 293 11.78 21.65 21.73
CA ALA D 293 11.34 23.01 21.43
C ALA D 293 9.98 22.95 20.75
N TYR D 294 9.84 22.06 19.77
CA TYR D 294 8.58 21.93 19.08
C TYR D 294 7.45 21.43 20.00
N PHE D 295 7.76 20.46 20.85
CA PHE D 295 6.78 19.93 21.79
C PHE D 295 6.17 21.04 22.63
N TYR D 296 6.99 22.02 23.05
CA TYR D 296 6.52 23.11 23.90
C TYR D 296 6.18 24.37 23.11
N ARG D 297 6.20 24.27 21.78
CA ARG D 297 5.86 25.32 20.83
C ARG D 297 6.73 26.55 21.09
N VAL D 298 8.02 26.31 21.26
CA VAL D 298 9.03 27.36 21.40
C VAL D 298 9.81 27.41 20.09
N PRO D 299 9.96 28.57 19.41
CA PRO D 299 10.76 28.63 18.18
C PRO D 299 12.21 28.20 18.47
N CYS D 300 12.82 27.55 17.47
CA CYS D 300 14.13 26.98 17.64
C CYS D 300 15.05 27.48 16.53
N VAL D 301 16.31 27.75 16.88
CA VAL D 301 17.35 27.99 15.90
C VAL D 301 18.39 26.89 16.10
N THR D 302 18.69 26.14 15.03
CA THR D 302 19.63 25.04 15.03
C THR D 302 20.94 25.50 14.38
N VAL D 303 22.01 25.43 15.15
CA VAL D 303 23.31 25.86 14.71
C VAL D 303 24.03 24.66 14.10
N ARG D 304 23.55 24.27 12.93
CA ARG D 304 24.10 23.17 12.17
C ARG D 304 23.81 23.44 10.70
N GLU D 305 24.43 22.67 9.79
CA GLU D 305 24.11 22.84 8.39
C GLU D 305 23.00 21.86 8.00
N GLU D 306 22.63 20.98 8.94
CA GLU D 306 21.54 20.05 8.70
C GLU D 306 20.89 19.57 9.99
N THR D 307 19.65 19.07 9.85
CA THR D 307 18.90 18.46 10.94
C THR D 307 18.20 17.20 10.44
N GLU D 308 18.02 16.23 11.34
CA GLU D 308 17.11 15.12 11.16
C GLU D 308 15.68 15.56 10.88
N TRP D 309 15.24 16.64 11.56
CA TRP D 309 13.82 16.94 11.67
C TRP D 309 13.42 17.97 10.62
N VAL D 310 13.51 17.59 9.33
CA VAL D 310 13.28 18.51 8.23
C VAL D 310 11.84 19.06 8.29
N GLU D 311 10.91 18.26 8.82
CA GLU D 311 9.52 18.68 8.95
C GLU D 311 9.39 19.87 9.91
N LEU D 312 10.29 20.04 10.89
CA LEU D 312 10.22 21.20 11.77
C LEU D 312 10.72 22.44 11.02
N LEU D 313 11.68 22.27 10.09
CA LEU D 313 12.09 23.38 9.23
C LEU D 313 10.92 23.80 8.33
N LYS D 314 10.20 22.80 7.79
CA LYS D 314 9.18 23.03 6.78
C LYS D 314 8.01 23.78 7.41
N ALA D 315 7.68 23.44 8.65
CA ALA D 315 6.59 24.08 9.36
C ALA D 315 7.06 25.37 10.05
N GLU D 316 8.32 25.77 9.84
CA GLU D 316 8.87 27.02 10.34
C GLU D 316 8.89 27.09 11.87
N TRP D 317 8.93 25.95 12.55
CA TRP D 317 9.21 25.90 13.98
C TRP D 317 10.71 25.94 14.31
N ASN D 318 11.53 25.60 13.32
CA ASN D 318 12.99 25.49 13.44
C ASN D 318 13.63 26.13 12.21
N TYR D 319 14.87 26.59 12.37
CA TYR D 319 15.60 27.37 11.39
C TYR D 319 17.10 27.08 11.52
N LEU D 320 17.72 26.61 10.42
CA LEU D 320 19.15 26.36 10.38
C LEU D 320 19.91 27.68 10.28
N ALA D 321 20.89 27.82 11.16
CA ALA D 321 21.82 28.93 11.11
C ALA D 321 23.24 28.37 11.26
N ALA D 322 24.00 28.39 10.18
CA ALA D 322 25.43 28.13 10.23
C ALA D 322 26.17 29.26 10.95
N PRO D 323 27.09 28.94 11.87
CA PRO D 323 27.87 29.96 12.57
C PRO D 323 29.09 30.50 11.83
N GLN D 324 28.87 31.38 10.87
CA GLN D 324 29.95 31.94 10.08
C GLN D 324 30.23 33.40 10.43
N ASN D 325 29.22 34.12 10.94
CA ASN D 325 29.40 35.52 11.27
C ASN D 325 28.59 35.77 12.53
N ALA D 326 29.23 36.30 13.57
CA ALA D 326 28.57 36.47 14.87
C ALA D 326 27.40 37.45 14.80
N LYS D 327 27.57 38.58 14.09
CA LYS D 327 26.48 39.54 14.05
C LYS D 327 25.28 38.96 13.32
N ASP D 328 25.50 38.21 12.22
CA ASP D 328 24.41 37.62 11.48
C ASP D 328 23.65 36.59 12.34
N LEU D 329 24.40 35.81 13.12
CA LEU D 329 23.77 34.79 13.94
C LEU D 329 22.95 35.46 15.05
N ALA D 330 23.52 36.47 15.71
CA ALA D 330 22.84 37.24 16.74
C ALA D 330 21.54 37.82 16.24
N LEU D 331 21.60 38.48 15.07
CA LEU D 331 20.42 39.02 14.46
C LEU D 331 19.41 37.95 14.06
N THR D 332 19.89 36.78 13.64
CA THR D 332 18.99 35.69 13.24
C THR D 332 18.19 35.24 14.46
N ILE D 333 18.90 35.07 15.57
CA ILE D 333 18.29 34.67 16.83
C ILE D 333 17.23 35.67 17.24
N LEU D 334 17.58 36.97 17.28
CA LEU D 334 16.64 38.05 17.64
C LEU D 334 15.45 38.11 16.69
N HIS D 335 15.63 37.83 15.40
CA HIS D 335 14.48 37.78 14.49
C HIS D 335 13.60 36.54 14.77
N ARG D 336 14.22 35.35 14.90
CA ARG D 336 13.44 34.11 14.98
C ARG D 336 12.72 33.98 16.33
N MET D 337 13.19 34.68 17.37
CA MET D 337 12.52 34.67 18.66
C MET D 337 11.15 35.36 18.61
N ARG D 338 10.88 36.13 17.56
CA ARG D 338 9.58 36.76 17.43
C ARG D 338 8.78 36.07 16.34
N THR D 339 9.10 34.80 16.04
CA THR D 339 8.40 34.02 15.03
C THR D 339 7.80 32.81 15.70
N LYS D 340 6.99 32.11 14.93
CA LYS D 340 6.48 30.83 15.34
C LYS D 340 6.30 30.02 14.08
N GLY D 341 6.03 28.73 14.26
CA GLY D 341 5.73 27.87 13.15
C GLY D 341 4.22 27.84 12.91
N VAL D 342 3.84 27.18 11.81
CA VAL D 342 2.41 27.05 11.54
C VAL D 342 1.84 26.05 12.53
N GLU D 343 0.53 26.20 12.79
CA GLU D 343 -0.19 25.33 13.68
C GLU D 343 -0.24 23.97 13.01
N ILE D 344 0.25 22.95 13.70
CA ILE D 344 0.32 21.62 13.11
C ILE D 344 0.76 20.69 14.23
N ASP D 345 0.17 19.48 14.30
CA ASP D 345 0.65 18.42 15.18
C ASP D 345 1.35 17.36 14.34
N LEU D 346 2.67 17.24 14.54
CA LEU D 346 3.52 16.39 13.71
C LEU D 346 3.79 15.03 14.37
N TYR D 347 3.65 14.94 15.69
CA TYR D 347 4.11 13.79 16.44
C TYR D 347 3.04 13.27 17.37
N GLY D 348 1.77 13.43 16.98
CA GLY D 348 0.66 12.93 17.77
C GLY D 348 0.09 13.99 18.72
N ASP D 349 -0.93 13.62 19.47
CA ASP D 349 -1.68 14.58 20.30
C ASP D 349 -1.27 14.51 21.77
N GLY D 350 -0.22 13.76 22.10
CA GLY D 350 0.26 13.68 23.48
C GLY D 350 -0.43 12.55 24.26
N ARG D 351 -1.27 11.78 23.58
CA ARG D 351 -1.97 10.67 24.17
C ARG D 351 -1.66 9.40 23.37
N ALA D 352 -0.42 9.30 22.89
CA ALA D 352 0.03 8.08 22.20
C ALA D 352 -0.13 6.87 23.13
N SER D 353 0.20 7.05 24.41
CA SER D 353 0.10 5.99 25.40
C SER D 353 -1.32 5.42 25.49
N GLN D 354 -2.36 6.28 25.48
CA GLN D 354 -3.73 5.82 25.56
C GLN D 354 -4.06 4.98 24.33
N LYS D 355 -3.52 5.37 23.19
CA LYS D 355 -3.83 4.67 21.96
C LYS D 355 -3.17 3.31 21.98
N ILE D 356 -1.92 3.26 22.42
CA ILE D 356 -1.22 2.00 22.55
C ILE D 356 -2.00 1.07 23.47
N SER D 357 -2.37 1.58 24.66
CA SER D 357 -3.06 0.80 25.66
C SER D 357 -4.37 0.22 25.12
N ASP D 358 -5.11 1.03 24.36
CA ASP D 358 -6.39 0.64 23.80
CA ASP D 358 -6.40 0.62 23.83
C ASP D 358 -6.21 -0.47 22.77
N PHE D 359 -5.20 -0.33 21.91
CA PHE D 359 -4.99 -1.32 20.87
C PHE D 359 -4.62 -2.64 21.53
N LEU D 360 -3.88 -2.60 22.63
CA LEU D 360 -3.52 -3.82 23.33
C LEU D 360 -4.78 -4.58 23.75
N ARG D 361 -5.56 -3.99 24.66
CA ARG D 361 -6.73 -4.64 25.24
C ARG D 361 -7.61 -5.21 24.11
N LYS D 362 -7.99 -4.35 23.17
CA LYS D 362 -8.80 -4.71 22.02
C LYS D 362 -8.48 -6.13 21.52
#